data_3BOC
# 
_entry.id   3BOC 
# 
_audit_conform.dict_name       mmcif_pdbx.dic 
_audit_conform.dict_version    5.387 
_audit_conform.dict_location   http://mmcif.pdb.org/dictionaries/ascii/mmcif_pdbx.dic 
# 
loop_
_database_2.database_id 
_database_2.database_code 
_database_2.pdbx_database_accession 
_database_2.pdbx_DOI 
PDB   3BOC         pdb_00003boc 10.2210/pdb3boc/pdb 
RCSB  RCSB045764   ?            ?                   
WWPDB D_1000045764 ?            ?                   
# 
loop_
_pdbx_audit_revision_history.ordinal 
_pdbx_audit_revision_history.data_content_type 
_pdbx_audit_revision_history.major_revision 
_pdbx_audit_revision_history.minor_revision 
_pdbx_audit_revision_history.revision_date 
1 'Structure model' 1 0 2008-01-22 
2 'Structure model' 1 1 2011-07-13 
3 'Structure model' 1 2 2024-02-21 
# 
_pdbx_audit_revision_details.ordinal             1 
_pdbx_audit_revision_details.revision_ordinal    1 
_pdbx_audit_revision_details.data_content_type   'Structure model' 
_pdbx_audit_revision_details.provider            repository 
_pdbx_audit_revision_details.type                'Initial release' 
_pdbx_audit_revision_details.description         ? 
_pdbx_audit_revision_details.details             ? 
# 
loop_
_pdbx_audit_revision_group.ordinal 
_pdbx_audit_revision_group.revision_ordinal 
_pdbx_audit_revision_group.data_content_type 
_pdbx_audit_revision_group.group 
1 2 'Structure model' 'Version format compliance' 
2 3 'Structure model' 'Data collection'           
3 3 'Structure model' 'Database references'       
4 3 'Structure model' 'Derived calculations'      
# 
loop_
_pdbx_audit_revision_category.ordinal 
_pdbx_audit_revision_category.revision_ordinal 
_pdbx_audit_revision_category.data_content_type 
_pdbx_audit_revision_category.category 
1 3 'Structure model' chem_comp_atom 
2 3 'Structure model' chem_comp_bond 
3 3 'Structure model' database_2     
4 3 'Structure model' struct_site    
# 
loop_
_pdbx_audit_revision_item.ordinal 
_pdbx_audit_revision_item.revision_ordinal 
_pdbx_audit_revision_item.data_content_type 
_pdbx_audit_revision_item.item 
1 3 'Structure model' '_database_2.pdbx_DOI'                
2 3 'Structure model' '_database_2.pdbx_database_accession' 
3 3 'Structure model' '_struct_site.pdbx_auth_asym_id'      
4 3 'Structure model' '_struct_site.pdbx_auth_comp_id'      
5 3 'Structure model' '_struct_site.pdbx_auth_seq_id'       
# 
_pdbx_database_status.status_code                     REL 
_pdbx_database_status.entry_id                        3BOC 
_pdbx_database_status.recvd_initial_deposition_date   2007-12-17 
_pdbx_database_status.deposit_site                    RCSB 
_pdbx_database_status.process_site                    RCSB 
_pdbx_database_status.status_code_sf                  REL 
_pdbx_database_status.status_code_mr                  ? 
_pdbx_database_status.SG_entry                        ? 
_pdbx_database_status.pdb_format_compatible           Y 
_pdbx_database_status.status_code_cs                  ? 
_pdbx_database_status.status_code_nmr_data            ? 
_pdbx_database_status.methods_development_category    ? 
# 
_pdbx_database_related.db_name        PDB 
_pdbx_database_related.db_id          3BOB 
_pdbx_database_related.details        . 
_pdbx_database_related.content_type   unspecified 
# 
loop_
_audit_author.name 
_audit_author.pdbx_ordinal 
'Xu, Y.'        1 
'Feng, L.'      2 
'Jeffrey, P.D.' 3 
'Shi, Y.'       4 
'Morel, F.M.M.' 5 
# 
_citation.id                        primary 
_citation.title                     'Structure and metal exchange in the cadmium carbonic anhydrase of marine diatoms.' 
_citation.journal_abbrev            Nature 
_citation.journal_volume            452 
_citation.page_first                56 
_citation.page_last                 61 
_citation.year                      2008 
_citation.journal_id_ASTM           NATUAS 
_citation.country                   UK 
_citation.journal_id_ISSN           0028-0836 
_citation.journal_id_CSD            0006 
_citation.book_publisher            ? 
_citation.pdbx_database_id_PubMed   18322527 
_citation.pdbx_database_id_DOI      10.1038/nature06636 
# 
loop_
_citation_author.citation_id 
_citation_author.name 
_citation_author.ordinal 
_citation_author.identifier_ORCID 
primary 'Xu, Y.'        1 ? 
primary 'Feng, L.'      2 ? 
primary 'Jeffrey, P.D.' 3 ? 
primary 'Shi, Y.'       4 ? 
primary 'Morel, F.M.'   5 ? 
# 
loop_
_entity.id 
_entity.type 
_entity.src_method 
_entity.pdbx_description 
_entity.formula_weight 
_entity.pdbx_number_of_molecules 
_entity.pdbx_ec 
_entity.pdbx_mutation 
_entity.pdbx_fragment 
_entity.details 
1 polymer     man 'Cadmium-specific carbonic anhydrase' 22432.449 1   4.2.1.1 ? 'Domain 2, CDCA1-R2' ? 
2 non-polymer syn 'ZINC ION'                            65.409    1   ?       ? ?                    ? 
3 water       nat water                                 18.015    127 ?       ? ?                    ? 
# 
_entity_poly.entity_id                      1 
_entity_poly.type                           'polypeptide(L)' 
_entity_poly.nstd_linkage                   no 
_entity_poly.nstd_monomer                   no 
_entity_poly.pdbx_seq_one_letter_code       
;SISPAQIAEALQGRGWDAEIVTDASMAGQLVDVRPEGILKCVDGRGSDNTRMGGPKMPGGIYAIAHNRGVTSIEGLKQIT
KEVASKGHLPSVHGDHSSDMLGCGFFKLWVTGRFDDMGYPRPQFDADQGANAVKDAGGIIEMHHGSHTEKVVYINLLANK
TLEPNENDQRFIVDGWAADKFGLDVPKFLIAAAATVEMLGGPKNAKIVVP
;
_entity_poly.pdbx_seq_one_letter_code_can   
;SISPAQIAEALQGRGWDAEIVTDASMAGQLVDVRPEGILKCVDGRGSDNTRMGGPKMPGGIYAIAHNRGVTSIEGLKQIT
KEVASKGHLPSVHGDHSSDMLGCGFFKLWVTGRFDDMGYPRPQFDADQGANAVKDAGGIIEMHHGSHTEKVVYINLLANK
TLEPNENDQRFIVDGWAADKFGLDVPKFLIAAAATVEMLGGPKNAKIVVP
;
_entity_poly.pdbx_strand_id                 A 
_entity_poly.pdbx_target_identifier         ? 
# 
loop_
_pdbx_entity_nonpoly.entity_id 
_pdbx_entity_nonpoly.name 
_pdbx_entity_nonpoly.comp_id 
2 'ZINC ION' ZN  
3 water      HOH 
# 
loop_
_entity_poly_seq.entity_id 
_entity_poly_seq.num 
_entity_poly_seq.mon_id 
_entity_poly_seq.hetero 
1 1   SER n 
1 2   ILE n 
1 3   SER n 
1 4   PRO n 
1 5   ALA n 
1 6   GLN n 
1 7   ILE n 
1 8   ALA n 
1 9   GLU n 
1 10  ALA n 
1 11  LEU n 
1 12  GLN n 
1 13  GLY n 
1 14  ARG n 
1 15  GLY n 
1 16  TRP n 
1 17  ASP n 
1 18  ALA n 
1 19  GLU n 
1 20  ILE n 
1 21  VAL n 
1 22  THR n 
1 23  ASP n 
1 24  ALA n 
1 25  SER n 
1 26  MET n 
1 27  ALA n 
1 28  GLY n 
1 29  GLN n 
1 30  LEU n 
1 31  VAL n 
1 32  ASP n 
1 33  VAL n 
1 34  ARG n 
1 35  PRO n 
1 36  GLU n 
1 37  GLY n 
1 38  ILE n 
1 39  LEU n 
1 40  LYS n 
1 41  CYS n 
1 42  VAL n 
1 43  ASP n 
1 44  GLY n 
1 45  ARG n 
1 46  GLY n 
1 47  SER n 
1 48  ASP n 
1 49  ASN n 
1 50  THR n 
1 51  ARG n 
1 52  MET n 
1 53  GLY n 
1 54  GLY n 
1 55  PRO n 
1 56  LYS n 
1 57  MET n 
1 58  PRO n 
1 59  GLY n 
1 60  GLY n 
1 61  ILE n 
1 62  TYR n 
1 63  ALA n 
1 64  ILE n 
1 65  ALA n 
1 66  HIS n 
1 67  ASN n 
1 68  ARG n 
1 69  GLY n 
1 70  VAL n 
1 71  THR n 
1 72  SER n 
1 73  ILE n 
1 74  GLU n 
1 75  GLY n 
1 76  LEU n 
1 77  LYS n 
1 78  GLN n 
1 79  ILE n 
1 80  THR n 
1 81  LYS n 
1 82  GLU n 
1 83  VAL n 
1 84  ALA n 
1 85  SER n 
1 86  LYS n 
1 87  GLY n 
1 88  HIS n 
1 89  LEU n 
1 90  PRO n 
1 91  SER n 
1 92  VAL n 
1 93  HIS n 
1 94  GLY n 
1 95  ASP n 
1 96  HIS n 
1 97  SER n 
1 98  SER n 
1 99  ASP n 
1 100 MET n 
1 101 LEU n 
1 102 GLY n 
1 103 CYS n 
1 104 GLY n 
1 105 PHE n 
1 106 PHE n 
1 107 LYS n 
1 108 LEU n 
1 109 TRP n 
1 110 VAL n 
1 111 THR n 
1 112 GLY n 
1 113 ARG n 
1 114 PHE n 
1 115 ASP n 
1 116 ASP n 
1 117 MET n 
1 118 GLY n 
1 119 TYR n 
1 120 PRO n 
1 121 ARG n 
1 122 PRO n 
1 123 GLN n 
1 124 PHE n 
1 125 ASP n 
1 126 ALA n 
1 127 ASP n 
1 128 GLN n 
1 129 GLY n 
1 130 ALA n 
1 131 ASN n 
1 132 ALA n 
1 133 VAL n 
1 134 LYS n 
1 135 ASP n 
1 136 ALA n 
1 137 GLY n 
1 138 GLY n 
1 139 ILE n 
1 140 ILE n 
1 141 GLU n 
1 142 MET n 
1 143 HIS n 
1 144 HIS n 
1 145 GLY n 
1 146 SER n 
1 147 HIS n 
1 148 THR n 
1 149 GLU n 
1 150 LYS n 
1 151 VAL n 
1 152 VAL n 
1 153 TYR n 
1 154 ILE n 
1 155 ASN n 
1 156 LEU n 
1 157 LEU n 
1 158 ALA n 
1 159 ASN n 
1 160 LYS n 
1 161 THR n 
1 162 LEU n 
1 163 GLU n 
1 164 PRO n 
1 165 ASN n 
1 166 GLU n 
1 167 ASN n 
1 168 ASP n 
1 169 GLN n 
1 170 ARG n 
1 171 PHE n 
1 172 ILE n 
1 173 VAL n 
1 174 ASP n 
1 175 GLY n 
1 176 TRP n 
1 177 ALA n 
1 178 ALA n 
1 179 ASP n 
1 180 LYS n 
1 181 PHE n 
1 182 GLY n 
1 183 LEU n 
1 184 ASP n 
1 185 VAL n 
1 186 PRO n 
1 187 LYS n 
1 188 PHE n 
1 189 LEU n 
1 190 ILE n 
1 191 ALA n 
1 192 ALA n 
1 193 ALA n 
1 194 ALA n 
1 195 THR n 
1 196 VAL n 
1 197 GLU n 
1 198 MET n 
1 199 LEU n 
1 200 GLY n 
1 201 GLY n 
1 202 PRO n 
1 203 LYS n 
1 204 ASN n 
1 205 ALA n 
1 206 LYS n 
1 207 ILE n 
1 208 VAL n 
1 209 VAL n 
1 210 PRO n 
# 
_entity_src_gen.entity_id                          1 
_entity_src_gen.pdbx_src_id                        1 
_entity_src_gen.pdbx_alt_source_flag               sample 
_entity_src_gen.pdbx_seq_type                      ? 
_entity_src_gen.pdbx_beg_seq_num                   ? 
_entity_src_gen.pdbx_end_seq_num                   ? 
_entity_src_gen.gene_src_common_name               ? 
_entity_src_gen.gene_src_genus                     Thalassiosira 
_entity_src_gen.pdbx_gene_src_gene                 cdca1 
_entity_src_gen.gene_src_species                   ? 
_entity_src_gen.gene_src_strain                    ? 
_entity_src_gen.gene_src_tissue                    ? 
_entity_src_gen.gene_src_tissue_fraction           ? 
_entity_src_gen.gene_src_details                   ? 
_entity_src_gen.pdbx_gene_src_fragment             ? 
_entity_src_gen.pdbx_gene_src_scientific_name      'Thalassiosira weissflogii' 
_entity_src_gen.pdbx_gene_src_ncbi_taxonomy_id     67004 
_entity_src_gen.pdbx_gene_src_variant              ? 
_entity_src_gen.pdbx_gene_src_cell_line            ? 
_entity_src_gen.pdbx_gene_src_atcc                 ? 
_entity_src_gen.pdbx_gene_src_organ                ? 
_entity_src_gen.pdbx_gene_src_organelle            ? 
_entity_src_gen.pdbx_gene_src_cell                 ? 
_entity_src_gen.pdbx_gene_src_cellular_location    ? 
_entity_src_gen.host_org_common_name               ? 
_entity_src_gen.pdbx_host_org_scientific_name      'Escherichia coli' 
_entity_src_gen.pdbx_host_org_ncbi_taxonomy_id     562 
_entity_src_gen.host_org_genus                     Escherichia 
_entity_src_gen.pdbx_host_org_gene                 ? 
_entity_src_gen.pdbx_host_org_organ                ? 
_entity_src_gen.host_org_species                   ? 
_entity_src_gen.pdbx_host_org_tissue               ? 
_entity_src_gen.pdbx_host_org_tissue_fraction      ? 
_entity_src_gen.pdbx_host_org_strain               ? 
_entity_src_gen.pdbx_host_org_variant              ? 
_entity_src_gen.pdbx_host_org_cell_line            ? 
_entity_src_gen.pdbx_host_org_atcc                 ? 
_entity_src_gen.pdbx_host_org_culture_collection   ? 
_entity_src_gen.pdbx_host_org_cell                 ? 
_entity_src_gen.pdbx_host_org_organelle            ? 
_entity_src_gen.pdbx_host_org_cellular_location    ? 
_entity_src_gen.pdbx_host_org_vector_type          ? 
_entity_src_gen.pdbx_host_org_vector               ? 
_entity_src_gen.host_org_details                   ? 
_entity_src_gen.expression_system_id               ? 
_entity_src_gen.plasmid_name                       ? 
_entity_src_gen.plasmid_details                    ? 
_entity_src_gen.pdbx_description                   ? 
# 
loop_
_chem_comp.id 
_chem_comp.type 
_chem_comp.mon_nstd_flag 
_chem_comp.name 
_chem_comp.pdbx_synonyms 
_chem_comp.formula 
_chem_comp.formula_weight 
ALA 'L-peptide linking' y ALANINE         ? 'C3 H7 N O2'     89.093  
ARG 'L-peptide linking' y ARGININE        ? 'C6 H15 N4 O2 1' 175.209 
ASN 'L-peptide linking' y ASPARAGINE      ? 'C4 H8 N2 O3'    132.118 
ASP 'L-peptide linking' y 'ASPARTIC ACID' ? 'C4 H7 N O4'     133.103 
CYS 'L-peptide linking' y CYSTEINE        ? 'C3 H7 N O2 S'   121.158 
GLN 'L-peptide linking' y GLUTAMINE       ? 'C5 H10 N2 O3'   146.144 
GLU 'L-peptide linking' y 'GLUTAMIC ACID' ? 'C5 H9 N O4'     147.129 
GLY 'peptide linking'   y GLYCINE         ? 'C2 H5 N O2'     75.067  
HIS 'L-peptide linking' y HISTIDINE       ? 'C6 H10 N3 O2 1' 156.162 
HOH non-polymer         . WATER           ? 'H2 O'           18.015  
ILE 'L-peptide linking' y ISOLEUCINE      ? 'C6 H13 N O2'    131.173 
LEU 'L-peptide linking' y LEUCINE         ? 'C6 H13 N O2'    131.173 
LYS 'L-peptide linking' y LYSINE          ? 'C6 H15 N2 O2 1' 147.195 
MET 'L-peptide linking' y METHIONINE      ? 'C5 H11 N O2 S'  149.211 
PHE 'L-peptide linking' y PHENYLALANINE   ? 'C9 H11 N O2'    165.189 
PRO 'L-peptide linking' y PROLINE         ? 'C5 H9 N O2'     115.130 
SER 'L-peptide linking' y SERINE          ? 'C3 H7 N O3'     105.093 
THR 'L-peptide linking' y THREONINE       ? 'C4 H9 N O3'     119.119 
TRP 'L-peptide linking' y TRYPTOPHAN      ? 'C11 H12 N2 O2'  204.225 
TYR 'L-peptide linking' y TYROSINE        ? 'C9 H11 N O3'    181.189 
VAL 'L-peptide linking' y VALINE          ? 'C5 H11 N O2'    117.146 
ZN  non-polymer         . 'ZINC ION'      ? 'Zn 2'           65.409  
# 
loop_
_pdbx_poly_seq_scheme.asym_id 
_pdbx_poly_seq_scheme.entity_id 
_pdbx_poly_seq_scheme.seq_id 
_pdbx_poly_seq_scheme.mon_id 
_pdbx_poly_seq_scheme.ndb_seq_num 
_pdbx_poly_seq_scheme.pdb_seq_num 
_pdbx_poly_seq_scheme.auth_seq_num 
_pdbx_poly_seq_scheme.pdb_mon_id 
_pdbx_poly_seq_scheme.auth_mon_id 
_pdbx_poly_seq_scheme.pdb_strand_id 
_pdbx_poly_seq_scheme.pdb_ins_code 
_pdbx_poly_seq_scheme.hetero 
A 1 1   SER 1   223 ?   ?   ?   A . n 
A 1 2   ILE 2   224 224 ILE ILE A . n 
A 1 3   SER 3   225 225 SER SER A . n 
A 1 4   PRO 4   226 226 PRO PRO A . n 
A 1 5   ALA 5   227 227 ALA ALA A . n 
A 1 6   GLN 6   228 228 GLN GLN A . n 
A 1 7   ILE 7   229 229 ILE ILE A . n 
A 1 8   ALA 8   230 230 ALA ALA A . n 
A 1 9   GLU 9   231 231 GLU GLU A . n 
A 1 10  ALA 10  232 232 ALA ALA A . n 
A 1 11  LEU 11  233 233 LEU LEU A . n 
A 1 12  GLN 12  234 234 GLN GLN A . n 
A 1 13  GLY 13  235 235 GLY GLY A . n 
A 1 14  ARG 14  236 236 ARG ARG A . n 
A 1 15  GLY 15  237 237 GLY GLY A . n 
A 1 16  TRP 16  238 238 TRP TRP A . n 
A 1 17  ASP 17  239 239 ASP ASP A . n 
A 1 18  ALA 18  240 240 ALA ALA A . n 
A 1 19  GLU 19  241 241 GLU GLU A . n 
A 1 20  ILE 20  242 242 ILE ILE A . n 
A 1 21  VAL 21  243 243 VAL VAL A . n 
A 1 22  THR 22  244 244 THR THR A . n 
A 1 23  ASP 23  245 245 ASP ASP A . n 
A 1 24  ALA 24  246 246 ALA ALA A . n 
A 1 25  SER 25  247 247 SER SER A . n 
A 1 26  MET 26  248 248 MET MET A . n 
A 1 27  ALA 27  249 249 ALA ALA A . n 
A 1 28  GLY 28  250 250 GLY GLY A . n 
A 1 29  GLN 29  251 251 GLN GLN A . n 
A 1 30  LEU 30  252 252 LEU LEU A . n 
A 1 31  VAL 31  253 253 VAL VAL A . n 
A 1 32  ASP 32  254 254 ASP ASP A . n 
A 1 33  VAL 33  255 255 VAL VAL A . n 
A 1 34  ARG 34  256 256 ARG ARG A . n 
A 1 35  PRO 35  257 257 PRO PRO A . n 
A 1 36  GLU 36  258 258 GLU GLU A . n 
A 1 37  GLY 37  259 259 GLY GLY A . n 
A 1 38  ILE 38  260 260 ILE ILE A . n 
A 1 39  LEU 39  261 261 LEU LEU A . n 
A 1 40  LYS 40  262 262 LYS LYS A . n 
A 1 41  CYS 41  263 263 CYS CYS A . n 
A 1 42  VAL 42  264 264 VAL VAL A . n 
A 1 43  ASP 43  265 265 ASP ASP A . n 
A 1 44  GLY 44  266 266 GLY GLY A . n 
A 1 45  ARG 45  267 267 ARG ARG A . n 
A 1 46  GLY 46  268 268 GLY GLY A . n 
A 1 47  SER 47  269 269 SER SER A . n 
A 1 48  ASP 48  270 270 ASP ASP A . n 
A 1 49  ASN 49  271 271 ASN ASN A . n 
A 1 50  THR 50  272 272 THR THR A . n 
A 1 51  ARG 51  273 273 ARG ARG A . n 
A 1 52  MET 52  274 274 MET MET A . n 
A 1 53  GLY 53  275 275 GLY GLY A . n 
A 1 54  GLY 54  276 276 GLY GLY A . n 
A 1 55  PRO 55  277 277 PRO PRO A . n 
A 1 56  LYS 56  278 278 LYS LYS A . n 
A 1 57  MET 57  279 279 MET MET A . n 
A 1 58  PRO 58  280 280 PRO PRO A . n 
A 1 59  GLY 59  281 281 GLY GLY A . n 
A 1 60  GLY 60  282 282 GLY GLY A . n 
A 1 61  ILE 61  283 283 ILE ILE A . n 
A 1 62  TYR 62  284 284 TYR TYR A . n 
A 1 63  ALA 63  285 285 ALA ALA A . n 
A 1 64  ILE 64  286 286 ILE ILE A . n 
A 1 65  ALA 65  287 287 ALA ALA A . n 
A 1 66  HIS 66  288 288 HIS HIS A . n 
A 1 67  ASN 67  289 289 ASN ASN A . n 
A 1 68  ARG 68  290 290 ARG ARG A . n 
A 1 69  GLY 69  291 291 GLY GLY A . n 
A 1 70  VAL 70  292 292 VAL VAL A . n 
A 1 71  THR 71  293 293 THR THR A . n 
A 1 72  SER 72  294 294 SER SER A . n 
A 1 73  ILE 73  295 295 ILE ILE A . n 
A 1 74  GLU 74  296 296 GLU GLU A . n 
A 1 75  GLY 75  297 297 GLY GLY A . n 
A 1 76  LEU 76  298 298 LEU LEU A . n 
A 1 77  LYS 77  299 299 LYS LYS A . n 
A 1 78  GLN 78  300 300 GLN GLN A . n 
A 1 79  ILE 79  301 301 ILE ILE A . n 
A 1 80  THR 80  302 302 THR THR A . n 
A 1 81  LYS 81  303 303 LYS LYS A . n 
A 1 82  GLU 82  304 304 GLU GLU A . n 
A 1 83  VAL 83  305 305 VAL VAL A . n 
A 1 84  ALA 84  306 306 ALA ALA A . n 
A 1 85  SER 85  307 307 SER SER A . n 
A 1 86  LYS 86  308 308 LYS LYS A . n 
A 1 87  GLY 87  309 309 GLY GLY A . n 
A 1 88  HIS 88  310 310 HIS HIS A . n 
A 1 89  LEU 89  311 311 LEU LEU A . n 
A 1 90  PRO 90  312 312 PRO PRO A . n 
A 1 91  SER 91  313 313 SER SER A . n 
A 1 92  VAL 92  314 314 VAL VAL A . n 
A 1 93  HIS 93  315 315 HIS HIS A . n 
A 1 94  GLY 94  316 316 GLY GLY A . n 
A 1 95  ASP 95  317 317 ASP ASP A . n 
A 1 96  HIS 96  318 318 HIS HIS A . n 
A 1 97  SER 97  319 319 SER SER A . n 
A 1 98  SER 98  320 320 SER SER A . n 
A 1 99  ASP 99  321 321 ASP ASP A . n 
A 1 100 MET 100 322 322 MET MET A . n 
A 1 101 LEU 101 323 323 LEU LEU A . n 
A 1 102 GLY 102 324 324 GLY GLY A . n 
A 1 103 CYS 103 325 325 CYS CYS A . n 
A 1 104 GLY 104 326 326 GLY GLY A . n 
A 1 105 PHE 105 327 327 PHE PHE A . n 
A 1 106 PHE 106 328 328 PHE PHE A . n 
A 1 107 LYS 107 329 329 LYS LYS A . n 
A 1 108 LEU 108 330 330 LEU LEU A . n 
A 1 109 TRP 109 331 331 TRP TRP A . n 
A 1 110 VAL 110 332 332 VAL VAL A . n 
A 1 111 THR 111 333 333 THR THR A . n 
A 1 112 GLY 112 334 334 GLY GLY A . n 
A 1 113 ARG 113 335 335 ARG ARG A . n 
A 1 114 PHE 114 336 336 PHE PHE A . n 
A 1 115 ASP 115 337 337 ASP ASP A . n 
A 1 116 ASP 116 338 338 ASP ASP A . n 
A 1 117 MET 117 339 339 MET MET A . n 
A 1 118 GLY 118 340 340 GLY GLY A . n 
A 1 119 TYR 119 341 341 TYR TYR A . n 
A 1 120 PRO 120 342 342 PRO PRO A . n 
A 1 121 ARG 121 343 343 ARG ARG A . n 
A 1 122 PRO 122 344 344 PRO PRO A . n 
A 1 123 GLN 123 345 345 GLN GLN A . n 
A 1 124 PHE 124 346 346 PHE PHE A . n 
A 1 125 ASP 125 347 347 ASP ASP A . n 
A 1 126 ALA 126 348 348 ALA ALA A . n 
A 1 127 ASP 127 349 349 ASP ASP A . n 
A 1 128 GLN 128 350 350 GLN GLN A . n 
A 1 129 GLY 129 351 351 GLY GLY A . n 
A 1 130 ALA 130 352 352 ALA ALA A . n 
A 1 131 ASN 131 353 353 ASN ASN A . n 
A 1 132 ALA 132 354 354 ALA ALA A . n 
A 1 133 VAL 133 355 355 VAL VAL A . n 
A 1 134 LYS 134 356 356 LYS LYS A . n 
A 1 135 ASP 135 357 357 ASP ASP A . n 
A 1 136 ALA 136 358 358 ALA ALA A . n 
A 1 137 GLY 137 359 359 GLY GLY A . n 
A 1 138 GLY 138 360 360 GLY GLY A . n 
A 1 139 ILE 139 361 361 ILE ILE A . n 
A 1 140 ILE 140 362 362 ILE ILE A . n 
A 1 141 GLU 141 363 363 GLU GLU A . n 
A 1 142 MET 142 364 364 MET MET A . n 
A 1 143 HIS 143 365 365 HIS HIS A . n 
A 1 144 HIS 144 366 366 HIS HIS A . n 
A 1 145 GLY 145 367 367 GLY GLY A . n 
A 1 146 SER 146 368 368 SER SER A . n 
A 1 147 HIS 147 369 369 HIS HIS A . n 
A 1 148 THR 148 370 370 THR THR A . n 
A 1 149 GLU 149 371 371 GLU GLU A . n 
A 1 150 LYS 150 372 372 LYS LYS A . n 
A 1 151 VAL 151 373 373 VAL VAL A . n 
A 1 152 VAL 152 374 374 VAL VAL A . n 
A 1 153 TYR 153 375 375 TYR TYR A . n 
A 1 154 ILE 154 376 376 ILE ILE A . n 
A 1 155 ASN 155 377 377 ASN ASN A . n 
A 1 156 LEU 156 378 378 LEU LEU A . n 
A 1 157 LEU 157 379 379 LEU LEU A . n 
A 1 158 ALA 158 380 380 ALA ALA A . n 
A 1 159 ASN 159 381 381 ASN ASN A . n 
A 1 160 LYS 160 382 382 LYS LYS A . n 
A 1 161 THR 161 383 383 THR THR A . n 
A 1 162 LEU 162 384 384 LEU LEU A . n 
A 1 163 GLU 163 385 385 GLU GLU A . n 
A 1 164 PRO 164 386 386 PRO PRO A . n 
A 1 165 ASN 165 387 387 ASN ASN A . n 
A 1 166 GLU 166 388 388 GLU GLU A . n 
A 1 167 ASN 167 389 389 ASN ASN A . n 
A 1 168 ASP 168 390 390 ASP ASP A . n 
A 1 169 GLN 169 391 391 GLN GLN A . n 
A 1 170 ARG 170 392 392 ARG ARG A . n 
A 1 171 PHE 171 393 393 PHE PHE A . n 
A 1 172 ILE 172 394 394 ILE ILE A . n 
A 1 173 VAL 173 395 395 VAL VAL A . n 
A 1 174 ASP 174 396 396 ASP ASP A . n 
A 1 175 GLY 175 397 397 GLY GLY A . n 
A 1 176 TRP 176 398 398 TRP TRP A . n 
A 1 177 ALA 177 399 399 ALA ALA A . n 
A 1 178 ALA 178 400 400 ALA ALA A . n 
A 1 179 ASP 179 401 401 ASP ASP A . n 
A 1 180 LYS 180 402 402 LYS LYS A . n 
A 1 181 PHE 181 403 403 PHE PHE A . n 
A 1 182 GLY 182 404 404 GLY GLY A . n 
A 1 183 LEU 183 405 405 LEU LEU A . n 
A 1 184 ASP 184 406 406 ASP ASP A . n 
A 1 185 VAL 185 407 407 VAL VAL A . n 
A 1 186 PRO 186 408 408 PRO PRO A . n 
A 1 187 LYS 187 409 409 LYS LYS A . n 
A 1 188 PHE 188 410 410 PHE PHE A . n 
A 1 189 LEU 189 411 411 LEU LEU A . n 
A 1 190 ILE 190 412 412 ILE ILE A . n 
A 1 191 ALA 191 413 413 ALA ALA A . n 
A 1 192 ALA 192 414 414 ALA ALA A . n 
A 1 193 ALA 193 415 415 ALA ALA A . n 
A 1 194 ALA 194 416 416 ALA ALA A . n 
A 1 195 THR 195 417 417 THR THR A . n 
A 1 196 VAL 196 418 418 VAL VAL A . n 
A 1 197 GLU 197 419 419 GLU GLU A . n 
A 1 198 MET 198 420 420 MET MET A . n 
A 1 199 LEU 199 421 421 LEU LEU A . n 
A 1 200 GLY 200 422 422 GLY GLY A . n 
A 1 201 GLY 201 423 423 GLY GLY A . n 
A 1 202 PRO 202 424 424 PRO PRO A . n 
A 1 203 LYS 203 425 425 LYS LYS A . n 
A 1 204 ASN 204 426 426 ASN ASN A . n 
A 1 205 ALA 205 427 427 ALA ALA A . n 
A 1 206 LYS 206 428 428 LYS LYS A . n 
A 1 207 ILE 207 429 429 ILE ILE A . n 
A 1 208 VAL 208 430 430 VAL VAL A . n 
A 1 209 VAL 209 431 431 VAL VAL A . n 
A 1 210 PRO 210 432 432 PRO PRO A . n 
# 
loop_
_pdbx_nonpoly_scheme.asym_id 
_pdbx_nonpoly_scheme.entity_id 
_pdbx_nonpoly_scheme.mon_id 
_pdbx_nonpoly_scheme.ndb_seq_num 
_pdbx_nonpoly_scheme.pdb_seq_num 
_pdbx_nonpoly_scheme.auth_seq_num 
_pdbx_nonpoly_scheme.pdb_mon_id 
_pdbx_nonpoly_scheme.auth_mon_id 
_pdbx_nonpoly_scheme.pdb_strand_id 
_pdbx_nonpoly_scheme.pdb_ins_code 
B 2 ZN  1   1001 1001 ZN  ZN  A . 
C 3 HOH 1   1002 1002 HOH HOH A . 
C 3 HOH 2   1003 1003 HOH HOH A . 
C 3 HOH 3   1004 1004 HOH HOH A . 
C 3 HOH 4   1005 1005 HOH HOH A . 
C 3 HOH 5   1006 1006 HOH HOH A . 
C 3 HOH 6   1007 1007 HOH HOH A . 
C 3 HOH 7   1008 1008 HOH HOH A . 
C 3 HOH 8   1009 1009 HOH HOH A . 
C 3 HOH 9   1010 1010 HOH HOH A . 
C 3 HOH 10  1011 1011 HOH HOH A . 
C 3 HOH 11  1012 1012 HOH HOH A . 
C 3 HOH 12  1013 1013 HOH HOH A . 
C 3 HOH 13  1014 1014 HOH HOH A . 
C 3 HOH 14  1015 1015 HOH HOH A . 
C 3 HOH 15  1016 1016 HOH HOH A . 
C 3 HOH 16  1017 1017 HOH HOH A . 
C 3 HOH 17  1018 1018 HOH HOH A . 
C 3 HOH 18  1019 1019 HOH HOH A . 
C 3 HOH 19  1020 1020 HOH HOH A . 
C 3 HOH 20  1021 1021 HOH HOH A . 
C 3 HOH 21  1022 1022 HOH HOH A . 
C 3 HOH 22  1023 1023 HOH HOH A . 
C 3 HOH 23  1024 1024 HOH HOH A . 
C 3 HOH 24  1025 1025 HOH HOH A . 
C 3 HOH 25  1026 1026 HOH HOH A . 
C 3 HOH 26  1027 1027 HOH HOH A . 
C 3 HOH 27  1028 1028 HOH HOH A . 
C 3 HOH 28  1029 1029 HOH HOH A . 
C 3 HOH 29  1030 1030 HOH HOH A . 
C 3 HOH 30  1031 1031 HOH HOH A . 
C 3 HOH 31  1032 1032 HOH HOH A . 
C 3 HOH 32  1033 1033 HOH HOH A . 
C 3 HOH 33  1034 1034 HOH HOH A . 
C 3 HOH 34  1035 1035 HOH HOH A . 
C 3 HOH 35  1036 1036 HOH HOH A . 
C 3 HOH 36  1037 1037 HOH HOH A . 
C 3 HOH 37  1038 1038 HOH HOH A . 
C 3 HOH 38  1039 1039 HOH HOH A . 
C 3 HOH 39  1040 1040 HOH HOH A . 
C 3 HOH 40  1041 1041 HOH HOH A . 
C 3 HOH 41  1042 1042 HOH HOH A . 
C 3 HOH 42  1043 1043 HOH HOH A . 
C 3 HOH 43  1044 1044 HOH HOH A . 
C 3 HOH 44  1045 1045 HOH HOH A . 
C 3 HOH 45  1046 1046 HOH HOH A . 
C 3 HOH 46  1047 1047 HOH HOH A . 
C 3 HOH 47  1048 1048 HOH HOH A . 
C 3 HOH 48  1049 1049 HOH HOH A . 
C 3 HOH 49  1050 1050 HOH HOH A . 
C 3 HOH 50  1051 1051 HOH HOH A . 
C 3 HOH 51  1052 1052 HOH HOH A . 
C 3 HOH 52  1053 1053 HOH HOH A . 
C 3 HOH 53  1054 1054 HOH HOH A . 
C 3 HOH 54  1055 1055 HOH HOH A . 
C 3 HOH 55  1056 1056 HOH HOH A . 
C 3 HOH 56  1057 1057 HOH HOH A . 
C 3 HOH 57  1058 1058 HOH HOH A . 
C 3 HOH 58  1059 1059 HOH HOH A . 
C 3 HOH 59  1060 1060 HOH HOH A . 
C 3 HOH 60  1061 1061 HOH HOH A . 
C 3 HOH 61  1062 1062 HOH HOH A . 
C 3 HOH 62  1063 1063 HOH HOH A . 
C 3 HOH 63  1064 1064 HOH HOH A . 
C 3 HOH 64  1065 1065 HOH HOH A . 
C 3 HOH 65  1066 1066 HOH HOH A . 
C 3 HOH 66  1067 1067 HOH HOH A . 
C 3 HOH 67  1068 1068 HOH HOH A . 
C 3 HOH 68  1069 1069 HOH HOH A . 
C 3 HOH 69  1070 1070 HOH HOH A . 
C 3 HOH 70  1071 1071 HOH HOH A . 
C 3 HOH 71  1072 1072 HOH HOH A . 
C 3 HOH 72  1073 1073 HOH HOH A . 
C 3 HOH 73  1074 1074 HOH HOH A . 
C 3 HOH 74  1075 1075 HOH HOH A . 
C 3 HOH 75  1076 1076 HOH HOH A . 
C 3 HOH 76  1077 1077 HOH HOH A . 
C 3 HOH 77  1078 1078 HOH HOH A . 
C 3 HOH 78  1079 1079 HOH HOH A . 
C 3 HOH 79  1080 1080 HOH HOH A . 
C 3 HOH 80  1081 1081 HOH HOH A . 
C 3 HOH 81  1082 1082 HOH HOH A . 
C 3 HOH 82  1083 1083 HOH HOH A . 
C 3 HOH 83  1084 1084 HOH HOH A . 
C 3 HOH 84  1085 1085 HOH HOH A . 
C 3 HOH 85  1086 1086 HOH HOH A . 
C 3 HOH 86  1087 1087 HOH HOH A . 
C 3 HOH 87  1088 1088 HOH HOH A . 
C 3 HOH 88  1089 1089 HOH HOH A . 
C 3 HOH 89  1090 1090 HOH HOH A . 
C 3 HOH 90  1091 1091 HOH HOH A . 
C 3 HOH 91  1092 1092 HOH HOH A . 
C 3 HOH 92  1093 1093 HOH HOH A . 
C 3 HOH 93  1094 1094 HOH HOH A . 
C 3 HOH 94  1095 1095 HOH HOH A . 
C 3 HOH 95  1096 1096 HOH HOH A . 
C 3 HOH 96  1097 1097 HOH HOH A . 
C 3 HOH 97  1098 1098 HOH HOH A . 
C 3 HOH 98  1099 1099 HOH HOH A . 
C 3 HOH 99  1100 1100 HOH HOH A . 
C 3 HOH 100 1101 1101 HOH HOH A . 
C 3 HOH 101 1102 1102 HOH HOH A . 
C 3 HOH 102 1103 1103 HOH HOH A . 
C 3 HOH 103 1104 1104 HOH HOH A . 
C 3 HOH 104 1105 1105 HOH HOH A . 
C 3 HOH 105 1106 1106 HOH HOH A . 
C 3 HOH 106 1107 1107 HOH HOH A . 
C 3 HOH 107 1108 1108 HOH HOH A . 
C 3 HOH 108 1109 1109 HOH HOH A . 
C 3 HOH 109 1110 1110 HOH HOH A . 
C 3 HOH 110 1111 1111 HOH HOH A . 
C 3 HOH 111 1112 1112 HOH HOH A . 
C 3 HOH 112 1113 1113 HOH HOH A . 
C 3 HOH 113 1114 1114 HOH HOH A . 
C 3 HOH 114 1115 1115 HOH HOH A . 
C 3 HOH 115 1116 1116 HOH HOH A . 
C 3 HOH 116 1117 1117 HOH HOH A . 
C 3 HOH 117 1118 1118 HOH HOH A . 
C 3 HOH 118 1119 1119 HOH HOH A . 
C 3 HOH 119 1120 1120 HOH HOH A . 
C 3 HOH 120 1121 1121 HOH HOH A . 
C 3 HOH 121 1122 1122 HOH HOH A . 
C 3 HOH 122 1123 1123 HOH HOH A . 
C 3 HOH 123 1124 1124 HOH HOH A . 
C 3 HOH 124 1125 1125 HOH HOH A . 
C 3 HOH 125 1126 1126 HOH HOH A . 
C 3 HOH 126 1127 1127 HOH HOH A . 
C 3 HOH 127 1128 1128 HOH HOH A . 
# 
loop_
_software.name 
_software.classification 
_software.version 
_software.citation_id 
_software.pdbx_ordinal 
CNS          refinement        1.1 ? 1 
CrystalClear 'data collection' .   ? 2 
DENZO        'data reduction'  .   ? 3 
SCALEPACK    'data scaling'    .   ? 4 
CNS          phasing           .   ? 5 
# 
_cell.entry_id           3BOC 
_cell.length_a           64.814 
_cell.length_b           77.909 
_cell.length_c           37.705 
_cell.angle_alpha        90.00 
_cell.angle_beta         90.00 
_cell.angle_gamma        90.00 
_cell.Z_PDB              4 
_cell.pdbx_unique_axis   ? 
_cell.length_a_esd       ? 
_cell.length_b_esd       ? 
_cell.length_c_esd       ? 
_cell.angle_alpha_esd    ? 
_cell.angle_beta_esd     ? 
_cell.angle_gamma_esd    ? 
# 
_symmetry.entry_id                         3BOC 
_symmetry.space_group_name_H-M             'P 21 21 2' 
_symmetry.pdbx_full_space_group_name_H-M   ? 
_symmetry.cell_setting                     ? 
_symmetry.Int_Tables_number                18 
_symmetry.space_group_name_Hall            ? 
# 
_exptl.entry_id          3BOC 
_exptl.method            'X-RAY DIFFRACTION' 
_exptl.crystals_number   ? 
# 
_exptl_crystal.id                    1 
_exptl_crystal.density_meas          ? 
_exptl_crystal.density_Matthews      2.12 
_exptl_crystal.density_percent_sol   42.03 
_exptl_crystal.description           ? 
_exptl_crystal.F_000                 ? 
_exptl_crystal.preparation           ? 
# 
_exptl_crystal_grow.crystal_id      1 
_exptl_crystal_grow.method          'VAPOR DIFFUSION, HANGING DROP' 
_exptl_crystal_grow.temp            298 
_exptl_crystal_grow.temp_details    ? 
_exptl_crystal_grow.pH              5.5 
_exptl_crystal_grow.pdbx_details    
'0.1 M sodium citrate, 20% (w/v) PEG3350, pH 5.5, VAPOR DIFFUSION, HANGING DROP, temperature 298K' 
_exptl_crystal_grow.pdbx_pH_range   . 
# 
_diffrn.id                     1 
_diffrn.ambient_temp           100 
_diffrn.ambient_temp_details   ? 
_diffrn.crystal_id             1 
# 
_diffrn_detector.diffrn_id              1 
_diffrn_detector.detector               'IMAGE PLATE' 
_diffrn_detector.type                   'RIGAKU RAXIS IV++' 
_diffrn_detector.pdbx_collection_date   2006-12-04 
_diffrn_detector.details                ? 
# 
_diffrn_radiation.diffrn_id                        1 
_diffrn_radiation.wavelength_id                    1 
_diffrn_radiation.pdbx_monochromatic_or_laue_m_l   M 
_diffrn_radiation.monochromator                    Mirrors 
_diffrn_radiation.pdbx_diffrn_protocol             'SINGLE WAVELENGTH' 
_diffrn_radiation.pdbx_scattering_type             x-ray 
# 
_diffrn_radiation_wavelength.id           1 
_diffrn_radiation_wavelength.wavelength   1.54 
_diffrn_radiation_wavelength.wt           1.0 
# 
_diffrn_source.diffrn_id                   1 
_diffrn_source.source                      'ROTATING ANODE' 
_diffrn_source.type                        'RIGAKU RU300' 
_diffrn_source.pdbx_synchrotron_site       ? 
_diffrn_source.pdbx_synchrotron_beamline   ? 
_diffrn_source.pdbx_wavelength             ? 
_diffrn_source.pdbx_wavelength_list        1.54 
# 
_reflns.entry_id                     3BOC 
_reflns.observed_criterion_sigma_I   -3 
_reflns.observed_criterion_sigma_F   ? 
_reflns.d_resolution_low             100 
_reflns.d_resolution_high            1.80 
_reflns.number_obs                   17726 
_reflns.number_all                   17726 
_reflns.percent_possible_obs         96.4 
_reflns.pdbx_Rmerge_I_obs            ? 
_reflns.pdbx_Rsym_value              0.054 
_reflns.pdbx_netI_over_sigmaI        ? 
_reflns.B_iso_Wilson_estimate        23.4 
_reflns.pdbx_redundancy              7.3 
_reflns.R_free_details               ? 
_reflns.limit_h_max                  ? 
_reflns.limit_h_min                  ? 
_reflns.limit_k_max                  ? 
_reflns.limit_k_min                  ? 
_reflns.limit_l_max                  ? 
_reflns.limit_l_min                  ? 
_reflns.observed_criterion_F_max     ? 
_reflns.observed_criterion_F_min     ? 
_reflns.pdbx_chi_squared             ? 
_reflns.pdbx_scaling_rejects         ? 
_reflns.pdbx_diffrn_id               1 
_reflns.pdbx_ordinal                 1 
# 
_reflns_shell.d_res_high             1.80 
_reflns_shell.d_res_low              1.86 
_reflns_shell.percent_possible_all   88.0 
_reflns_shell.Rmerge_I_obs           ? 
_reflns_shell.pdbx_Rsym_value        0.284 
_reflns_shell.meanI_over_sigI_obs    ? 
_reflns_shell.pdbx_redundancy        ? 
_reflns_shell.percent_possible_obs   ? 
_reflns_shell.number_unique_all      ? 
_reflns_shell.number_measured_all    ? 
_reflns_shell.number_measured_obs    ? 
_reflns_shell.number_unique_obs      ? 
_reflns_shell.pdbx_chi_squared       ? 
_reflns_shell.pdbx_diffrn_id         ? 
_reflns_shell.pdbx_ordinal           1 
# 
_refine.entry_id                                 3BOC 
_refine.ls_number_reflns_obs                     17664 
_refine.ls_number_reflns_all                     17664 
_refine.pdbx_ls_sigma_I                          ? 
_refine.pdbx_ls_sigma_F                          0.0 
_refine.pdbx_data_cutoff_high_absF               1089886.45 
_refine.pdbx_data_cutoff_low_absF                0.000000 
_refine.pdbx_data_cutoff_high_rms_absF           ? 
_refine.ls_d_res_low                             25.00 
_refine.ls_d_res_high                            1.80 
_refine.ls_percent_reflns_obs                    96.3 
_refine.ls_R_factor_obs                          0.213 
_refine.ls_R_factor_all                          0.213 
_refine.ls_R_factor_R_work                       0.210 
_refine.ls_R_factor_R_free                       0.261 
_refine.ls_R_factor_R_free_error                 0.009 
_refine.ls_R_factor_R_free_error_details         ? 
_refine.ls_percent_reflns_R_free                 5.0 
_refine.ls_number_reflns_R_free                  880 
_refine.ls_number_parameters                     ? 
_refine.ls_number_restraints                     ? 
_refine.occupancy_min                            ? 
_refine.occupancy_max                            ? 
_refine.correlation_coeff_Fo_to_Fc               ? 
_refine.correlation_coeff_Fo_to_Fc_free          ? 
_refine.B_iso_mean                               28.7 
_refine.aniso_B[1][1]                            -7.69 
_refine.aniso_B[2][2]                            -3.69 
_refine.aniso_B[3][3]                            11.38 
_refine.aniso_B[1][2]                            0.00 
_refine.aniso_B[1][3]                            0.00 
_refine.aniso_B[2][3]                            0.00 
_refine.solvent_model_details                    'FLAT MODEL' 
_refine.solvent_model_param_ksol                 0.335251 
_refine.solvent_model_param_bsol                 49.9538 
_refine.pdbx_solvent_vdw_probe_radii             ? 
_refine.pdbx_solvent_ion_probe_radii             ? 
_refine.pdbx_solvent_shrinkage_radii             ? 
_refine.pdbx_ls_cross_valid_method               THROUGHOUT 
_refine.details                                  ? 
_refine.pdbx_starting_model                      ? 
_refine.pdbx_method_to_determine_struct          'FOURIER SYNTHESIS' 
_refine.pdbx_isotropic_thermal_model             RESTRAINED 
_refine.pdbx_stereochemistry_target_values       'Engh & Huber' 
_refine.pdbx_stereochem_target_val_spec_case     ? 
_refine.pdbx_R_Free_selection_details            RANDOM 
_refine.pdbx_overall_ESU_R_Free                  ? 
_refine.overall_SU_ML                            ? 
_refine.overall_SU_B                             ? 
_refine.ls_redundancy_reflns_obs                 ? 
_refine.B_iso_min                                ? 
_refine.B_iso_max                                ? 
_refine.overall_SU_R_Cruickshank_DPI             ? 
_refine.overall_SU_R_free                        ? 
_refine.ls_wR_factor_R_free                      ? 
_refine.ls_wR_factor_R_work                      ? 
_refine.overall_FOM_free_R_set                   ? 
_refine.overall_FOM_work_R_set                   ? 
_refine.pdbx_overall_phase_error                 ? 
_refine.pdbx_refine_id                           'X-RAY DIFFRACTION' 
_refine.pdbx_overall_ESU_R                       ? 
_refine.pdbx_diffrn_id                           1 
_refine.pdbx_TLS_residual_ADP_flag               ? 
_refine.pdbx_overall_SU_R_free_Cruickshank_DPI   ? 
_refine.pdbx_overall_SU_R_Blow_DPI               ? 
_refine.pdbx_overall_SU_R_free_Blow_DPI          ? 
# 
_refine_analyze.entry_id                        3BOC 
_refine_analyze.Luzzati_coordinate_error_obs    0.22 
_refine_analyze.Luzzati_sigma_a_obs             0.18 
_refine_analyze.Luzzati_d_res_low_obs           5.00 
_refine_analyze.Luzzati_coordinate_error_free   0.30 
_refine_analyze.Luzzati_sigma_a_free            0.23 
_refine_analyze.Luzzati_d_res_low_free          ? 
_refine_analyze.number_disordered_residues      ? 
_refine_analyze.occupancy_sum_hydrogen          ? 
_refine_analyze.occupancy_sum_non_hydrogen      ? 
_refine_analyze.pdbx_Luzzati_d_res_high_obs     ? 
_refine_analyze.pdbx_refine_id                  'X-RAY DIFFRACTION' 
# 
_refine_hist.pdbx_refine_id                   'X-RAY DIFFRACTION' 
_refine_hist.cycle_id                         LAST 
_refine_hist.pdbx_number_atoms_protein        1568 
_refine_hist.pdbx_number_atoms_nucleic_acid   0 
_refine_hist.pdbx_number_atoms_ligand         1 
_refine_hist.number_atoms_solvent             127 
_refine_hist.number_atoms_total               1696 
_refine_hist.d_res_high                       1.80 
_refine_hist.d_res_low                        25.00 
# 
loop_
_refine_ls_restr.type 
_refine_ls_restr.dev_ideal 
_refine_ls_restr.dev_ideal_target 
_refine_ls_restr.weight 
_refine_ls_restr.number 
_refine_ls_restr.pdbx_refine_id 
_refine_ls_restr.pdbx_restraint_function 
c_bond_d                0.010 ?    ? ? 'X-RAY DIFFRACTION' ? 
c_bond_d_na             ?     ?    ? ? 'X-RAY DIFFRACTION' ? 
c_bond_d_prot           ?     ?    ? ? 'X-RAY DIFFRACTION' ? 
c_angle_d               ?     ?    ? ? 'X-RAY DIFFRACTION' ? 
c_angle_d_na            ?     ?    ? ? 'X-RAY DIFFRACTION' ? 
c_angle_d_prot          ?     ?    ? ? 'X-RAY DIFFRACTION' ? 
c_angle_deg             1.6   ?    ? ? 'X-RAY DIFFRACTION' ? 
c_angle_deg_na          ?     ?    ? ? 'X-RAY DIFFRACTION' ? 
c_angle_deg_prot        ?     ?    ? ? 'X-RAY DIFFRACTION' ? 
c_dihedral_angle_d      23.2  ?    ? ? 'X-RAY DIFFRACTION' ? 
c_dihedral_angle_d_na   ?     ?    ? ? 'X-RAY DIFFRACTION' ? 
c_dihedral_angle_d_prot ?     ?    ? ? 'X-RAY DIFFRACTION' ? 
c_improper_angle_d      0.00  ?    ? ? 'X-RAY DIFFRACTION' ? 
c_improper_angle_d_na   ?     ?    ? ? 'X-RAY DIFFRACTION' ? 
c_improper_angle_d_prot ?     ?    ? ? 'X-RAY DIFFRACTION' ? 
c_mcbond_it             2.94  2.50 ? ? 'X-RAY DIFFRACTION' ? 
c_mcangle_it            3.45  3.00 ? ? 'X-RAY DIFFRACTION' ? 
c_scbond_it             3.83  3.00 ? ? 'X-RAY DIFFRACTION' ? 
c_scangle_it            4.85  3.50 ? ? 'X-RAY DIFFRACTION' ? 
# 
_refine_ls_shell.pdbx_total_number_of_bins_used   6 
_refine_ls_shell.d_res_high                       1.80 
_refine_ls_shell.d_res_low                        1.91 
_refine_ls_shell.number_reflns_R_work             2554 
_refine_ls_shell.R_factor_R_work                  0.295 
_refine_ls_shell.percent_reflns_obs               90.0 
_refine_ls_shell.R_factor_R_free                  0.381 
_refine_ls_shell.R_factor_R_free_error            0.034 
_refine_ls_shell.percent_reflns_R_free            4.7 
_refine_ls_shell.number_reflns_R_free             125 
_refine_ls_shell.number_reflns_all                ? 
_refine_ls_shell.R_factor_all                     ? 
_refine_ls_shell.number_reflns_obs                ? 
_refine_ls_shell.redundancy_reflns_obs            ? 
_refine_ls_shell.pdbx_refine_id                   'X-RAY DIFFRACTION' 
# 
loop_
_pdbx_xplor_file.serial_no 
_pdbx_xplor_file.param_file 
_pdbx_xplor_file.topol_file 
_pdbx_xplor_file.pdbx_refine_id 
1 protein_rep.param protein.top 'X-RAY DIFFRACTION' 
2 water_rep.param   water.top   'X-RAY DIFFRACTION' 
3 ion.param         ion.top     'X-RAY DIFFRACTION' 
4 zinc.param        ?           'X-RAY DIFFRACTION' 
# 
_struct.entry_id                  3BOC 
_struct.title                     'Carbonic anhydrase from marine diatom Thalassiosira weissflogii- zinc bound domain 2 (CDCA1-R2)' 
_struct.pdbx_model_details        ? 
_struct.pdbx_CASP_flag            ? 
_struct.pdbx_model_type_details   ? 
# 
_struct_keywords.entry_id        3BOC 
_struct_keywords.pdbx_keywords   LYASE 
_struct_keywords.text            'carbonic anhydrase, marine diatom, zinc-bound, LYASE' 
# 
loop_
_struct_asym.id 
_struct_asym.pdbx_blank_PDB_chainid_flag 
_struct_asym.pdbx_modified 
_struct_asym.entity_id 
_struct_asym.details 
A N N 1 ? 
B N N 2 ? 
C N N 3 ? 
# 
_struct_ref.id                         1 
_struct_ref.db_name                    UNP 
_struct_ref.db_code                    Q50EL4_THAWE 
_struct_ref.pdbx_db_accession          Q50EL4 
_struct_ref.entity_id                  1 
_struct_ref.pdbx_seq_one_letter_code   
;SISPAQIAEALQGRGWDAEIVTDASMAGQLVDVRPEGILKCVDGRGSDNTRMGGPKMPGGIYAIAHNRGVTSIEGLKQIT
KEVASKGHLPSVHGDHSSDMLGCGFFKLWVTGRFDDMGYPRPQFDADQGANAVKDAGGIIEMHHGSHTEKVVYINLLANK
TLEPNENDQRFIVDGWAADKFGLDVPKFLIAAAATVEMLGGPKNAKIVVP
;
_struct_ref.pdbx_align_begin           197 
_struct_ref.pdbx_db_isoform            ? 
# 
_struct_ref_seq.align_id                      1 
_struct_ref_seq.ref_id                        1 
_struct_ref_seq.pdbx_PDB_id_code              3BOC 
_struct_ref_seq.pdbx_strand_id                A 
_struct_ref_seq.seq_align_beg                 1 
_struct_ref_seq.pdbx_seq_align_beg_ins_code   ? 
_struct_ref_seq.seq_align_end                 210 
_struct_ref_seq.pdbx_seq_align_end_ins_code   ? 
_struct_ref_seq.pdbx_db_accession             Q50EL4 
_struct_ref_seq.db_align_beg                  197 
_struct_ref_seq.pdbx_db_align_beg_ins_code    ? 
_struct_ref_seq.db_align_end                  406 
_struct_ref_seq.pdbx_db_align_end_ins_code    ? 
_struct_ref_seq.pdbx_auth_seq_align_beg       223 
_struct_ref_seq.pdbx_auth_seq_align_end       432 
# 
_pdbx_struct_assembly.id                   1 
_pdbx_struct_assembly.details              author_and_software_defined_assembly 
_pdbx_struct_assembly.method_details       PISA 
_pdbx_struct_assembly.oligomeric_details   monomeric 
_pdbx_struct_assembly.oligomeric_count     1 
# 
_pdbx_struct_assembly_gen.assembly_id       1 
_pdbx_struct_assembly_gen.oper_expression   1 
_pdbx_struct_assembly_gen.asym_id_list      A,B,C 
# 
_pdbx_struct_oper_list.id                   1 
_pdbx_struct_oper_list.type                 'identity operation' 
_pdbx_struct_oper_list.name                 1_555 
_pdbx_struct_oper_list.symmetry_operation   x,y,z 
_pdbx_struct_oper_list.matrix[1][1]         1.0000000000 
_pdbx_struct_oper_list.matrix[1][2]         0.0000000000 
_pdbx_struct_oper_list.matrix[1][3]         0.0000000000 
_pdbx_struct_oper_list.vector[1]            0.0000000000 
_pdbx_struct_oper_list.matrix[2][1]         0.0000000000 
_pdbx_struct_oper_list.matrix[2][2]         1.0000000000 
_pdbx_struct_oper_list.matrix[2][3]         0.0000000000 
_pdbx_struct_oper_list.vector[2]            0.0000000000 
_pdbx_struct_oper_list.matrix[3][1]         0.0000000000 
_pdbx_struct_oper_list.matrix[3][2]         0.0000000000 
_pdbx_struct_oper_list.matrix[3][3]         1.0000000000 
_pdbx_struct_oper_list.vector[3]            0.0000000000 
# 
_struct_biol.id        1 
_struct_biol.details   ? 
# 
loop_
_struct_conf.conf_type_id 
_struct_conf.id 
_struct_conf.pdbx_PDB_helix_id 
_struct_conf.beg_label_comp_id 
_struct_conf.beg_label_asym_id 
_struct_conf.beg_label_seq_id 
_struct_conf.pdbx_beg_PDB_ins_code 
_struct_conf.end_label_comp_id 
_struct_conf.end_label_asym_id 
_struct_conf.end_label_seq_id 
_struct_conf.pdbx_end_PDB_ins_code 
_struct_conf.beg_auth_comp_id 
_struct_conf.beg_auth_asym_id 
_struct_conf.beg_auth_seq_id 
_struct_conf.end_auth_comp_id 
_struct_conf.end_auth_asym_id 
_struct_conf.end_auth_seq_id 
_struct_conf.pdbx_PDB_helix_class 
_struct_conf.details 
_struct_conf.pdbx_PDB_helix_length 
HELX_P HELX_P1  1  SER A 3   ? GLY A 13  ? SER A 225 GLY A 235 1 ? 11 
HELX_P HELX_P2  2  ALA A 24  ? ALA A 27  ? ALA A 246 ALA A 249 5 ? 4  
HELX_P HELX_P3  3  ILE A 61  ? GLY A 69  ? ILE A 283 GLY A 291 1 ? 9  
HELX_P HELX_P4  4  SER A 72  ? LYS A 86  ? SER A 294 LYS A 308 1 ? 15 
HELX_P HELX_P5  5  SER A 98  ? GLY A 102 ? SER A 320 GLY A 324 5 ? 5  
HELX_P HELX_P6  6  CYS A 103 ? THR A 111 ? CYS A 325 THR A 333 1 ? 9  
HELX_P HELX_P7  7  PHE A 114 ? GLY A 118 ? PHE A 336 GLY A 340 5 ? 5  
HELX_P HELX_P8  8  ASP A 125 ? ALA A 136 ? ASP A 347 ALA A 358 1 ? 12 
HELX_P HELX_P9  9  GLY A 175 ? PHE A 181 ? GLY A 397 PHE A 403 1 ? 7  
HELX_P HELX_P10 10 ASP A 184 ? LEU A 199 ? ASP A 406 LEU A 421 1 ? 16 
# 
_struct_conf_type.id          HELX_P 
_struct_conf_type.criteria    ? 
_struct_conf_type.reference   ? 
# 
loop_
_struct_conn.id 
_struct_conn.conn_type_id 
_struct_conn.pdbx_leaving_atom_flag 
_struct_conn.pdbx_PDB_id 
_struct_conn.ptnr1_label_asym_id 
_struct_conn.ptnr1_label_comp_id 
_struct_conn.ptnr1_label_seq_id 
_struct_conn.ptnr1_label_atom_id 
_struct_conn.pdbx_ptnr1_label_alt_id 
_struct_conn.pdbx_ptnr1_PDB_ins_code 
_struct_conn.pdbx_ptnr1_standard_comp_id 
_struct_conn.ptnr1_symmetry 
_struct_conn.ptnr2_label_asym_id 
_struct_conn.ptnr2_label_comp_id 
_struct_conn.ptnr2_label_seq_id 
_struct_conn.ptnr2_label_atom_id 
_struct_conn.pdbx_ptnr2_label_alt_id 
_struct_conn.pdbx_ptnr2_PDB_ins_code 
_struct_conn.ptnr1_auth_asym_id 
_struct_conn.ptnr1_auth_comp_id 
_struct_conn.ptnr1_auth_seq_id 
_struct_conn.ptnr2_auth_asym_id 
_struct_conn.ptnr2_auth_comp_id 
_struct_conn.ptnr2_auth_seq_id 
_struct_conn.ptnr2_symmetry 
_struct_conn.pdbx_ptnr3_label_atom_id 
_struct_conn.pdbx_ptnr3_label_seq_id 
_struct_conn.pdbx_ptnr3_label_comp_id 
_struct_conn.pdbx_ptnr3_label_asym_id 
_struct_conn.pdbx_ptnr3_label_alt_id 
_struct_conn.pdbx_ptnr3_PDB_ins_code 
_struct_conn.details 
_struct_conn.pdbx_dist_value 
_struct_conn.pdbx_value_order 
_struct_conn.pdbx_role 
metalc1 metalc ? ? A CYS 41  SG  ? ? ? 1_555 B ZN  . ZN ? ? A CYS 263  A ZN  1001 1_555 ? ? ? ? ? ? ? 2.301 ? ? 
metalc2 metalc ? ? A HIS 93  NE2 ? ? ? 1_555 B ZN  . ZN ? ? A HIS 315  A ZN  1001 1_555 ? ? ? ? ? ? ? 2.167 ? ? 
metalc3 metalc ? ? A CYS 103 SG  ? ? ? 1_555 B ZN  . ZN ? ? A CYS 325  A ZN  1001 1_555 ? ? ? ? ? ? ? 2.343 ? ? 
metalc4 metalc ? ? B ZN  .   ZN  ? ? ? 1_555 C HOH . O  ? ? A ZN  1001 A HOH 1003 1_555 ? ? ? ? ? ? ? 2.274 ? ? 
# 
_struct_conn_type.id          metalc 
_struct_conn_type.criteria    ? 
_struct_conn_type.reference   ? 
# 
loop_
_pdbx_struct_conn_angle.id 
_pdbx_struct_conn_angle.ptnr1_label_atom_id 
_pdbx_struct_conn_angle.ptnr1_label_alt_id 
_pdbx_struct_conn_angle.ptnr1_label_asym_id 
_pdbx_struct_conn_angle.ptnr1_label_comp_id 
_pdbx_struct_conn_angle.ptnr1_label_seq_id 
_pdbx_struct_conn_angle.ptnr1_auth_atom_id 
_pdbx_struct_conn_angle.ptnr1_auth_asym_id 
_pdbx_struct_conn_angle.ptnr1_auth_comp_id 
_pdbx_struct_conn_angle.ptnr1_auth_seq_id 
_pdbx_struct_conn_angle.ptnr1_PDB_ins_code 
_pdbx_struct_conn_angle.ptnr1_symmetry 
_pdbx_struct_conn_angle.ptnr2_label_atom_id 
_pdbx_struct_conn_angle.ptnr2_label_alt_id 
_pdbx_struct_conn_angle.ptnr2_label_asym_id 
_pdbx_struct_conn_angle.ptnr2_label_comp_id 
_pdbx_struct_conn_angle.ptnr2_label_seq_id 
_pdbx_struct_conn_angle.ptnr2_auth_atom_id 
_pdbx_struct_conn_angle.ptnr2_auth_asym_id 
_pdbx_struct_conn_angle.ptnr2_auth_comp_id 
_pdbx_struct_conn_angle.ptnr2_auth_seq_id 
_pdbx_struct_conn_angle.ptnr2_PDB_ins_code 
_pdbx_struct_conn_angle.ptnr2_symmetry 
_pdbx_struct_conn_angle.ptnr3_label_atom_id 
_pdbx_struct_conn_angle.ptnr3_label_alt_id 
_pdbx_struct_conn_angle.ptnr3_label_asym_id 
_pdbx_struct_conn_angle.ptnr3_label_comp_id 
_pdbx_struct_conn_angle.ptnr3_label_seq_id 
_pdbx_struct_conn_angle.ptnr3_auth_atom_id 
_pdbx_struct_conn_angle.ptnr3_auth_asym_id 
_pdbx_struct_conn_angle.ptnr3_auth_comp_id 
_pdbx_struct_conn_angle.ptnr3_auth_seq_id 
_pdbx_struct_conn_angle.ptnr3_PDB_ins_code 
_pdbx_struct_conn_angle.ptnr3_symmetry 
_pdbx_struct_conn_angle.value 
_pdbx_struct_conn_angle.value_esd 
1 SG  ? A CYS 41  ? A CYS 263 ? 1_555 ZN ? B ZN . ? A ZN 1001 ? 1_555 NE2 ? A HIS 93  ? A HIS 315  ? 1_555 109.7 ? 
2 SG  ? A CYS 41  ? A CYS 263 ? 1_555 ZN ? B ZN . ? A ZN 1001 ? 1_555 SG  ? A CYS 103 ? A CYS 325  ? 1_555 122.7 ? 
3 NE2 ? A HIS 93  ? A HIS 315 ? 1_555 ZN ? B ZN . ? A ZN 1001 ? 1_555 SG  ? A CYS 103 ? A CYS 325  ? 1_555 97.8  ? 
4 SG  ? A CYS 41  ? A CYS 263 ? 1_555 ZN ? B ZN . ? A ZN 1001 ? 1_555 O   ? C HOH .   ? A HOH 1003 ? 1_555 108.1 ? 
5 NE2 ? A HIS 93  ? A HIS 315 ? 1_555 ZN ? B ZN . ? A ZN 1001 ? 1_555 O   ? C HOH .   ? A HOH 1003 ? 1_555 94.5  ? 
6 SG  ? A CYS 103 ? A CYS 325 ? 1_555 ZN ? B ZN . ? A ZN 1001 ? 1_555 O   ? C HOH .   ? A HOH 1003 ? 1_555 118.9 ? 
# 
loop_
_struct_sheet.id 
_struct_sheet.type 
_struct_sheet.number_strands 
_struct_sheet.details 
A ? 4 ? 
B ? 2 ? 
C ? 3 ? 
# 
loop_
_struct_sheet_order.sheet_id 
_struct_sheet_order.range_id_1 
_struct_sheet_order.range_id_2 
_struct_sheet_order.offset 
_struct_sheet_order.sense 
A 1 2 ? parallel      
A 2 3 ? parallel      
A 3 4 ? parallel      
B 1 2 ? anti-parallel 
C 1 2 ? parallel      
C 2 3 ? parallel      
# 
loop_
_struct_sheet_range.sheet_id 
_struct_sheet_range.id 
_struct_sheet_range.beg_label_comp_id 
_struct_sheet_range.beg_label_asym_id 
_struct_sheet_range.beg_label_seq_id 
_struct_sheet_range.pdbx_beg_PDB_ins_code 
_struct_sheet_range.end_label_comp_id 
_struct_sheet_range.end_label_asym_id 
_struct_sheet_range.end_label_seq_id 
_struct_sheet_range.pdbx_end_PDB_ins_code 
_struct_sheet_range.beg_auth_comp_id 
_struct_sheet_range.beg_auth_asym_id 
_struct_sheet_range.beg_auth_seq_id 
_struct_sheet_range.end_auth_comp_id 
_struct_sheet_range.end_auth_asym_id 
_struct_sheet_range.end_auth_seq_id 
A 1 ASP A 17  ? THR A 22  ? ASP A 239 THR A 244 
A 2 ASN A 204 ? VAL A 209 ? ASN A 426 VAL A 431 
A 3 VAL A 152 ? ASN A 155 ? VAL A 374 ASN A 377 
A 4 PHE A 171 ? ASP A 174 ? PHE A 393 ASP A 396 
B 1 LEU A 30  ? ASP A 32  ? LEU A 252 ASP A 254 
B 2 LYS A 160 ? LEU A 162 ? LYS A 382 LEU A 384 
C 1 ILE A 38  ? LEU A 39  ? ILE A 260 LEU A 261 
C 2 LEU A 89  ? ASP A 95  ? LEU A 311 ASP A 317 
C 3 ILE A 139 ? HIS A 143 ? ILE A 361 HIS A 365 
# 
loop_
_pdbx_struct_sheet_hbond.sheet_id 
_pdbx_struct_sheet_hbond.range_id_1 
_pdbx_struct_sheet_hbond.range_id_2 
_pdbx_struct_sheet_hbond.range_1_label_atom_id 
_pdbx_struct_sheet_hbond.range_1_label_comp_id 
_pdbx_struct_sheet_hbond.range_1_label_asym_id 
_pdbx_struct_sheet_hbond.range_1_label_seq_id 
_pdbx_struct_sheet_hbond.range_1_PDB_ins_code 
_pdbx_struct_sheet_hbond.range_1_auth_atom_id 
_pdbx_struct_sheet_hbond.range_1_auth_comp_id 
_pdbx_struct_sheet_hbond.range_1_auth_asym_id 
_pdbx_struct_sheet_hbond.range_1_auth_seq_id 
_pdbx_struct_sheet_hbond.range_2_label_atom_id 
_pdbx_struct_sheet_hbond.range_2_label_comp_id 
_pdbx_struct_sheet_hbond.range_2_label_asym_id 
_pdbx_struct_sheet_hbond.range_2_label_seq_id 
_pdbx_struct_sheet_hbond.range_2_PDB_ins_code 
_pdbx_struct_sheet_hbond.range_2_auth_atom_id 
_pdbx_struct_sheet_hbond.range_2_auth_comp_id 
_pdbx_struct_sheet_hbond.range_2_auth_asym_id 
_pdbx_struct_sheet_hbond.range_2_auth_seq_id 
A 1 2 N GLU A 19  ? N GLU A 241 O ILE A 207 ? O ILE A 429 
A 2 3 O LYS A 206 ? O LYS A 428 N VAL A 152 ? N VAL A 374 
A 3 4 N TYR A 153 ? N TYR A 375 O VAL A 173 ? O VAL A 395 
B 1 2 N VAL A 31  ? N VAL A 253 O THR A 161 ? O THR A 383 
C 1 2 N LEU A 39  ? N LEU A 261 O LEU A 89  ? O LEU A 311 
C 2 3 N PRO A 90  ? N PRO A 312 O ILE A 139 ? O ILE A 361 
# 
_struct_site.id                   AC1 
_struct_site.pdbx_evidence_code   Software 
_struct_site.pdbx_auth_asym_id    A 
_struct_site.pdbx_auth_comp_id    ZN 
_struct_site.pdbx_auth_seq_id     1001 
_struct_site.pdbx_auth_ins_code   ? 
_struct_site.pdbx_num_residues    4 
_struct_site.details              'BINDING SITE FOR RESIDUE ZN A 1001' 
# 
loop_
_struct_site_gen.id 
_struct_site_gen.site_id 
_struct_site_gen.pdbx_num_res 
_struct_site_gen.label_comp_id 
_struct_site_gen.label_asym_id 
_struct_site_gen.label_seq_id 
_struct_site_gen.pdbx_auth_ins_code 
_struct_site_gen.auth_comp_id 
_struct_site_gen.auth_asym_id 
_struct_site_gen.auth_seq_id 
_struct_site_gen.label_atom_id 
_struct_site_gen.label_alt_id 
_struct_site_gen.symmetry 
_struct_site_gen.details 
1 AC1 4 CYS A 41  ? CYS A 263  . ? 1_555 ? 
2 AC1 4 HIS A 93  ? HIS A 315  . ? 1_555 ? 
3 AC1 4 CYS A 103 ? CYS A 325  . ? 1_555 ? 
4 AC1 4 HOH C .   ? HOH A 1003 . ? 1_555 ? 
# 
loop_
_pdbx_validate_torsion.id 
_pdbx_validate_torsion.PDB_model_num 
_pdbx_validate_torsion.auth_comp_id 
_pdbx_validate_torsion.auth_asym_id 
_pdbx_validate_torsion.auth_seq_id 
_pdbx_validate_torsion.PDB_ins_code 
_pdbx_validate_torsion.label_alt_id 
_pdbx_validate_torsion.phi 
_pdbx_validate_torsion.psi 
1 1 SER A 269 ? ? -161.20 -169.29 
2 1 ASP A 321 ? ? 52.80   -127.10 
3 1 ASP A 390 ? ? -157.85 73.66   
# 
_pdbx_entry_details.nonpolymer_details       
;RELATIVE TO THE ORIGINAL COORDINATES THE ZINC AND WATER MOLECULE NUMBERING HAS BEEN OFFSET BY 1000, AND THE CHAIN LABEL HAS BEEN SET TO THAT OF THE POLYPEPTIDE CHAIN.
;
_pdbx_entry_details.entry_id                 3BOC 
_pdbx_entry_details.sequence_details         ? 
_pdbx_entry_details.compound_details         ? 
_pdbx_entry_details.source_details           ? 
_pdbx_entry_details.has_ligand_of_interest   ? 
# 
_pdbx_unobs_or_zero_occ_residues.id               1 
_pdbx_unobs_or_zero_occ_residues.PDB_model_num    1 
_pdbx_unobs_or_zero_occ_residues.polymer_flag     Y 
_pdbx_unobs_or_zero_occ_residues.occupancy_flag   1 
_pdbx_unobs_or_zero_occ_residues.auth_asym_id     A 
_pdbx_unobs_or_zero_occ_residues.auth_comp_id     SER 
_pdbx_unobs_or_zero_occ_residues.auth_seq_id      223 
_pdbx_unobs_or_zero_occ_residues.PDB_ins_code     ? 
_pdbx_unobs_or_zero_occ_residues.label_asym_id    A 
_pdbx_unobs_or_zero_occ_residues.label_comp_id    SER 
_pdbx_unobs_or_zero_occ_residues.label_seq_id     1 
# 
loop_
_chem_comp_atom.comp_id 
_chem_comp_atom.atom_id 
_chem_comp_atom.type_symbol 
_chem_comp_atom.pdbx_aromatic_flag 
_chem_comp_atom.pdbx_stereo_config 
_chem_comp_atom.pdbx_ordinal 
ALA N    N  N N 1   
ALA CA   C  N S 2   
ALA C    C  N N 3   
ALA O    O  N N 4   
ALA CB   C  N N 5   
ALA OXT  O  N N 6   
ALA H    H  N N 7   
ALA H2   H  N N 8   
ALA HA   H  N N 9   
ALA HB1  H  N N 10  
ALA HB2  H  N N 11  
ALA HB3  H  N N 12  
ALA HXT  H  N N 13  
ARG N    N  N N 14  
ARG CA   C  N S 15  
ARG C    C  N N 16  
ARG O    O  N N 17  
ARG CB   C  N N 18  
ARG CG   C  N N 19  
ARG CD   C  N N 20  
ARG NE   N  N N 21  
ARG CZ   C  N N 22  
ARG NH1  N  N N 23  
ARG NH2  N  N N 24  
ARG OXT  O  N N 25  
ARG H    H  N N 26  
ARG H2   H  N N 27  
ARG HA   H  N N 28  
ARG HB2  H  N N 29  
ARG HB3  H  N N 30  
ARG HG2  H  N N 31  
ARG HG3  H  N N 32  
ARG HD2  H  N N 33  
ARG HD3  H  N N 34  
ARG HE   H  N N 35  
ARG HH11 H  N N 36  
ARG HH12 H  N N 37  
ARG HH21 H  N N 38  
ARG HH22 H  N N 39  
ARG HXT  H  N N 40  
ASN N    N  N N 41  
ASN CA   C  N S 42  
ASN C    C  N N 43  
ASN O    O  N N 44  
ASN CB   C  N N 45  
ASN CG   C  N N 46  
ASN OD1  O  N N 47  
ASN ND2  N  N N 48  
ASN OXT  O  N N 49  
ASN H    H  N N 50  
ASN H2   H  N N 51  
ASN HA   H  N N 52  
ASN HB2  H  N N 53  
ASN HB3  H  N N 54  
ASN HD21 H  N N 55  
ASN HD22 H  N N 56  
ASN HXT  H  N N 57  
ASP N    N  N N 58  
ASP CA   C  N S 59  
ASP C    C  N N 60  
ASP O    O  N N 61  
ASP CB   C  N N 62  
ASP CG   C  N N 63  
ASP OD1  O  N N 64  
ASP OD2  O  N N 65  
ASP OXT  O  N N 66  
ASP H    H  N N 67  
ASP H2   H  N N 68  
ASP HA   H  N N 69  
ASP HB2  H  N N 70  
ASP HB3  H  N N 71  
ASP HD2  H  N N 72  
ASP HXT  H  N N 73  
CYS N    N  N N 74  
CYS CA   C  N R 75  
CYS C    C  N N 76  
CYS O    O  N N 77  
CYS CB   C  N N 78  
CYS SG   S  N N 79  
CYS OXT  O  N N 80  
CYS H    H  N N 81  
CYS H2   H  N N 82  
CYS HA   H  N N 83  
CYS HB2  H  N N 84  
CYS HB3  H  N N 85  
CYS HG   H  N N 86  
CYS HXT  H  N N 87  
GLN N    N  N N 88  
GLN CA   C  N S 89  
GLN C    C  N N 90  
GLN O    O  N N 91  
GLN CB   C  N N 92  
GLN CG   C  N N 93  
GLN CD   C  N N 94  
GLN OE1  O  N N 95  
GLN NE2  N  N N 96  
GLN OXT  O  N N 97  
GLN H    H  N N 98  
GLN H2   H  N N 99  
GLN HA   H  N N 100 
GLN HB2  H  N N 101 
GLN HB3  H  N N 102 
GLN HG2  H  N N 103 
GLN HG3  H  N N 104 
GLN HE21 H  N N 105 
GLN HE22 H  N N 106 
GLN HXT  H  N N 107 
GLU N    N  N N 108 
GLU CA   C  N S 109 
GLU C    C  N N 110 
GLU O    O  N N 111 
GLU CB   C  N N 112 
GLU CG   C  N N 113 
GLU CD   C  N N 114 
GLU OE1  O  N N 115 
GLU OE2  O  N N 116 
GLU OXT  O  N N 117 
GLU H    H  N N 118 
GLU H2   H  N N 119 
GLU HA   H  N N 120 
GLU HB2  H  N N 121 
GLU HB3  H  N N 122 
GLU HG2  H  N N 123 
GLU HG3  H  N N 124 
GLU HE2  H  N N 125 
GLU HXT  H  N N 126 
GLY N    N  N N 127 
GLY CA   C  N N 128 
GLY C    C  N N 129 
GLY O    O  N N 130 
GLY OXT  O  N N 131 
GLY H    H  N N 132 
GLY H2   H  N N 133 
GLY HA2  H  N N 134 
GLY HA3  H  N N 135 
GLY HXT  H  N N 136 
HIS N    N  N N 137 
HIS CA   C  N S 138 
HIS C    C  N N 139 
HIS O    O  N N 140 
HIS CB   C  N N 141 
HIS CG   C  Y N 142 
HIS ND1  N  Y N 143 
HIS CD2  C  Y N 144 
HIS CE1  C  Y N 145 
HIS NE2  N  Y N 146 
HIS OXT  O  N N 147 
HIS H    H  N N 148 
HIS H2   H  N N 149 
HIS HA   H  N N 150 
HIS HB2  H  N N 151 
HIS HB3  H  N N 152 
HIS HD1  H  N N 153 
HIS HD2  H  N N 154 
HIS HE1  H  N N 155 
HIS HE2  H  N N 156 
HIS HXT  H  N N 157 
HOH O    O  N N 158 
HOH H1   H  N N 159 
HOH H2   H  N N 160 
ILE N    N  N N 161 
ILE CA   C  N S 162 
ILE C    C  N N 163 
ILE O    O  N N 164 
ILE CB   C  N S 165 
ILE CG1  C  N N 166 
ILE CG2  C  N N 167 
ILE CD1  C  N N 168 
ILE OXT  O  N N 169 
ILE H    H  N N 170 
ILE H2   H  N N 171 
ILE HA   H  N N 172 
ILE HB   H  N N 173 
ILE HG12 H  N N 174 
ILE HG13 H  N N 175 
ILE HG21 H  N N 176 
ILE HG22 H  N N 177 
ILE HG23 H  N N 178 
ILE HD11 H  N N 179 
ILE HD12 H  N N 180 
ILE HD13 H  N N 181 
ILE HXT  H  N N 182 
LEU N    N  N N 183 
LEU CA   C  N S 184 
LEU C    C  N N 185 
LEU O    O  N N 186 
LEU CB   C  N N 187 
LEU CG   C  N N 188 
LEU CD1  C  N N 189 
LEU CD2  C  N N 190 
LEU OXT  O  N N 191 
LEU H    H  N N 192 
LEU H2   H  N N 193 
LEU HA   H  N N 194 
LEU HB2  H  N N 195 
LEU HB3  H  N N 196 
LEU HG   H  N N 197 
LEU HD11 H  N N 198 
LEU HD12 H  N N 199 
LEU HD13 H  N N 200 
LEU HD21 H  N N 201 
LEU HD22 H  N N 202 
LEU HD23 H  N N 203 
LEU HXT  H  N N 204 
LYS N    N  N N 205 
LYS CA   C  N S 206 
LYS C    C  N N 207 
LYS O    O  N N 208 
LYS CB   C  N N 209 
LYS CG   C  N N 210 
LYS CD   C  N N 211 
LYS CE   C  N N 212 
LYS NZ   N  N N 213 
LYS OXT  O  N N 214 
LYS H    H  N N 215 
LYS H2   H  N N 216 
LYS HA   H  N N 217 
LYS HB2  H  N N 218 
LYS HB3  H  N N 219 
LYS HG2  H  N N 220 
LYS HG3  H  N N 221 
LYS HD2  H  N N 222 
LYS HD3  H  N N 223 
LYS HE2  H  N N 224 
LYS HE3  H  N N 225 
LYS HZ1  H  N N 226 
LYS HZ2  H  N N 227 
LYS HZ3  H  N N 228 
LYS HXT  H  N N 229 
MET N    N  N N 230 
MET CA   C  N S 231 
MET C    C  N N 232 
MET O    O  N N 233 
MET CB   C  N N 234 
MET CG   C  N N 235 
MET SD   S  N N 236 
MET CE   C  N N 237 
MET OXT  O  N N 238 
MET H    H  N N 239 
MET H2   H  N N 240 
MET HA   H  N N 241 
MET HB2  H  N N 242 
MET HB3  H  N N 243 
MET HG2  H  N N 244 
MET HG3  H  N N 245 
MET HE1  H  N N 246 
MET HE2  H  N N 247 
MET HE3  H  N N 248 
MET HXT  H  N N 249 
PHE N    N  N N 250 
PHE CA   C  N S 251 
PHE C    C  N N 252 
PHE O    O  N N 253 
PHE CB   C  N N 254 
PHE CG   C  Y N 255 
PHE CD1  C  Y N 256 
PHE CD2  C  Y N 257 
PHE CE1  C  Y N 258 
PHE CE2  C  Y N 259 
PHE CZ   C  Y N 260 
PHE OXT  O  N N 261 
PHE H    H  N N 262 
PHE H2   H  N N 263 
PHE HA   H  N N 264 
PHE HB2  H  N N 265 
PHE HB3  H  N N 266 
PHE HD1  H  N N 267 
PHE HD2  H  N N 268 
PHE HE1  H  N N 269 
PHE HE2  H  N N 270 
PHE HZ   H  N N 271 
PHE HXT  H  N N 272 
PRO N    N  N N 273 
PRO CA   C  N S 274 
PRO C    C  N N 275 
PRO O    O  N N 276 
PRO CB   C  N N 277 
PRO CG   C  N N 278 
PRO CD   C  N N 279 
PRO OXT  O  N N 280 
PRO H    H  N N 281 
PRO HA   H  N N 282 
PRO HB2  H  N N 283 
PRO HB3  H  N N 284 
PRO HG2  H  N N 285 
PRO HG3  H  N N 286 
PRO HD2  H  N N 287 
PRO HD3  H  N N 288 
PRO HXT  H  N N 289 
SER N    N  N N 290 
SER CA   C  N S 291 
SER C    C  N N 292 
SER O    O  N N 293 
SER CB   C  N N 294 
SER OG   O  N N 295 
SER OXT  O  N N 296 
SER H    H  N N 297 
SER H2   H  N N 298 
SER HA   H  N N 299 
SER HB2  H  N N 300 
SER HB3  H  N N 301 
SER HG   H  N N 302 
SER HXT  H  N N 303 
THR N    N  N N 304 
THR CA   C  N S 305 
THR C    C  N N 306 
THR O    O  N N 307 
THR CB   C  N R 308 
THR OG1  O  N N 309 
THR CG2  C  N N 310 
THR OXT  O  N N 311 
THR H    H  N N 312 
THR H2   H  N N 313 
THR HA   H  N N 314 
THR HB   H  N N 315 
THR HG1  H  N N 316 
THR HG21 H  N N 317 
THR HG22 H  N N 318 
THR HG23 H  N N 319 
THR HXT  H  N N 320 
TRP N    N  N N 321 
TRP CA   C  N S 322 
TRP C    C  N N 323 
TRP O    O  N N 324 
TRP CB   C  N N 325 
TRP CG   C  Y N 326 
TRP CD1  C  Y N 327 
TRP CD2  C  Y N 328 
TRP NE1  N  Y N 329 
TRP CE2  C  Y N 330 
TRP CE3  C  Y N 331 
TRP CZ2  C  Y N 332 
TRP CZ3  C  Y N 333 
TRP CH2  C  Y N 334 
TRP OXT  O  N N 335 
TRP H    H  N N 336 
TRP H2   H  N N 337 
TRP HA   H  N N 338 
TRP HB2  H  N N 339 
TRP HB3  H  N N 340 
TRP HD1  H  N N 341 
TRP HE1  H  N N 342 
TRP HE3  H  N N 343 
TRP HZ2  H  N N 344 
TRP HZ3  H  N N 345 
TRP HH2  H  N N 346 
TRP HXT  H  N N 347 
TYR N    N  N N 348 
TYR CA   C  N S 349 
TYR C    C  N N 350 
TYR O    O  N N 351 
TYR CB   C  N N 352 
TYR CG   C  Y N 353 
TYR CD1  C  Y N 354 
TYR CD2  C  Y N 355 
TYR CE1  C  Y N 356 
TYR CE2  C  Y N 357 
TYR CZ   C  Y N 358 
TYR OH   O  N N 359 
TYR OXT  O  N N 360 
TYR H    H  N N 361 
TYR H2   H  N N 362 
TYR HA   H  N N 363 
TYR HB2  H  N N 364 
TYR HB3  H  N N 365 
TYR HD1  H  N N 366 
TYR HD2  H  N N 367 
TYR HE1  H  N N 368 
TYR HE2  H  N N 369 
TYR HH   H  N N 370 
TYR HXT  H  N N 371 
VAL N    N  N N 372 
VAL CA   C  N S 373 
VAL C    C  N N 374 
VAL O    O  N N 375 
VAL CB   C  N N 376 
VAL CG1  C  N N 377 
VAL CG2  C  N N 378 
VAL OXT  O  N N 379 
VAL H    H  N N 380 
VAL H2   H  N N 381 
VAL HA   H  N N 382 
VAL HB   H  N N 383 
VAL HG11 H  N N 384 
VAL HG12 H  N N 385 
VAL HG13 H  N N 386 
VAL HG21 H  N N 387 
VAL HG22 H  N N 388 
VAL HG23 H  N N 389 
VAL HXT  H  N N 390 
ZN  ZN   ZN N N 391 
# 
loop_
_chem_comp_bond.comp_id 
_chem_comp_bond.atom_id_1 
_chem_comp_bond.atom_id_2 
_chem_comp_bond.value_order 
_chem_comp_bond.pdbx_aromatic_flag 
_chem_comp_bond.pdbx_stereo_config 
_chem_comp_bond.pdbx_ordinal 
ALA N   CA   sing N N 1   
ALA N   H    sing N N 2   
ALA N   H2   sing N N 3   
ALA CA  C    sing N N 4   
ALA CA  CB   sing N N 5   
ALA CA  HA   sing N N 6   
ALA C   O    doub N N 7   
ALA C   OXT  sing N N 8   
ALA CB  HB1  sing N N 9   
ALA CB  HB2  sing N N 10  
ALA CB  HB3  sing N N 11  
ALA OXT HXT  sing N N 12  
ARG N   CA   sing N N 13  
ARG N   H    sing N N 14  
ARG N   H2   sing N N 15  
ARG CA  C    sing N N 16  
ARG CA  CB   sing N N 17  
ARG CA  HA   sing N N 18  
ARG C   O    doub N N 19  
ARG C   OXT  sing N N 20  
ARG CB  CG   sing N N 21  
ARG CB  HB2  sing N N 22  
ARG CB  HB3  sing N N 23  
ARG CG  CD   sing N N 24  
ARG CG  HG2  sing N N 25  
ARG CG  HG3  sing N N 26  
ARG CD  NE   sing N N 27  
ARG CD  HD2  sing N N 28  
ARG CD  HD3  sing N N 29  
ARG NE  CZ   sing N N 30  
ARG NE  HE   sing N N 31  
ARG CZ  NH1  sing N N 32  
ARG CZ  NH2  doub N N 33  
ARG NH1 HH11 sing N N 34  
ARG NH1 HH12 sing N N 35  
ARG NH2 HH21 sing N N 36  
ARG NH2 HH22 sing N N 37  
ARG OXT HXT  sing N N 38  
ASN N   CA   sing N N 39  
ASN N   H    sing N N 40  
ASN N   H2   sing N N 41  
ASN CA  C    sing N N 42  
ASN CA  CB   sing N N 43  
ASN CA  HA   sing N N 44  
ASN C   O    doub N N 45  
ASN C   OXT  sing N N 46  
ASN CB  CG   sing N N 47  
ASN CB  HB2  sing N N 48  
ASN CB  HB3  sing N N 49  
ASN CG  OD1  doub N N 50  
ASN CG  ND2  sing N N 51  
ASN ND2 HD21 sing N N 52  
ASN ND2 HD22 sing N N 53  
ASN OXT HXT  sing N N 54  
ASP N   CA   sing N N 55  
ASP N   H    sing N N 56  
ASP N   H2   sing N N 57  
ASP CA  C    sing N N 58  
ASP CA  CB   sing N N 59  
ASP CA  HA   sing N N 60  
ASP C   O    doub N N 61  
ASP C   OXT  sing N N 62  
ASP CB  CG   sing N N 63  
ASP CB  HB2  sing N N 64  
ASP CB  HB3  sing N N 65  
ASP CG  OD1  doub N N 66  
ASP CG  OD2  sing N N 67  
ASP OD2 HD2  sing N N 68  
ASP OXT HXT  sing N N 69  
CYS N   CA   sing N N 70  
CYS N   H    sing N N 71  
CYS N   H2   sing N N 72  
CYS CA  C    sing N N 73  
CYS CA  CB   sing N N 74  
CYS CA  HA   sing N N 75  
CYS C   O    doub N N 76  
CYS C   OXT  sing N N 77  
CYS CB  SG   sing N N 78  
CYS CB  HB2  sing N N 79  
CYS CB  HB3  sing N N 80  
CYS SG  HG   sing N N 81  
CYS OXT HXT  sing N N 82  
GLN N   CA   sing N N 83  
GLN N   H    sing N N 84  
GLN N   H2   sing N N 85  
GLN CA  C    sing N N 86  
GLN CA  CB   sing N N 87  
GLN CA  HA   sing N N 88  
GLN C   O    doub N N 89  
GLN C   OXT  sing N N 90  
GLN CB  CG   sing N N 91  
GLN CB  HB2  sing N N 92  
GLN CB  HB3  sing N N 93  
GLN CG  CD   sing N N 94  
GLN CG  HG2  sing N N 95  
GLN CG  HG3  sing N N 96  
GLN CD  OE1  doub N N 97  
GLN CD  NE2  sing N N 98  
GLN NE2 HE21 sing N N 99  
GLN NE2 HE22 sing N N 100 
GLN OXT HXT  sing N N 101 
GLU N   CA   sing N N 102 
GLU N   H    sing N N 103 
GLU N   H2   sing N N 104 
GLU CA  C    sing N N 105 
GLU CA  CB   sing N N 106 
GLU CA  HA   sing N N 107 
GLU C   O    doub N N 108 
GLU C   OXT  sing N N 109 
GLU CB  CG   sing N N 110 
GLU CB  HB2  sing N N 111 
GLU CB  HB3  sing N N 112 
GLU CG  CD   sing N N 113 
GLU CG  HG2  sing N N 114 
GLU CG  HG3  sing N N 115 
GLU CD  OE1  doub N N 116 
GLU CD  OE2  sing N N 117 
GLU OE2 HE2  sing N N 118 
GLU OXT HXT  sing N N 119 
GLY N   CA   sing N N 120 
GLY N   H    sing N N 121 
GLY N   H2   sing N N 122 
GLY CA  C    sing N N 123 
GLY CA  HA2  sing N N 124 
GLY CA  HA3  sing N N 125 
GLY C   O    doub N N 126 
GLY C   OXT  sing N N 127 
GLY OXT HXT  sing N N 128 
HIS N   CA   sing N N 129 
HIS N   H    sing N N 130 
HIS N   H2   sing N N 131 
HIS CA  C    sing N N 132 
HIS CA  CB   sing N N 133 
HIS CA  HA   sing N N 134 
HIS C   O    doub N N 135 
HIS C   OXT  sing N N 136 
HIS CB  CG   sing N N 137 
HIS CB  HB2  sing N N 138 
HIS CB  HB3  sing N N 139 
HIS CG  ND1  sing Y N 140 
HIS CG  CD2  doub Y N 141 
HIS ND1 CE1  doub Y N 142 
HIS ND1 HD1  sing N N 143 
HIS CD2 NE2  sing Y N 144 
HIS CD2 HD2  sing N N 145 
HIS CE1 NE2  sing Y N 146 
HIS CE1 HE1  sing N N 147 
HIS NE2 HE2  sing N N 148 
HIS OXT HXT  sing N N 149 
HOH O   H1   sing N N 150 
HOH O   H2   sing N N 151 
ILE N   CA   sing N N 152 
ILE N   H    sing N N 153 
ILE N   H2   sing N N 154 
ILE CA  C    sing N N 155 
ILE CA  CB   sing N N 156 
ILE CA  HA   sing N N 157 
ILE C   O    doub N N 158 
ILE C   OXT  sing N N 159 
ILE CB  CG1  sing N N 160 
ILE CB  CG2  sing N N 161 
ILE CB  HB   sing N N 162 
ILE CG1 CD1  sing N N 163 
ILE CG1 HG12 sing N N 164 
ILE CG1 HG13 sing N N 165 
ILE CG2 HG21 sing N N 166 
ILE CG2 HG22 sing N N 167 
ILE CG2 HG23 sing N N 168 
ILE CD1 HD11 sing N N 169 
ILE CD1 HD12 sing N N 170 
ILE CD1 HD13 sing N N 171 
ILE OXT HXT  sing N N 172 
LEU N   CA   sing N N 173 
LEU N   H    sing N N 174 
LEU N   H2   sing N N 175 
LEU CA  C    sing N N 176 
LEU CA  CB   sing N N 177 
LEU CA  HA   sing N N 178 
LEU C   O    doub N N 179 
LEU C   OXT  sing N N 180 
LEU CB  CG   sing N N 181 
LEU CB  HB2  sing N N 182 
LEU CB  HB3  sing N N 183 
LEU CG  CD1  sing N N 184 
LEU CG  CD2  sing N N 185 
LEU CG  HG   sing N N 186 
LEU CD1 HD11 sing N N 187 
LEU CD1 HD12 sing N N 188 
LEU CD1 HD13 sing N N 189 
LEU CD2 HD21 sing N N 190 
LEU CD2 HD22 sing N N 191 
LEU CD2 HD23 sing N N 192 
LEU OXT HXT  sing N N 193 
LYS N   CA   sing N N 194 
LYS N   H    sing N N 195 
LYS N   H2   sing N N 196 
LYS CA  C    sing N N 197 
LYS CA  CB   sing N N 198 
LYS CA  HA   sing N N 199 
LYS C   O    doub N N 200 
LYS C   OXT  sing N N 201 
LYS CB  CG   sing N N 202 
LYS CB  HB2  sing N N 203 
LYS CB  HB3  sing N N 204 
LYS CG  CD   sing N N 205 
LYS CG  HG2  sing N N 206 
LYS CG  HG3  sing N N 207 
LYS CD  CE   sing N N 208 
LYS CD  HD2  sing N N 209 
LYS CD  HD3  sing N N 210 
LYS CE  NZ   sing N N 211 
LYS CE  HE2  sing N N 212 
LYS CE  HE3  sing N N 213 
LYS NZ  HZ1  sing N N 214 
LYS NZ  HZ2  sing N N 215 
LYS NZ  HZ3  sing N N 216 
LYS OXT HXT  sing N N 217 
MET N   CA   sing N N 218 
MET N   H    sing N N 219 
MET N   H2   sing N N 220 
MET CA  C    sing N N 221 
MET CA  CB   sing N N 222 
MET CA  HA   sing N N 223 
MET C   O    doub N N 224 
MET C   OXT  sing N N 225 
MET CB  CG   sing N N 226 
MET CB  HB2  sing N N 227 
MET CB  HB3  sing N N 228 
MET CG  SD   sing N N 229 
MET CG  HG2  sing N N 230 
MET CG  HG3  sing N N 231 
MET SD  CE   sing N N 232 
MET CE  HE1  sing N N 233 
MET CE  HE2  sing N N 234 
MET CE  HE3  sing N N 235 
MET OXT HXT  sing N N 236 
PHE N   CA   sing N N 237 
PHE N   H    sing N N 238 
PHE N   H2   sing N N 239 
PHE CA  C    sing N N 240 
PHE CA  CB   sing N N 241 
PHE CA  HA   sing N N 242 
PHE C   O    doub N N 243 
PHE C   OXT  sing N N 244 
PHE CB  CG   sing N N 245 
PHE CB  HB2  sing N N 246 
PHE CB  HB3  sing N N 247 
PHE CG  CD1  doub Y N 248 
PHE CG  CD2  sing Y N 249 
PHE CD1 CE1  sing Y N 250 
PHE CD1 HD1  sing N N 251 
PHE CD2 CE2  doub Y N 252 
PHE CD2 HD2  sing N N 253 
PHE CE1 CZ   doub Y N 254 
PHE CE1 HE1  sing N N 255 
PHE CE2 CZ   sing Y N 256 
PHE CE2 HE2  sing N N 257 
PHE CZ  HZ   sing N N 258 
PHE OXT HXT  sing N N 259 
PRO N   CA   sing N N 260 
PRO N   CD   sing N N 261 
PRO N   H    sing N N 262 
PRO CA  C    sing N N 263 
PRO CA  CB   sing N N 264 
PRO CA  HA   sing N N 265 
PRO C   O    doub N N 266 
PRO C   OXT  sing N N 267 
PRO CB  CG   sing N N 268 
PRO CB  HB2  sing N N 269 
PRO CB  HB3  sing N N 270 
PRO CG  CD   sing N N 271 
PRO CG  HG2  sing N N 272 
PRO CG  HG3  sing N N 273 
PRO CD  HD2  sing N N 274 
PRO CD  HD3  sing N N 275 
PRO OXT HXT  sing N N 276 
SER N   CA   sing N N 277 
SER N   H    sing N N 278 
SER N   H2   sing N N 279 
SER CA  C    sing N N 280 
SER CA  CB   sing N N 281 
SER CA  HA   sing N N 282 
SER C   O    doub N N 283 
SER C   OXT  sing N N 284 
SER CB  OG   sing N N 285 
SER CB  HB2  sing N N 286 
SER CB  HB3  sing N N 287 
SER OG  HG   sing N N 288 
SER OXT HXT  sing N N 289 
THR N   CA   sing N N 290 
THR N   H    sing N N 291 
THR N   H2   sing N N 292 
THR CA  C    sing N N 293 
THR CA  CB   sing N N 294 
THR CA  HA   sing N N 295 
THR C   O    doub N N 296 
THR C   OXT  sing N N 297 
THR CB  OG1  sing N N 298 
THR CB  CG2  sing N N 299 
THR CB  HB   sing N N 300 
THR OG1 HG1  sing N N 301 
THR CG2 HG21 sing N N 302 
THR CG2 HG22 sing N N 303 
THR CG2 HG23 sing N N 304 
THR OXT HXT  sing N N 305 
TRP N   CA   sing N N 306 
TRP N   H    sing N N 307 
TRP N   H2   sing N N 308 
TRP CA  C    sing N N 309 
TRP CA  CB   sing N N 310 
TRP CA  HA   sing N N 311 
TRP C   O    doub N N 312 
TRP C   OXT  sing N N 313 
TRP CB  CG   sing N N 314 
TRP CB  HB2  sing N N 315 
TRP CB  HB3  sing N N 316 
TRP CG  CD1  doub Y N 317 
TRP CG  CD2  sing Y N 318 
TRP CD1 NE1  sing Y N 319 
TRP CD1 HD1  sing N N 320 
TRP CD2 CE2  doub Y N 321 
TRP CD2 CE3  sing Y N 322 
TRP NE1 CE2  sing Y N 323 
TRP NE1 HE1  sing N N 324 
TRP CE2 CZ2  sing Y N 325 
TRP CE3 CZ3  doub Y N 326 
TRP CE3 HE3  sing N N 327 
TRP CZ2 CH2  doub Y N 328 
TRP CZ2 HZ2  sing N N 329 
TRP CZ3 CH2  sing Y N 330 
TRP CZ3 HZ3  sing N N 331 
TRP CH2 HH2  sing N N 332 
TRP OXT HXT  sing N N 333 
TYR N   CA   sing N N 334 
TYR N   H    sing N N 335 
TYR N   H2   sing N N 336 
TYR CA  C    sing N N 337 
TYR CA  CB   sing N N 338 
TYR CA  HA   sing N N 339 
TYR C   O    doub N N 340 
TYR C   OXT  sing N N 341 
TYR CB  CG   sing N N 342 
TYR CB  HB2  sing N N 343 
TYR CB  HB3  sing N N 344 
TYR CG  CD1  doub Y N 345 
TYR CG  CD2  sing Y N 346 
TYR CD1 CE1  sing Y N 347 
TYR CD1 HD1  sing N N 348 
TYR CD2 CE2  doub Y N 349 
TYR CD2 HD2  sing N N 350 
TYR CE1 CZ   doub Y N 351 
TYR CE1 HE1  sing N N 352 
TYR CE2 CZ   sing Y N 353 
TYR CE2 HE2  sing N N 354 
TYR CZ  OH   sing N N 355 
TYR OH  HH   sing N N 356 
TYR OXT HXT  sing N N 357 
VAL N   CA   sing N N 358 
VAL N   H    sing N N 359 
VAL N   H2   sing N N 360 
VAL CA  C    sing N N 361 
VAL CA  CB   sing N N 362 
VAL CA  HA   sing N N 363 
VAL C   O    doub N N 364 
VAL C   OXT  sing N N 365 
VAL CB  CG1  sing N N 366 
VAL CB  CG2  sing N N 367 
VAL CB  HB   sing N N 368 
VAL CG1 HG11 sing N N 369 
VAL CG1 HG12 sing N N 370 
VAL CG1 HG13 sing N N 371 
VAL CG2 HG21 sing N N 372 
VAL CG2 HG22 sing N N 373 
VAL CG2 HG23 sing N N 374 
VAL OXT HXT  sing N N 375 
# 
_atom_sites.entry_id                    3BOC 
_atom_sites.fract_transf_matrix[1][1]   -0.00574310 
_atom_sites.fract_transf_matrix[1][2]   0.01430011 
_atom_sites.fract_transf_matrix[1][3]   -0.00076015 
_atom_sites.fract_transf_matrix[2][1]   -0.01167611 
_atom_sites.fract_transf_matrix[2][2]   -0.00481116 
_atom_sites.fract_transf_matrix[2][3]   -0.00229311 
_atom_sites.fract_transf_matrix[3][1]   -0.00488154 
_atom_sites.fract_transf_matrix[3][2]   -0.00057509 
_atom_sites.fract_transf_matrix[3][3]   0.02606255 
_atom_sites.fract_transf_vector[1]      0.247315 
_atom_sites.fract_transf_vector[2]      -0.101994 
_atom_sites.fract_transf_vector[3]      0.169360 
# 
loop_
_atom_type.symbol 
C  
N  
O  
S  
ZN 
# 
loop_
_atom_site.group_PDB 
_atom_site.id 
_atom_site.type_symbol 
_atom_site.label_atom_id 
_atom_site.label_alt_id 
_atom_site.label_comp_id 
_atom_site.label_asym_id 
_atom_site.label_entity_id 
_atom_site.label_seq_id 
_atom_site.pdbx_PDB_ins_code 
_atom_site.Cartn_x 
_atom_site.Cartn_y 
_atom_site.Cartn_z 
_atom_site.occupancy 
_atom_site.B_iso_or_equiv 
_atom_site.pdbx_formal_charge 
_atom_site.auth_seq_id 
_atom_site.auth_comp_id 
_atom_site.auth_asym_id 
_atom_site.auth_atom_id 
_atom_site.pdbx_PDB_model_num 
ATOM   1    N  N   . ILE A 1 2   ? -17.739 3.161   -3.025  1.00 44.18 ? 224  ILE A N   1 
ATOM   2    C  CA  . ILE A 1 2   ? -17.292 3.346   -4.432  1.00 39.68 ? 224  ILE A CA  1 
ATOM   3    C  C   . ILE A 1 2   ? -17.335 1.985   -5.176  1.00 39.58 ? 224  ILE A C   1 
ATOM   4    O  O   . ILE A 1 2   ? -16.822 0.976   -4.692  1.00 42.41 ? 224  ILE A O   1 
ATOM   5    C  CB  . ILE A 1 2   ? -15.867 3.999   -4.443  1.00 44.42 ? 224  ILE A CB  1 
ATOM   6    C  CG1 . ILE A 1 2   ? -15.492 4.447   -5.860  1.00 41.86 ? 224  ILE A CG1 1 
ATOM   7    C  CG2 . ILE A 1 2   ? -14.848 3.035   -3.821  1.00 39.45 ? 224  ILE A CG2 1 
ATOM   8    C  CD1 . ILE A 1 2   ? -14.208 5.294   -5.944  1.00 45.19 ? 224  ILE A CD1 1 
ATOM   9    N  N   . SER A 1 3   ? -17.986 1.962   -6.336  1.00 34.90 ? 225  SER A N   1 
ATOM   10   C  CA  . SER A 1 3   ? -18.129 0.740   -7.122  1.00 31.91 ? 225  SER A CA  1 
ATOM   11   C  C   . SER A 1 3   ? -16.972 0.502   -8.075  1.00 28.00 ? 225  SER A C   1 
ATOM   12   O  O   . SER A 1 3   ? -16.242 1.420   -8.417  1.00 29.35 ? 225  SER A O   1 
ATOM   13   C  CB  . SER A 1 3   ? -19.392 0.801   -7.958  1.00 27.16 ? 225  SER A CB  1 
ATOM   14   O  OG  . SER A 1 3   ? -19.208 1.725   -9.030  1.00 26.65 ? 225  SER A OG  1 
ATOM   15   N  N   . PRO A 1 4   ? -16.802 -0.755  -8.519  1.00 32.47 ? 226  PRO A N   1 
ATOM   16   C  CA  . PRO A 1 4   ? -15.736 -1.123  -9.450  1.00 28.92 ? 226  PRO A CA  1 
ATOM   17   C  C   . PRO A 1 4   ? -15.780 -0.210  -10.675 1.00 26.25 ? 226  PRO A C   1 
ATOM   18   O  O   . PRO A 1 4   ? -14.749 0.241   -11.171 1.00 27.04 ? 226  PRO A O   1 
ATOM   19   C  CB  . PRO A 1 4   ? -16.070 -2.575  -9.796  1.00 25.57 ? 226  PRO A CB  1 
ATOM   20   C  CG  . PRO A 1 4   ? -16.617 -3.089  -8.509  1.00 30.97 ? 226  PRO A CG  1 
ATOM   21   C  CD  . PRO A 1 4   ? -17.515 -1.953  -8.030  1.00 29.47 ? 226  PRO A CD  1 
ATOM   22   N  N   . ALA A 1 5   ? -16.984 0.063   -11.172 1.00 22.97 ? 227  ALA A N   1 
ATOM   23   C  CA  . ALA A 1 5   ? -17.123 0.925   -12.329 1.00 26.34 ? 227  ALA A CA  1 
ATOM   24   C  C   . ALA A 1 5   ? -16.677 2.348   -11.990 1.00 27.96 ? 227  ALA A C   1 
ATOM   25   O  O   . ALA A 1 5   ? -16.085 3.020   -12.820 1.00 29.14 ? 227  ALA A O   1 
ATOM   26   C  CB  . ALA A 1 5   ? -18.565 0.932   -12.819 1.00 29.02 ? 227  ALA A CB  1 
ATOM   27   N  N   . GLN A 1 6   ? -16.977 2.805   -10.776 1.00 25.68 ? 228  GLN A N   1 
ATOM   28   C  CA  . GLN A 1 6   ? -16.576 4.161   -10.341 1.00 27.36 ? 228  GLN A CA  1 
ATOM   29   C  C   . GLN A 1 6   ? -15.050 4.269   -10.248 1.00 29.30 ? 228  GLN A C   1 
ATOM   30   O  O   . GLN A 1 6   ? -14.459 5.294   -10.612 1.00 28.84 ? 228  GLN A O   1 
ATOM   31   C  CB  . GLN A 1 6   ? -17.160 4.469   -8.968  1.00 29.39 ? 228  GLN A CB  1 
ATOM   32   C  CG  . GLN A 1 6   ? -18.504 5.170   -8.974  1.00 37.72 ? 228  GLN A CG  1 
ATOM   33   C  CD  . GLN A 1 6   ? -18.976 5.499   -7.562  1.00 41.43 ? 228  GLN A CD  1 
ATOM   34   O  OE1 . GLN A 1 6   ? -19.318 4.603   -6.780  1.00 43.04 ? 228  GLN A OE1 1 
ATOM   35   N  NE2 . GLN A 1 6   ? -18.989 6.787   -7.226  1.00 41.38 ? 228  GLN A NE2 1 
ATOM   36   N  N   . ILE A 1 7   ? -14.420 3.213   -9.744  1.00 24.33 ? 229  ILE A N   1 
ATOM   37   C  CA  . ILE A 1 7   ? -12.954 3.178   -9.618  1.00 22.83 ? 229  ILE A CA  1 
ATOM   38   C  C   . ILE A 1 7   ? -12.288 3.245   -10.986 1.00 25.32 ? 229  ILE A C   1 
ATOM   39   O  O   . ILE A 1 7   ? -11.345 4.012   -11.207 1.00 22.48 ? 229  ILE A O   1 
ATOM   40   C  CB  . ILE A 1 7   ? -12.504 1.895   -8.867  1.00 26.14 ? 229  ILE A CB  1 
ATOM   41   C  CG1 . ILE A 1 7   ? -12.884 2.024   -7.390  1.00 23.10 ? 229  ILE A CG1 1 
ATOM   42   C  CG2 . ILE A 1 7   ? -10.970 1.698   -8.991  1.00 27.02 ? 229  ILE A CG2 1 
ATOM   43   C  CD1 . ILE A 1 7   ? -12.650 0.775   -6.552  1.00 28.82 ? 229  ILE A CD1 1 
ATOM   44   N  N   . ALA A 1 8   ? -12.784 2.446   -11.922 1.00 26.42 ? 230  ALA A N   1 
ATOM   45   C  CA  . ALA A 1 8   ? -12.232 2.424   -13.268 1.00 23.94 ? 230  ALA A CA  1 
ATOM   46   C  C   . ALA A 1 8   ? -12.414 3.775   -13.943 1.00 27.76 ? 230  ALA A C   1 
ATOM   47   O  O   . ALA A 1 8   ? -11.515 4.268   -14.642 1.00 27.55 ? 230  ALA A O   1 
ATOM   48   C  CB  . ALA A 1 8   ? -12.925 1.324   -14.103 1.00 25.20 ? 230  ALA A CB  1 
ATOM   49   N  N   . GLU A 1 9   ? -13.586 4.363   -13.753 1.00 27.23 ? 231  GLU A N   1 
ATOM   50   C  CA  . GLU A 1 9   ? -13.875 5.659   -14.350 1.00 31.90 ? 231  GLU A CA  1 
ATOM   51   C  C   . GLU A 1 9   ? -12.916 6.706   -13.805 1.00 32.29 ? 231  GLU A C   1 
ATOM   52   O  O   . GLU A 1 9   ? -12.392 7.537   -14.556 1.00 30.05 ? 231  GLU A O   1 
ATOM   53   C  CB  . GLU A 1 9   ? -15.304 6.069   -14.040 1.00 34.39 ? 231  GLU A CB  1 
ATOM   54   C  CG  . GLU A 1 9   ? -15.715 7.374   -14.680 1.00 40.34 ? 231  GLU A CG  1 
ATOM   55   C  CD  . GLU A 1 9   ? -17.105 7.783   -14.265 1.00 44.66 ? 231  GLU A CD  1 
ATOM   56   O  OE1 . GLU A 1 9   ? -17.283 8.203   -13.100 1.00 43.37 ? 231  GLU A OE1 1 
ATOM   57   O  OE2 . GLU A 1 9   ? -18.023 7.665   -15.105 1.00 49.60 ? 231  GLU A OE2 1 
ATOM   58   N  N   . ALA A 1 10  ? -12.676 6.647   -12.500 1.00 28.76 ? 232  ALA A N   1 
ATOM   59   C  CA  . ALA A 1 10  ? -11.767 7.584   -11.836 1.00 30.38 ? 232  ALA A CA  1 
ATOM   60   C  C   . ALA A 1 10  ? -10.326 7.456   -12.339 1.00 30.88 ? 232  ALA A C   1 
ATOM   61   O  O   . ALA A 1 10  ? -9.637  8.458   -12.527 1.00 32.34 ? 232  ALA A O   1 
ATOM   62   C  CB  . ALA A 1 10  ? -11.808 7.359   -10.328 1.00 28.61 ? 232  ALA A CB  1 
ATOM   63   N  N   . LEU A 1 11  ? -9.867  6.225   -12.547 1.00 28.21 ? 233  LEU A N   1 
ATOM   64   C  CA  . LEU A 1 11  ? -8.501  5.984   -13.020 1.00 28.67 ? 233  LEU A CA  1 
ATOM   65   C  C   . LEU A 1 11  ? -8.353  6.428   -14.463 1.00 30.69 ? 233  LEU A C   1 
ATOM   66   O  O   . LEU A 1 11  ? -7.343  7.034   -14.844 1.00 27.74 ? 233  LEU A O   1 
ATOM   67   C  CB  . LEU A 1 11  ? -8.137  4.502   -12.905 1.00 21.72 ? 233  LEU A CB  1 
ATOM   68   C  CG  . LEU A 1 11  ? -8.060  3.976   -11.460 1.00 25.41 ? 233  LEU A CG  1 
ATOM   69   C  CD1 . LEU A 1 11  ? -7.848  2.445   -11.477 1.00 25.72 ? 233  LEU A CD1 1 
ATOM   70   C  CD2 . LEU A 1 11  ? -6.926  4.691   -10.714 1.00 25.81 ? 233  LEU A CD2 1 
ATOM   71   N  N   . GLN A 1 12  ? -9.370  6.139   -15.264 1.00 28.75 ? 234  GLN A N   1 
ATOM   72   C  CA  . GLN A 1 12  ? -9.339  6.517   -16.679 1.00 31.96 ? 234  GLN A CA  1 
ATOM   73   C  C   . GLN A 1 12  ? -9.258  8.036   -16.774 1.00 30.28 ? 234  GLN A C   1 
ATOM   74   O  O   . GLN A 1 12  ? -8.625  8.572   -17.675 1.00 34.21 ? 234  GLN A O   1 
ATOM   75   C  CB  . GLN A 1 12  ? -10.586 5.996   -17.383 1.00 34.14 ? 234  GLN A CB  1 
ATOM   76   C  CG  . GLN A 1 12  ? -10.756 4.499   -17.205 1.00 40.29 ? 234  GLN A CG  1 
ATOM   77   C  CD  . GLN A 1 12  ? -11.929 3.938   -17.971 1.00 42.84 ? 234  GLN A CD  1 
ATOM   78   O  OE1 . GLN A 1 12  ? -13.021 4.504   -17.961 1.00 41.74 ? 234  GLN A OE1 1 
ATOM   79   N  NE2 . GLN A 1 12  ? -11.712 2.810   -18.632 1.00 42.44 ? 234  GLN A NE2 1 
ATOM   80   N  N   . GLY A 1 13  ? -9.899  8.722   -15.830 1.00 28.89 ? 235  GLY A N   1 
ATOM   81   C  CA  . GLY A 1 13  ? -9.868  10.177  -15.795 1.00 29.72 ? 235  GLY A CA  1 
ATOM   82   C  C   . GLY A 1 13  ? -8.452  10.695  -15.579 1.00 32.36 ? 235  GLY A C   1 
ATOM   83   O  O   . GLY A 1 13  ? -8.142  11.833  -15.921 1.00 33.44 ? 235  GLY A O   1 
ATOM   84   N  N   . ARG A 1 14  ? -7.600  9.857   -14.998 1.00 30.67 ? 236  ARG A N   1 
ATOM   85   C  CA  . ARG A 1 14  ? -6.209  10.207  -14.768 1.00 31.64 ? 236  ARG A CA  1 
ATOM   86   C  C   . ARG A 1 14  ? -5.338  9.636   -15.889 1.00 27.82 ? 236  ARG A C   1 
ATOM   87   O  O   . ARG A 1 14  ? -4.123  9.565   -15.755 1.00 32.87 ? 236  ARG A O   1 
ATOM   88   C  CB  . ARG A 1 14  ? -5.733  9.674   -13.405 1.00 28.44 ? 236  ARG A CB  1 
ATOM   89   C  CG  . ARG A 1 14  ? -6.445  10.289  -12.186 1.00 30.16 ? 236  ARG A CG  1 
ATOM   90   C  CD  . ARG A 1 14  ? -5.863  9.753   -10.865 1.00 31.09 ? 236  ARG A CD  1 
ATOM   91   N  NE  . ARG A 1 14  ? -4.481  10.189  -10.684 1.00 28.01 ? 236  ARG A NE  1 
ATOM   92   C  CZ  . ARG A 1 14  ? -4.124  11.381  -10.213 1.00 29.37 ? 236  ARG A CZ  1 
ATOM   93   N  NH1 . ARG A 1 14  ? -5.043  12.272  -9.851  1.00 31.15 ? 236  ARG A NH1 1 
ATOM   94   N  NH2 . ARG A 1 14  ? -2.836  11.703  -10.142 1.00 30.16 ? 236  ARG A NH2 1 
ATOM   95   N  N   . GLY A 1 15  ? -5.950  9.222   -16.997 1.00 30.06 ? 237  GLY A N   1 
ATOM   96   C  CA  . GLY A 1 15  ? -5.170  8.682   -18.107 1.00 31.89 ? 237  GLY A CA  1 
ATOM   97   C  C   . GLY A 1 15  ? -4.758  7.212   -18.055 1.00 29.66 ? 237  GLY A C   1 
ATOM   98   O  O   . GLY A 1 15  ? -3.900  6.759   -18.828 1.00 31.88 ? 237  GLY A O   1 
ATOM   99   N  N   . TRP A 1 16  ? -5.365  6.460   -17.151 1.00 25.98 ? 238  TRP A N   1 
ATOM   100  C  CA  . TRP A 1 16  ? -5.059  5.037   -16.985 1.00 28.00 ? 238  TRP A CA  1 
ATOM   101  C  C   . TRP A 1 16  ? -5.909  4.136   -17.855 1.00 28.85 ? 238  TRP A C   1 
ATOM   102  O  O   . TRP A 1 16  ? -6.941  4.554   -18.361 1.00 26.91 ? 238  TRP A O   1 
ATOM   103  C  CB  . TRP A 1 16  ? -5.378  4.588   -15.563 1.00 27.87 ? 238  TRP A CB  1 
ATOM   104  C  CG  . TRP A 1 16  ? -4.461  5.035   -14.522 1.00 27.13 ? 238  TRP A CG  1 
ATOM   105  C  CD1 . TRP A 1 16  ? -4.077  6.310   -14.264 1.00 26.71 ? 238  TRP A CD1 1 
ATOM   106  C  CD2 . TRP A 1 16  ? -3.784  4.203   -13.575 1.00 27.15 ? 238  TRP A CD2 1 
ATOM   107  N  NE1 . TRP A 1 16  ? -3.195  6.333   -13.211 1.00 28.87 ? 238  TRP A NE1 1 
ATOM   108  C  CE2 . TRP A 1 16  ? -2.997  5.051   -12.769 1.00 26.00 ? 238  TRP A CE2 1 
ATOM   109  C  CE3 . TRP A 1 16  ? -3.764  2.820   -13.331 1.00 24.99 ? 238  TRP A CE3 1 
ATOM   110  C  CZ2 . TRP A 1 16  ? -2.193  4.566   -11.737 1.00 27.34 ? 238  TRP A CZ2 1 
ATOM   111  C  CZ3 . TRP A 1 16  ? -2.967  2.336   -12.305 1.00 23.82 ? 238  TRP A CZ3 1 
ATOM   112  C  CH2 . TRP A 1 16  ? -2.191  3.209   -11.522 1.00 23.15 ? 238  TRP A CH2 1 
ATOM   113  N  N   . ASP A 1 17  ? -5.452  2.899   -18.017 1.00 25.17 ? 239  ASP A N   1 
ATOM   114  C  CA  . ASP A 1 17  ? -6.257  1.883   -18.674 1.00 30.56 ? 239  ASP A CA  1 
ATOM   115  C  C   . ASP A 1 17  ? -6.795  1.136   -17.448 1.00 26.13 ? 239  ASP A C   1 
ATOM   116  O  O   . ASP A 1 17  ? -6.042  0.867   -16.513 1.00 22.91 ? 239  ASP A O   1 
ATOM   117  C  CB  . ASP A 1 17  ? -5.420  0.913   -19.486 1.00 32.36 ? 239  ASP A CB  1 
ATOM   118  C  CG  . ASP A 1 17  ? -4.961  1.509   -20.779 1.00 42.16 ? 239  ASP A CG  1 
ATOM   119  O  OD1 . ASP A 1 17  ? -3.796  1.970   -20.832 1.00 42.85 ? 239  ASP A OD1 1 
ATOM   120  O  OD2 . ASP A 1 17  ? -5.775  1.537   -21.727 1.00 42.27 ? 239  ASP A OD2 1 
ATOM   121  N  N   . ALA A 1 18  ? -8.076  0.807   -17.437 1.00 26.59 ? 240  ALA A N   1 
ATOM   122  C  CA  . ALA A 1 18  ? -8.608  0.074   -16.300 1.00 26.18 ? 240  ALA A CA  1 
ATOM   123  C  C   . ALA A 1 18  ? -9.554  -1.006  -16.807 1.00 29.47 ? 240  ALA A C   1 
ATOM   124  O  O   . ALA A 1 18  ? -10.350 -0.765  -17.720 1.00 31.70 ? 240  ALA A O   1 
ATOM   125  C  CB  . ALA A 1 18  ? -9.328  1.024   -15.338 1.00 27.28 ? 240  ALA A CB  1 
ATOM   126  N  N   . GLU A 1 19  ? -9.426  -2.203  -16.242 1.00 27.84 ? 241  GLU A N   1 
ATOM   127  C  CA  . GLU A 1 19  ? -10.270 -3.345  -16.618 1.00 30.77 ? 241  GLU A CA  1 
ATOM   128  C  C   . GLU A 1 19  ? -10.795 -4.001  -15.343 1.00 30.58 ? 241  GLU A C   1 
ATOM   129  O  O   . GLU A 1 19  ? -10.040 -4.189  -14.389 1.00 28.20 ? 241  GLU A O   1 
ATOM   130  C  CB  . GLU A 1 19  ? -9.450  -4.384  -17.399 1.00 31.68 ? 241  GLU A CB  1 
ATOM   131  C  CG  . GLU A 1 19  ? -10.271 -5.612  -17.837 1.00 41.16 ? 241  GLU A CG  1 
ATOM   132  C  CD  . GLU A 1 19  ? -9.414  -6.794  -18.291 1.00 40.92 ? 241  GLU A CD  1 
ATOM   133  O  OE1 . GLU A 1 19  ? -9.993  -7.769  -18.827 1.00 42.13 ? 241  GLU A OE1 1 
ATOM   134  O  OE2 . GLU A 1 19  ? -8.177  -6.759  -18.103 1.00 39.66 ? 241  GLU A OE2 1 
ATOM   135  N  N   . ILE A 1 20  ? -12.085 -4.336  -15.323 1.00 28.21 ? 242  ILE A N   1 
ATOM   136  C  CA  . ILE A 1 20  ? -12.692 -4.998  -14.186 1.00 22.81 ? 242  ILE A CA  1 
ATOM   137  C  C   . ILE A 1 20  ? -12.586 -6.493  -14.466 1.00 22.95 ? 242  ILE A C   1 
ATOM   138  O  O   . ILE A 1 20  ? -13.000 -6.965  -15.535 1.00 23.29 ? 242  ILE A O   1 
ATOM   139  C  CB  . ILE A 1 20  ? -14.191 -4.593  -14.053 1.00 23.72 ? 242  ILE A CB  1 
ATOM   140  C  CG1 . ILE A 1 20  ? -14.278 -3.093  -13.749 1.00 23.60 ? 242  ILE A CG1 1 
ATOM   141  C  CG2 . ILE A 1 20  ? -14.872 -5.422  -12.984 1.00 26.21 ? 242  ILE A CG2 1 
ATOM   142  C  CD1 . ILE A 1 20  ? -15.685 -2.578  -13.640 1.00 25.89 ? 242  ILE A CD1 1 
ATOM   143  N  N   . VAL A 1 21  ? -12.024 -7.238  -13.524 1.00 23.62 ? 243  VAL A N   1 
ATOM   144  C  CA  . VAL A 1 21  ? -11.858 -8.676  -13.719 1.00 23.43 ? 243  VAL A CA  1 
ATOM   145  C  C   . VAL A 1 21  ? -12.505 -9.474  -12.609 1.00 22.17 ? 243  VAL A C   1 
ATOM   146  O  O   . VAL A 1 21  ? -12.653 -9.000  -11.492 1.00 26.54 ? 243  VAL A O   1 
ATOM   147  C  CB  . VAL A 1 21  ? -10.353 -9.068  -13.778 1.00 21.92 ? 243  VAL A CB  1 
ATOM   148  C  CG1 . VAL A 1 21  ? -9.663  -8.300  -14.884 1.00 24.11 ? 243  VAL A CG1 1 
ATOM   149  C  CG2 . VAL A 1 21  ? -9.678  -8.774  -12.436 1.00 23.60 ? 243  VAL A CG2 1 
ATOM   150  N  N   . THR A 1 22  ? -12.866 -10.719 -12.908 1.00 25.96 ? 244  THR A N   1 
ATOM   151  C  CA  . THR A 1 22  ? -13.501 -11.565 -11.904 1.00 21.52 ? 244  THR A CA  1 
ATOM   152  C  C   . THR A 1 22  ? -12.513 -12.180 -10.916 1.00 23.82 ? 244  THR A C   1 
ATOM   153  O  O   . THR A 1 22  ? -11.323 -12.375 -11.208 1.00 22.57 ? 244  THR A O   1 
ATOM   154  C  CB  . THR A 1 22  ? -14.227 -12.755 -12.560 1.00 17.58 ? 244  THR A CB  1 
ATOM   155  O  OG1 . THR A 1 22  ? -13.227 -13.602 -13.154 1.00 21.68 ? 244  THR A OG1 1 
ATOM   156  C  CG2 . THR A 1 22  ? -15.184 -12.288 -13.687 1.00 20.61 ? 244  THR A CG2 1 
ATOM   157  N  N   . ASP A 1 23  ? -13.016 -12.527 -9.743  1.00 24.37 ? 245  ASP A N   1 
ATOM   158  C  CA  . ASP A 1 23  ? -12.179 -13.171 -8.748  1.00 25.92 ? 245  ASP A CA  1 
ATOM   159  C  C   . ASP A 1 23  ? -11.799 -14.573 -9.249  1.00 24.92 ? 245  ASP A C   1 
ATOM   160  O  O   . ASP A 1 23  ? -10.737 -15.095 -8.915  1.00 26.09 ? 245  ASP A O   1 
ATOM   161  C  CB  . ASP A 1 23  ? -12.923 -13.259 -7.415  1.00 26.71 ? 245  ASP A CB  1 
ATOM   162  C  CG  . ASP A 1 23  ? -14.181 -14.127 -7.485  1.00 33.62 ? 245  ASP A CG  1 
ATOM   163  O  OD1 . ASP A 1 23  ? -14.733 -14.357 -8.592  1.00 34.14 ? 245  ASP A OD1 1 
ATOM   164  O  OD2 . ASP A 1 23  ? -14.632 -14.562 -6.403  1.00 38.04 ? 245  ASP A OD2 1 
ATOM   165  N  N   . ALA A 1 24  ? -12.666 -15.183 -10.055 1.00 27.65 ? 246  ALA A N   1 
ATOM   166  C  CA  . ALA A 1 24  ? -12.372 -16.511 -10.612 1.00 27.54 ? 246  ALA A CA  1 
ATOM   167  C  C   . ALA A 1 24  ? -11.127 -16.441 -11.506 1.00 23.48 ? 246  ALA A C   1 
ATOM   168  O  O   . ALA A 1 24  ? -10.282 -17.334 -11.473 1.00 26.10 ? 246  ALA A O   1 
ATOM   169  C  CB  . ALA A 1 24  ? -13.584 -17.038 -11.436 1.00 28.22 ? 246  ALA A CB  1 
ATOM   170  N  N   . SER A 1 25  ? -11.015 -15.392 -12.313 1.00 22.43 ? 247  SER A N   1 
ATOM   171  C  CA  . SER A 1 25  ? -9.860  -15.244 -13.204 1.00 23.98 ? 247  SER A CA  1 
ATOM   172  C  C   . SER A 1 25  ? -8.550  -15.232 -12.387 1.00 25.76 ? 247  SER A C   1 
ATOM   173  O  O   . SER A 1 25  ? -7.473  -15.593 -12.889 1.00 25.45 ? 247  SER A O   1 
ATOM   174  C  CB  . SER A 1 25  ? -9.964  -13.943 -14.015 1.00 26.63 ? 247  SER A CB  1 
ATOM   175  O  OG  . SER A 1 25  ? -9.724  -12.793 -13.207 1.00 25.98 ? 247  SER A OG  1 
ATOM   176  N  N   . MET A 1 26  ? -8.651  -14.839 -11.122 1.00 23.98 ? 248  MET A N   1 
ATOM   177  C  CA  . MET A 1 26  ? -7.474  -14.767 -10.254 1.00 23.28 ? 248  MET A CA  1 
ATOM   178  C  C   . MET A 1 26  ? -7.383  -15.946 -9.298  1.00 31.03 ? 248  MET A C   1 
ATOM   179  O  O   . MET A 1 26  ? -6.624  -15.910 -8.320  1.00 29.31 ? 248  MET A O   1 
ATOM   180  C  CB  . MET A 1 26  ? -7.492  -13.456 -9.451  1.00 27.18 ? 248  MET A CB  1 
ATOM   181  C  CG  . MET A 1 26  ? -7.510  -12.192 -10.309 1.00 24.30 ? 248  MET A CG  1 
ATOM   182  S  SD  . MET A 1 26  ? -6.038  -12.060 -11.341 1.00 26.72 ? 248  MET A SD  1 
ATOM   183  C  CE  . MET A 1 26  ? -4.820  -11.906 -10.085 1.00 25.85 ? 248  MET A CE  1 
ATOM   184  N  N   . ALA A 1 27  ? -8.151  -17.000 -9.565  1.00 29.20 ? 249  ALA A N   1 
ATOM   185  C  CA  . ALA A 1 27  ? -8.099  -18.153 -8.690  1.00 35.32 ? 249  ALA A CA  1 
ATOM   186  C  C   . ALA A 1 27  ? -6.675  -18.686 -8.769  1.00 33.60 ? 249  ALA A C   1 
ATOM   187  O  O   . ALA A 1 27  ? -6.046  -18.678 -9.831  1.00 43.97 ? 249  ALA A O   1 
ATOM   188  C  CB  . ALA A 1 27  ? -9.109  -19.219 -9.147  1.00 38.11 ? 249  ALA A CB  1 
ATOM   189  N  N   . GLY A 1 28  ? -6.158  -19.157 -7.653  1.00 35.28 ? 250  GLY A N   1 
ATOM   190  C  CA  . GLY A 1 28  ? -4.802  -19.652 -7.678  1.00 30.59 ? 250  GLY A CA  1 
ATOM   191  C  C   . GLY A 1 28  ? -3.866  -18.567 -7.195  1.00 28.69 ? 250  GLY A C   1 
ATOM   192  O  O   . GLY A 1 28  ? -2.716  -18.843 -6.862  1.00 29.40 ? 250  GLY A O   1 
ATOM   193  N  N   . GLN A 1 29  ? -4.350  -17.325 -7.192  1.00 28.24 ? 251  GLN A N   1 
ATOM   194  C  CA  . GLN A 1 29  ? -3.539  -16.193 -6.712  1.00 25.75 ? 251  GLN A CA  1 
ATOM   195  C  C   . GLN A 1 29  ? -4.085  -15.552 -5.464  1.00 22.55 ? 251  GLN A C   1 
ATOM   196  O  O   . GLN A 1 29  ? -3.335  -15.049 -4.639  1.00 26.77 ? 251  GLN A O   1 
ATOM   197  C  CB  . GLN A 1 29  ? -3.432  -15.099 -7.771  1.00 22.12 ? 251  GLN A CB  1 
ATOM   198  C  CG  . GLN A 1 29  ? -2.604  -15.501 -8.959  1.00 21.28 ? 251  GLN A CG  1 
ATOM   199  C  CD  . GLN A 1 29  ? -2.255  -14.312 -9.796  1.00 31.69 ? 251  GLN A CD  1 
ATOM   200  O  OE1 . GLN A 1 29  ? -1.821  -13.280 -9.269  1.00 33.05 ? 251  GLN A OE1 1 
ATOM   201  N  NE2 . GLN A 1 29  ? -2.436  -14.430 -11.107 1.00 30.52 ? 251  GLN A NE2 1 
ATOM   202  N  N   . LEU A 1 30  ? -5.399  -15.536 -5.342  1.00 25.47 ? 252  LEU A N   1 
ATOM   203  C  CA  . LEU A 1 30  ? -6.021  -14.911 -4.190  1.00 23.60 ? 252  LEU A CA  1 
ATOM   204  C  C   . LEU A 1 30  ? -5.836  -15.746 -2.938  1.00 26.18 ? 252  LEU A C   1 
ATOM   205  O  O   . LEU A 1 30  ? -5.993  -16.964 -2.964  1.00 26.50 ? 252  LEU A O   1 
ATOM   206  C  CB  . LEU A 1 30  ? -7.502  -14.674 -4.469  1.00 26.38 ? 252  LEU A CB  1 
ATOM   207  C  CG  . LEU A 1 30  ? -7.840  -13.457 -5.346  1.00 26.77 ? 252  LEU A CG  1 
ATOM   208  C  CD1 . LEU A 1 30  ? -9.260  -13.596 -5.914  1.00 26.83 ? 252  LEU A CD1 1 
ATOM   209  C  CD2 . LEU A 1 30  ? -7.716  -12.185 -4.539  1.00 25.29 ? 252  LEU A CD2 1 
ATOM   210  N  N   . VAL A 1 31  ? -5.469  -15.107 -1.834  1.00 24.91 ? 253  VAL A N   1 
ATOM   211  C  CA  . VAL A 1 31  ? -5.321  -15.859 -0.596  1.00 28.99 ? 253  VAL A CA  1 
ATOM   212  C  C   . VAL A 1 31  ? -6.115  -15.164 0.504   1.00 32.14 ? 253  VAL A C   1 
ATOM   213  O  O   . VAL A 1 31  ? -6.256  -13.944 0.493   1.00 25.28 ? 253  VAL A O   1 
ATOM   214  C  CB  . VAL A 1 31  ? -3.845  -15.973 -0.162  1.00 30.67 ? 253  VAL A CB  1 
ATOM   215  C  CG1 . VAL A 1 31  ? -3.007  -16.450 -1.320  1.00 31.21 ? 253  VAL A CG1 1 
ATOM   216  C  CG2 . VAL A 1 31  ? -3.333  -14.647 0.374   1.00 32.05 ? 253  VAL A CG2 1 
ATOM   217  N  N   . ASP A 1 32  ? -6.660  -15.936 1.438   1.00 31.82 ? 254  ASP A N   1 
ATOM   218  C  CA  . ASP A 1 32  ? -7.409  -15.338 2.548   1.00 30.99 ? 254  ASP A CA  1 
ATOM   219  C  C   . ASP A 1 32  ? -6.445  -14.565 3.438   1.00 30.56 ? 254  ASP A C   1 
ATOM   220  O  O   . ASP A 1 32  ? -5.298  -14.951 3.607   1.00 27.26 ? 254  ASP A O   1 
ATOM   221  C  CB  . ASP A 1 32  ? -8.094  -16.425 3.384   1.00 31.74 ? 254  ASP A CB  1 
ATOM   222  C  CG  . ASP A 1 32  ? -9.052  -17.243 2.571   1.00 34.87 ? 254  ASP A CG  1 
ATOM   223  O  OD1 . ASP A 1 32  ? -10.001 -16.655 2.005   1.00 38.81 ? 254  ASP A OD1 1 
ATOM   224  O  OD2 . ASP A 1 32  ? -8.848  -18.468 2.475   1.00 43.67 ? 254  ASP A OD2 1 
ATOM   225  N  N   . VAL A 1 33  ? -6.913  -13.466 4.015   1.00 32.48 ? 255  VAL A N   1 
ATOM   226  C  CA  . VAL A 1 33  ? -6.055  -12.694 4.892   1.00 30.68 ? 255  VAL A CA  1 
ATOM   227  C  C   . VAL A 1 33  ? -5.948  -13.391 6.247   1.00 37.14 ? 255  VAL A C   1 
ATOM   228  O  O   . VAL A 1 33  ? -6.950  -13.905 6.759   1.00 35.52 ? 255  VAL A O   1 
ATOM   229  C  CB  . VAL A 1 33  ? -6.628  -11.271 5.122   1.00 28.75 ? 255  VAL A CB  1 
ATOM   230  C  CG1 . VAL A 1 33  ? -5.903  -10.598 6.289   1.00 27.41 ? 255  VAL A CG1 1 
ATOM   231  C  CG2 . VAL A 1 33  ? -6.473  -10.438 3.855   1.00 30.90 ? 255  VAL A CG2 1 
ATOM   232  N  N   . ARG A 1 34  ? -4.742  -13.438 6.814   1.00 33.08 ? 256  ARG A N   1 
ATOM   233  C  CA  . ARG A 1 34  ? -4.568  -14.023 8.142   1.00 39.14 ? 256  ARG A CA  1 
ATOM   234  C  C   . ARG A 1 34  ? -4.090  -12.909 9.059   1.00 38.15 ? 256  ARG A C   1 
ATOM   235  O  O   . ARG A 1 34  ? -3.220  -12.126 8.681   1.00 29.85 ? 256  ARG A O   1 
ATOM   236  C  CB  . ARG A 1 34  ? -3.553  -15.160 8.123   1.00 42.37 ? 256  ARG A CB  1 
ATOM   237  C  CG  . ARG A 1 34  ? -2.281  -14.826 7.415   1.00 50.48 ? 256  ARG A CG  1 
ATOM   238  C  CD  . ARG A 1 34  ? -1.586  -16.103 6.986   1.00 52.62 ? 256  ARG A CD  1 
ATOM   239  N  NE  . ARG A 1 34  ? -0.968  -16.803 8.107   1.00 55.12 ? 256  ARG A NE  1 
ATOM   240  C  CZ  . ARG A 1 34  ? 0.084   -16.342 8.777   1.00 56.32 ? 256  ARG A CZ  1 
ATOM   241  N  NH1 . ARG A 1 34  ? 0.631   -15.172 8.444   1.00 50.92 ? 256  ARG A NH1 1 
ATOM   242  N  NH2 . ARG A 1 34  ? 0.604   -17.061 9.762   1.00 53.02 ? 256  ARG A NH2 1 
ATOM   243  N  N   . PRO A 1 35  ? -4.671  -12.804 10.269  1.00 37.70 ? 257  PRO A N   1 
ATOM   244  C  CA  . PRO A 1 35  ? -4.254  -11.750 11.198  1.00 38.33 ? 257  PRO A CA  1 
ATOM   245  C  C   . PRO A 1 35  ? -2.760  -11.716 11.507  1.00 36.65 ? 257  PRO A C   1 
ATOM   246  O  O   . PRO A 1 35  ? -2.235  -10.674 11.885  1.00 37.87 ? 257  PRO A O   1 
ATOM   247  C  CB  . PRO A 1 35  ? -5.120  -12.001 12.437  1.00 38.97 ? 257  PRO A CB  1 
ATOM   248  C  CG  . PRO A 1 35  ? -5.526  -13.462 12.312  1.00 33.85 ? 257  PRO A CG  1 
ATOM   249  C  CD  . PRO A 1 35  ? -5.773  -13.599 10.836  1.00 39.44 ? 257  PRO A CD  1 
ATOM   250  N  N   . GLU A 1 36  ? -2.072  -12.837 11.329  1.00 34.22 ? 258  GLU A N   1 
ATOM   251  C  CA  . GLU A 1 36  ? -0.629  -12.879 11.585  1.00 33.35 ? 258  GLU A CA  1 
ATOM   252  C  C   . GLU A 1 36  ? 0.155   -12.213 10.447  1.00 33.05 ? 258  GLU A C   1 
ATOM   253  O  O   . GLU A 1 36  ? 1.377   -12.004 10.538  1.00 31.77 ? 258  GLU A O   1 
ATOM   254  C  CB  . GLU A 1 36  ? -0.136  -14.320 11.716  1.00 41.49 ? 258  GLU A CB  1 
ATOM   255  C  CG  . GLU A 1 36  ? -0.828  -15.163 12.787  1.00 48.15 ? 258  GLU A CG  1 
ATOM   256  C  CD  . GLU A 1 36  ? -2.297  -15.447 12.478  1.00 54.37 ? 258  GLU A CD  1 
ATOM   257  O  OE1 . GLU A 1 36  ? -2.641  -15.634 11.283  1.00 47.67 ? 258  GLU A OE1 1 
ATOM   258  O  OE2 . GLU A 1 36  ? -3.104  -15.501 13.442  1.00 55.09 ? 258  GLU A OE2 1 
ATOM   259  N  N   . GLY A 1 37  ? -0.533  -11.879 9.368   1.00 23.95 ? 259  GLY A N   1 
ATOM   260  C  CA  . GLY A 1 37  ? 0.177   -11.261 8.262   1.00 29.47 ? 259  GLY A CA  1 
ATOM   261  C  C   . GLY A 1 37  ? 0.405   -9.766  8.408   1.00 28.85 ? 259  GLY A C   1 
ATOM   262  O  O   . GLY A 1 37  ? -0.425  -9.064  8.979   1.00 29.32 ? 259  GLY A O   1 
ATOM   263  N  N   . ILE A 1 38  ? 1.521   -9.259  7.879   1.00 28.31 ? 260  ILE A N   1 
ATOM   264  C  CA  . ILE A 1 38  ? 1.745   -7.817  7.960   1.00 26.68 ? 260  ILE A CA  1 
ATOM   265  C  C   . ILE A 1 38  ? 0.991   -6.996  6.924   1.00 29.49 ? 260  ILE A C   1 
ATOM   266  O  O   . ILE A 1 38  ? 0.883   -7.376  5.749   1.00 26.90 ? 260  ILE A O   1 
ATOM   267  C  CB  . ILE A 1 38  ? 3.242   -7.429  7.860   1.00 22.99 ? 260  ILE A CB  1 
ATOM   268  C  CG1 . ILE A 1 38  ? 3.911   -8.051  6.624   1.00 24.59 ? 260  ILE A CG1 1 
ATOM   269  C  CG2 . ILE A 1 38  ? 3.935   -7.810  9.155   1.00 20.29 ? 260  ILE A CG2 1 
ATOM   270  C  CD1 . ILE A 1 38  ? 5.285   -7.392  6.263   1.00 19.74 ? 260  ILE A CD1 1 
ATOM   271  N  N   . LEU A 1 39  ? 0.423   -5.885  7.379   1.00 24.86 ? 261  LEU A N   1 
ATOM   272  C  CA  . LEU A 1 39  ? -0.249  -4.957  6.483   1.00 26.15 ? 261  LEU A CA  1 
ATOM   273  C  C   . LEU A 1 39  ? 1.012   -4.285  5.944   1.00 25.16 ? 261  LEU A C   1 
ATOM   274  O  O   . LEU A 1 39  ? 1.731   -3.624  6.685   1.00 22.47 ? 261  LEU A O   1 
ATOM   275  C  CB  . LEU A 1 39  ? -1.120  -3.982  7.287   1.00 24.43 ? 261  LEU A CB  1 
ATOM   276  C  CG  . LEU A 1 39  ? -1.949  -2.987  6.479   1.00 26.14 ? 261  LEU A CG  1 
ATOM   277  C  CD1 . LEU A 1 39  ? -3.088  -2.414  7.329   1.00 25.93 ? 261  LEU A CD1 1 
ATOM   278  C  CD2 . LEU A 1 39  ? -1.031  -1.869  5.983   1.00 23.70 ? 261  LEU A CD2 1 
ATOM   279  N  N   . LYS A 1 40  ? 1.302   -4.492  4.660   1.00 25.33 ? 262  LYS A N   1 
ATOM   280  C  CA  . LYS A 1 40  ? 2.547   -3.978  4.082   1.00 19.35 ? 262  LYS A CA  1 
ATOM   281  C  C   . LYS A 1 40  ? 2.350   -3.210  2.789   1.00 22.24 ? 262  LYS A C   1 
ATOM   282  O  O   . LYS A 1 40  ? 1.222   -3.030  2.328   1.00 20.41 ? 262  LYS A O   1 
ATOM   283  C  CB  . LYS A 1 40  ? 3.500   -5.150  3.838   1.00 19.56 ? 262  LYS A CB  1 
ATOM   284  C  CG  . LYS A 1 40  ? 2.851   -6.229  2.970   1.00 22.27 ? 262  LYS A CG  1 
ATOM   285  C  CD  . LYS A 1 40  ? 3.858   -7.246  2.435   1.00 19.95 ? 262  LYS A CD  1 
ATOM   286  C  CE  . LYS A 1 40  ? 4.491   -6.770  1.149   1.00 18.49 ? 262  LYS A CE  1 
ATOM   287  N  NZ  . LYS A 1 40  ? 5.649   -7.621  0.749   1.00 22.31 ? 262  LYS A NZ  1 
ATOM   288  N  N   . CYS A 1 41  ? 3.457   -2.803  2.173   1.00 19.78 ? 263  CYS A N   1 
ATOM   289  C  CA  . CYS A 1 41  ? 3.386   -2.009  0.949   1.00 18.96 ? 263  CYS A CA  1 
ATOM   290  C  C   . CYS A 1 41  ? 2.950   -2.719  -0.345  1.00 24.85 ? 263  CYS A C   1 
ATOM   291  O  O   . CYS A 1 41  ? 3.021   -3.950  -0.451  1.00 19.12 ? 263  CYS A O   1 
ATOM   292  C  CB  . CYS A 1 41  ? 4.730   -1.306  0.730   1.00 17.61 ? 263  CYS A CB  1 
ATOM   293  S  SG  . CYS A 1 41  ? 4.758   -0.047  -0.583  1.00 18.33 ? 263  CYS A SG  1 
ATOM   294  N  N   . VAL A 1 42  ? 2.517   -1.901  -1.314  1.00 20.52 ? 264  VAL A N   1 
ATOM   295  C  CA  . VAL A 1 42  ? 2.038   -2.333  -2.625  1.00 18.60 ? 264  VAL A CA  1 
ATOM   296  C  C   . VAL A 1 42  ? 3.179   -2.762  -3.536  1.00 19.15 ? 264  VAL A C   1 
ATOM   297  O  O   . VAL A 1 42  ? 2.953   -3.312  -4.616  1.00 17.09 ? 264  VAL A O   1 
ATOM   298  C  CB  . VAL A 1 42  ? 1.270   -1.197  -3.338  1.00 20.59 ? 264  VAL A CB  1 
ATOM   299  C  CG1 . VAL A 1 42  ? 0.045   -0.777  -2.522  1.00 19.89 ? 264  VAL A CG1 1 
ATOM   300  C  CG2 . VAL A 1 42  ? 2.172   -0.006  -3.515  1.00 17.25 ? 264  VAL A CG2 1 
ATOM   301  N  N   . ASP A 1 43  ? 4.404   -2.496  -3.076  1.00 19.13 ? 265  ASP A N   1 
ATOM   302  C  CA  . ASP A 1 43  ? 5.666   -2.818  -3.748  1.00 18.12 ? 265  ASP A CA  1 
ATOM   303  C  C   . ASP A 1 43  ? 5.604   -4.240  -4.361  1.00 21.10 ? 265  ASP A C   1 
ATOM   304  O  O   . ASP A 1 43  ? 5.221   -5.196  -3.695  1.00 14.51 ? 265  ASP A O   1 
ATOM   305  C  CB  . ASP A 1 43  ? 6.778   -2.722  -2.691  1.00 22.62 ? 265  ASP A CB  1 
ATOM   306  C  CG  . ASP A 1 43  ? 8.160   -2.566  -3.292  1.00 23.64 ? 265  ASP A CG  1 
ATOM   307  O  OD1 . ASP A 1 43  ? 8.497   -3.370  -4.179  1.00 19.81 ? 265  ASP A OD1 1 
ATOM   308  O  OD2 . ASP A 1 43  ? 8.910   -1.645  -2.880  1.00 24.63 ? 265  ASP A OD2 1 
ATOM   309  N  N   . GLY A 1 44  ? 6.005   -4.395  -5.616  1.00 17.09 ? 266  GLY A N   1 
ATOM   310  C  CA  . GLY A 1 44  ? 5.944   -5.722  -6.227  1.00 16.47 ? 266  GLY A CA  1 
ATOM   311  C  C   . GLY A 1 44  ? 7.153   -6.611  -6.010  1.00 19.42 ? 266  GLY A C   1 
ATOM   312  O  O   . GLY A 1 44  ? 7.162   -7.768  -6.430  1.00 20.27 ? 266  GLY A O   1 
ATOM   313  N  N   . ARG A 1 45  ? 8.179   -6.095  -5.343  1.00 20.72 ? 267  ARG A N   1 
ATOM   314  C  CA  . ARG A 1 45  ? 9.397   -6.888  -5.131  1.00 21.91 ? 267  ARG A CA  1 
ATOM   315  C  C   . ARG A 1 45  ? 9.356   -7.939  -4.037  1.00 19.86 ? 267  ARG A C   1 
ATOM   316  O  O   . ARG A 1 45  ? 8.475   -7.929  -3.166  1.00 23.81 ? 267  ARG A O   1 
ATOM   317  C  CB  . ARG A 1 45  ? 10.575  -5.961  -4.841  1.00 22.78 ? 267  ARG A CB  1 
ATOM   318  C  CG  . ARG A 1 45  ? 10.953  -5.079  -6.004  1.00 20.26 ? 267  ARG A CG  1 
ATOM   319  C  CD  . ARG A 1 45  ? 11.981  -4.036  -5.574  1.00 22.66 ? 267  ARG A CD  1 
ATOM   320  N  NE  . ARG A 1 45  ? 11.444  -3.118  -4.572  1.00 21.23 ? 267  ARG A NE  1 
ATOM   321  C  CZ  . ARG A 1 45  ? 12.191  -2.257  -3.882  1.00 22.43 ? 267  ARG A CZ  1 
ATOM   322  N  NH1 . ARG A 1 45  ? 13.501  -2.214  -4.081  1.00 22.50 ? 267  ARG A NH1 1 
ATOM   323  N  NH2 . ARG A 1 45  ? 11.630  -1.427  -3.011  1.00 19.14 ? 267  ARG A NH2 1 
ATOM   324  N  N   . GLY A 1 46  ? 10.331  -8.847  -4.100  1.00 21.11 ? 268  GLY A N   1 
ATOM   325  C  CA  . GLY A 1 46  ? 10.486  -9.890  -3.093  1.00 22.49 ? 268  GLY A CA  1 
ATOM   326  C  C   . GLY A 1 46  ? 11.088  -9.208  -1.873  1.00 21.20 ? 268  GLY A C   1 
ATOM   327  O  O   . GLY A 1 46  ? 11.588  -8.075  -1.970  1.00 22.06 ? 268  GLY A O   1 
ATOM   328  N  N   . SER A 1 47  ? 11.034  -9.868  -0.719  1.00 27.16 ? 269  SER A N   1 
ATOM   329  C  CA  . SER A 1 47  ? 11.564  -9.256  0.493   1.00 24.88 ? 269  SER A CA  1 
ATOM   330  C  C   . SER A 1 47  ? 11.835  -10.308 1.580   1.00 29.71 ? 269  SER A C   1 
ATOM   331  O  O   . SER A 1 47  ? 11.774  -11.508 1.314   1.00 25.77 ? 269  SER A O   1 
ATOM   332  C  CB  . SER A 1 47  ? 10.552  -8.240  1.012   1.00 22.83 ? 269  SER A CB  1 
ATOM   333  O  OG  . SER A 1 47  ? 9.424   -8.916  1.552   1.00 22.20 ? 269  SER A OG  1 
ATOM   334  N  N   . ASP A 1 48  ? 12.111  -9.847  2.804   1.00 27.02 ? 270  ASP A N   1 
ATOM   335  C  CA  . ASP A 1 48  ? 12.378  -10.743 3.929   1.00 26.56 ? 270  ASP A CA  1 
ATOM   336  C  C   . ASP A 1 48  ? 11.124  -11.023 4.747   1.00 31.40 ? 270  ASP A C   1 
ATOM   337  O  O   . ASP A 1 48  ? 11.198  -11.600 5.837   1.00 29.43 ? 270  ASP A O   1 
ATOM   338  C  CB  . ASP A 1 48  ? 13.492  -10.170 4.851   1.00 29.96 ? 270  ASP A CB  1 
ATOM   339  C  CG  . ASP A 1 48  ? 13.149  -8.784  5.451   1.00 28.33 ? 270  ASP A CG  1 
ATOM   340  O  OD1 . ASP A 1 48  ? 11.980  -8.357  5.407   1.00 27.30 ? 270  ASP A OD1 1 
ATOM   341  O  OD2 . ASP A 1 48  ? 14.068  -8.128  5.996   1.00 26.54 ? 270  ASP A OD2 1 
ATOM   342  N  N   . ASN A 1 49  ? 9.963   -10.642 4.215   1.00 27.46 ? 271  ASN A N   1 
ATOM   343  C  CA  . ASN A 1 49  ? 8.707   -10.854 4.926   1.00 29.85 ? 271  ASN A CA  1 
ATOM   344  C  C   . ASN A 1 49  ? 8.493   -12.351 5.213   1.00 34.27 ? 271  ASN A C   1 
ATOM   345  O  O   . ASN A 1 49  ? 8.715   -13.189 4.333   1.00 30.96 ? 271  ASN A O   1 
ATOM   346  C  CB  . ASN A 1 49  ? 7.548   -10.303 4.087   1.00 28.11 ? 271  ASN A CB  1 
ATOM   347  C  CG  . ASN A 1 49  ? 6.223   -10.449 4.777   1.00 31.87 ? 271  ASN A CG  1 
ATOM   348  O  OD1 . ASN A 1 49  ? 6.156   -10.472 6.009   1.00 36.51 ? 271  ASN A OD1 1 
ATOM   349  N  ND2 . ASN A 1 49  ? 5.151   -10.532 3.997   1.00 24.42 ? 271  ASN A ND2 1 
ATOM   350  N  N   . THR A 1 50  ? 8.068   -12.667 6.442   1.00 30.24 ? 272  THR A N   1 
ATOM   351  C  CA  . THR A 1 50  ? 7.812   -14.045 6.866   1.00 30.21 ? 272  THR A CA  1 
ATOM   352  C  C   . THR A 1 50  ? 6.396   -14.106 7.388   1.00 32.13 ? 272  THR A C   1 
ATOM   353  O  O   . THR A 1 50  ? 5.975   -15.114 7.965   1.00 34.67 ? 272  THR A O   1 
ATOM   354  C  CB  . THR A 1 50  ? 8.749   -14.494 8.021   1.00 29.78 ? 272  THR A CB  1 
ATOM   355  O  OG1 . THR A 1 50  ? 8.651   -13.567 9.111   1.00 30.40 ? 272  THR A OG1 1 
ATOM   356  C  CG2 . THR A 1 50  ? 10.173  -14.575 7.565   1.00 31.17 ? 272  THR A CG2 1 
ATOM   357  N  N   . ARG A 1 51  ? 5.669   -13.013 7.177   1.00 27.07 ? 273  ARG A N   1 
ATOM   358  C  CA  . ARG A 1 51  ? 4.291   -12.875 7.629   1.00 32.28 ? 273  ARG A CA  1 
ATOM   359  C  C   . ARG A 1 51  ? 3.388   -12.518 6.450   1.00 34.17 ? 273  ARG A C   1 
ATOM   360  O  O   . ARG A 1 51  ? 3.002   -11.356 6.270   1.00 29.21 ? 273  ARG A O   1 
ATOM   361  C  CB  . ARG A 1 51  ? 4.229   -11.793 8.714   1.00 30.74 ? 273  ARG A CB  1 
ATOM   362  C  CG  . ARG A 1 51  ? 5.171   -12.074 9.891   1.00 37.33 ? 273  ARG A CG  1 
ATOM   363  C  CD  . ARG A 1 51  ? 5.378   -10.842 10.781  1.00 33.23 ? 273  ARG A CD  1 
ATOM   364  N  NE  . ARG A 1 51  ? 6.176   -11.135 11.970  1.00 39.46 ? 273  ARG A NE  1 
ATOM   365  C  CZ  . ARG A 1 51  ? 7.508   -11.144 12.028  1.00 41.15 ? 273  ARG A CZ  1 
ATOM   366  N  NH1 . ARG A 1 51  ? 8.247   -10.870 10.961  1.00 33.42 ? 273  ARG A NH1 1 
ATOM   367  N  NH2 . ARG A 1 51  ? 8.107   -11.435 13.177  1.00 45.20 ? 273  ARG A NH2 1 
ATOM   368  N  N   . MET A 1 52  ? 3.050   -13.541 5.662   1.00 29.10 ? 274  MET A N   1 
ATOM   369  C  CA  . MET A 1 52  ? 2.227   -13.400 4.474   1.00 25.33 ? 274  MET A CA  1 
ATOM   370  C  C   . MET A 1 52  ? 0.746   -13.285 4.825   1.00 28.35 ? 274  MET A C   1 
ATOM   371  O  O   . MET A 1 52  ? 0.333   -13.449 5.970   1.00 30.10 ? 274  MET A O   1 
ATOM   372  C  CB  . MET A 1 52  ? 2.400   -14.631 3.556   1.00 28.21 ? 274  MET A CB  1 
ATOM   373  C  CG  . MET A 1 52  ? 3.824   -15.084 3.273   1.00 33.16 ? 274  MET A CG  1 
ATOM   374  S  SD  . MET A 1 52  ? 4.817   -14.036 2.171   1.00 55.09 ? 274  MET A SD  1 
ATOM   375  C  CE  . MET A 1 52  ? 4.226   -14.590 0.499   1.00 42.37 ? 274  MET A CE  1 
ATOM   376  N  N   . GLY A 1 53  ? -0.059  -13.000 3.822   1.00 23.10 ? 275  GLY A N   1 
ATOM   377  C  CA  . GLY A 1 53  ? -1.491  -12.908 4.056   1.00 28.95 ? 275  GLY A CA  1 
ATOM   378  C  C   . GLY A 1 53  ? -2.006  -11.604 4.619   1.00 29.26 ? 275  GLY A C   1 
ATOM   379  O  O   . GLY A 1 53  ? -3.171  -11.522 4.998   1.00 33.82 ? 275  GLY A O   1 
ATOM   380  N  N   . GLY A 1 54  ? -1.152  -10.584 4.674   1.00 28.76 ? 276  GLY A N   1 
ATOM   381  C  CA  . GLY A 1 54  ? -1.586  -9.291  5.178   1.00 29.54 ? 276  GLY A CA  1 
ATOM   382  C  C   . GLY A 1 54  ? -2.032  -8.398  4.028   1.00 29.03 ? 276  GLY A C   1 
ATOM   383  O  O   . GLY A 1 54  ? -1.677  -8.648  2.864   1.00 26.00 ? 276  GLY A O   1 
ATOM   384  N  N   . PRO A 1 55  ? -2.826  -7.353  4.317   1.00 26.63 ? 277  PRO A N   1 
ATOM   385  C  CA  . PRO A 1 55  ? -3.321  -6.426  3.297   1.00 25.41 ? 277  PRO A CA  1 
ATOM   386  C  C   . PRO A 1 55  ? -2.223  -5.524  2.742   1.00 23.08 ? 277  PRO A C   1 
ATOM   387  O  O   . PRO A 1 55  ? -1.230  -5.281  3.407   1.00 22.76 ? 277  PRO A O   1 
ATOM   388  C  CB  . PRO A 1 55  ? -4.418  -5.655  4.033   1.00 29.23 ? 277  PRO A CB  1 
ATOM   389  C  CG  . PRO A 1 55  ? -3.893  -5.631  5.446   1.00 31.04 ? 277  PRO A CG  1 
ATOM   390  C  CD  . PRO A 1 55  ? -3.386  -7.033  5.644   1.00 24.52 ? 277  PRO A CD  1 
ATOM   391  N  N   . LYS A 1 56  ? -2.424  -5.043  1.515   1.00 22.38 ? 278  LYS A N   1 
ATOM   392  C  CA  . LYS A 1 56  ? -1.457  -4.181  0.842   1.00 22.86 ? 278  LYS A CA  1 
ATOM   393  C  C   . LYS A 1 56  ? -1.981  -2.763  0.692   1.00 19.03 ? 278  LYS A C   1 
ATOM   394  O  O   . LYS A 1 56  ? -3.050  -2.558  0.143   1.00 24.51 ? 278  LYS A O   1 
ATOM   395  C  CB  . LYS A 1 56  ? -1.154  -4.737  -0.559  1.00 22.80 ? 278  LYS A CB  1 
ATOM   396  C  CG  . LYS A 1 56  ? -0.857  -6.229  -0.594  1.00 21.52 ? 278  LYS A CG  1 
ATOM   397  C  CD  . LYS A 1 56  ? 0.337   -6.611  0.281   1.00 17.20 ? 278  LYS A CD  1 
ATOM   398  C  CE  . LYS A 1 56  ? 0.733   -8.075  0.050   1.00 21.40 ? 278  LYS A CE  1 
ATOM   399  N  NZ  . LYS A 1 56  ? -0.389  -9.042  0.383   1.00 21.93 ? 278  LYS A NZ  1 
ATOM   400  N  N   . MET A 1 57  ? -1.215  -1.785  1.175   1.00 17.88 ? 279  MET A N   1 
ATOM   401  C  CA  . MET A 1 57  ? -1.569  -0.377  1.079   1.00 13.24 ? 279  MET A CA  1 
ATOM   402  C  C   . MET A 1 57  ? -0.263  0.390   0.799   1.00 16.41 ? 279  MET A C   1 
ATOM   403  O  O   . MET A 1 57  ? 0.786   -0.024  1.250   1.00 18.59 ? 279  MET A O   1 
ATOM   404  C  CB  . MET A 1 57  ? -2.153  0.151   2.406   1.00 17.79 ? 279  MET A CB  1 
ATOM   405  C  CG  . MET A 1 57  ? -3.359  -0.582  2.940   1.00 30.89 ? 279  MET A CG  1 
ATOM   406  S  SD  . MET A 1 57  ? -4.050  0.379   4.327   1.00 32.00 ? 279  MET A SD  1 
ATOM   407  C  CE  . MET A 1 57  ? -2.615  0.779   5.189   1.00 42.21 ? 279  MET A CE  1 
ATOM   408  N  N   . PRO A 1 58  ? -0.324  1.517   0.063   1.00 18.14 ? 280  PRO A N   1 
ATOM   409  C  CA  . PRO A 1 58  ? 0.892   2.287   -0.245  1.00 22.57 ? 280  PRO A CA  1 
ATOM   410  C  C   . PRO A 1 58  ? 1.704   2.629   1.006   1.00 18.35 ? 280  PRO A C   1 
ATOM   411  O  O   . PRO A 1 58  ? 1.185   3.246   1.924   1.00 21.74 ? 280  PRO A O   1 
ATOM   412  C  CB  . PRO A 1 58  ? 0.332   3.530   -0.929  1.00 18.80 ? 280  PRO A CB  1 
ATOM   413  C  CG  . PRO A 1 58  ? -0.832  2.975   -1.655  1.00 20.47 ? 280  PRO A CG  1 
ATOM   414  C  CD  . PRO A 1 58  ? -1.486  2.132   -0.587  1.00 17.72 ? 280  PRO A CD  1 
ATOM   415  N  N   . GLY A 1 59  ? 2.975   2.229   1.043   1.00 18.32 ? 281  GLY A N   1 
ATOM   416  C  CA  . GLY A 1 59  ? 3.794   2.512   2.218   1.00 16.69 ? 281  GLY A CA  1 
ATOM   417  C  C   . GLY A 1 59  ? 3.424   1.709   3.470   1.00 19.74 ? 281  GLY A C   1 
ATOM   418  O  O   . GLY A 1 59  ? 3.872   2.016   4.583   1.00 18.03 ? 281  GLY A O   1 
ATOM   419  N  N   . GLY A 1 60  ? 2.625   0.656   3.310   1.00 20.17 ? 282  GLY A N   1 
ATOM   420  C  CA  . GLY A 1 60  ? 2.248   -0.097  4.489   1.00 21.34 ? 282  GLY A CA  1 
ATOM   421  C  C   . GLY A 1 60  ? 1.305   0.783   5.304   1.00 21.40 ? 282  GLY A C   1 
ATOM   422  O  O   . GLY A 1 60  ? 0.376   1.385   4.741   1.00 21.42 ? 282  GLY A O   1 
ATOM   423  N  N   . ILE A 1 61  ? 1.539   0.884   6.609   1.00 23.45 ? 283  ILE A N   1 
ATOM   424  C  CA  . ILE A 1 61  ? 0.658   1.693   7.437   1.00 22.45 ? 283  ILE A CA  1 
ATOM   425  C  C   . ILE A 1 61  ? 0.732   3.186   7.128   1.00 23.29 ? 283  ILE A C   1 
ATOM   426  O  O   . ILE A 1 61  ? -0.162  3.931   7.504   1.00 22.34 ? 283  ILE A O   1 
ATOM   427  C  CB  . ILE A 1 61  ? 0.902   1.462   8.967   1.00 26.37 ? 283  ILE A CB  1 
ATOM   428  C  CG1 . ILE A 1 61  ? 2.292   1.926   9.378   1.00 25.41 ? 283  ILE A CG1 1 
ATOM   429  C  CG2 . ILE A 1 61  ? 0.681   -0.015  9.308   1.00 27.52 ? 283  ILE A CG2 1 
ATOM   430  C  CD1 . ILE A 1 61  ? 2.495   1.940   10.909  1.00 28.07 ? 283  ILE A CD1 1 
ATOM   431  N  N   . TYR A 1 62  ? 1.755   3.633   6.411   1.00 25.34 ? 284  TYR A N   1 
ATOM   432  C  CA  . TYR A 1 62  ? 1.820   5.055   6.086   1.00 25.75 ? 284  TYR A CA  1 
ATOM   433  C  C   . TYR A 1 62  ? 0.624   5.517   5.256   1.00 25.01 ? 284  TYR A C   1 
ATOM   434  O  O   . TYR A 1 62  ? 0.273   6.696   5.277   1.00 22.84 ? 284  TYR A O   1 
ATOM   435  C  CB  . TYR A 1 62  ? 3.097   5.396   5.330   1.00 22.78 ? 284  TYR A CB  1 
ATOM   436  C  CG  . TYR A 1 62  ? 4.366   5.348   6.143   1.00 26.14 ? 284  TYR A CG  1 
ATOM   437  C  CD1 . TYR A 1 62  ? 4.443   5.943   7.405   1.00 23.21 ? 284  TYR A CD1 1 
ATOM   438  C  CD2 . TYR A 1 62  ? 5.517   4.792   5.607   1.00 19.74 ? 284  TYR A CD2 1 
ATOM   439  C  CE1 . TYR A 1 62  ? 5.648   5.992   8.101   1.00 20.78 ? 284  TYR A CE1 1 
ATOM   440  C  CE2 . TYR A 1 62  ? 6.732   4.831   6.290   1.00 23.54 ? 284  TYR A CE2 1 
ATOM   441  C  CZ  . TYR A 1 62  ? 6.788   5.437   7.535   1.00 23.76 ? 284  TYR A CZ  1 
ATOM   442  O  OH  . TYR A 1 62  ? 7.987   5.481   8.195   1.00 23.62 ? 284  TYR A OH  1 
ATOM   443  N  N   . ALA A 1 63  ? 0.005   4.605   4.508   1.00 21.62 ? 285  ALA A N   1 
ATOM   444  C  CA  . ALA A 1 63  ? -1.153  4.982   3.729   1.00 19.12 ? 285  ALA A CA  1 
ATOM   445  C  C   . ALA A 1 63  ? -2.240  5.500   4.665   1.00 22.21 ? 285  ALA A C   1 
ATOM   446  O  O   . ALA A 1 63  ? -2.997  6.399   4.299   1.00 24.12 ? 285  ALA A O   1 
ATOM   447  C  CB  . ALA A 1 63  ? -1.707  3.776   2.933   1.00 18.10 ? 285  ALA A CB  1 
ATOM   448  N  N   . ILE A 1 64  ? -2.356  4.897   5.848   1.00 24.19 ? 286  ILE A N   1 
ATOM   449  C  CA  . ILE A 1 64  ? -3.397  5.329   6.788   1.00 23.91 ? 286  ILE A CA  1 
ATOM   450  C  C   . ILE A 1 64  ? -3.074  6.705   7.371   1.00 23.41 ? 286  ILE A C   1 
ATOM   451  O  O   . ILE A 1 64  ? -3.935  7.590   7.412   1.00 21.58 ? 286  ILE A O   1 
ATOM   452  C  CB  . ILE A 1 64  ? -3.580  4.284   7.902   1.00 24.25 ? 286  ILE A CB  1 
ATOM   453  C  CG1 . ILE A 1 64  ? -4.146  3.004   7.284   1.00 21.74 ? 286  ILE A CG1 1 
ATOM   454  C  CG2 . ILE A 1 64  ? -4.563  4.785   8.960   1.00 24.68 ? 286  ILE A CG2 1 
ATOM   455  C  CD1 . ILE A 1 64  ? -3.977  1.768   8.203   1.00 23.91 ? 286  ILE A CD1 1 
ATOM   456  N  N   . ALA A 1 65  ? -1.825  6.902   7.779   1.00 22.66 ? 287  ALA A N   1 
ATOM   457  C  CA  . ALA A 1 65  ? -1.426  8.200   8.329   1.00 21.63 ? 287  ALA A CA  1 
ATOM   458  C  C   . ALA A 1 65  ? -1.570  9.296   7.264   1.00 26.38 ? 287  ALA A C   1 
ATOM   459  O  O   . ALA A 1 65  ? -2.072  10.394  7.539   1.00 25.90 ? 287  ALA A O   1 
ATOM   460  C  CB  . ALA A 1 65  ? 0.001   8.133   8.823   1.00 21.06 ? 287  ALA A CB  1 
ATOM   461  N  N   . HIS A 1 66  ? -1.148  8.983   6.041   1.00 23.27 ? 288  HIS A N   1 
ATOM   462  C  CA  . HIS A 1 66  ? -1.212  9.921   4.925   1.00 22.36 ? 288  HIS A CA  1 
ATOM   463  C  C   . HIS A 1 66  ? -2.663  10.302  4.592   1.00 24.89 ? 288  HIS A C   1 
ATOM   464  O  O   . HIS A 1 66  ? -2.978  11.477  4.431   1.00 24.03 ? 288  HIS A O   1 
ATOM   465  C  CB  . HIS A 1 66  ? -0.440  9.271   3.749   1.00 16.38 ? 288  HIS A CB  1 
ATOM   466  C  CG  . HIS A 1 66  ? -0.494  10.008  2.439   1.00 20.28 ? 288  HIS A CG  1 
ATOM   467  N  ND1 . HIS A 1 66  ? -1.342  9.641   1.417   1.00 22.63 ? 288  HIS A ND1 1 
ATOM   468  C  CD2 . HIS A 1 66  ? 0.295   10.989  1.934   1.00 16.45 ? 288  HIS A CD2 1 
ATOM   469  C  CE1 . HIS A 1 66  ? -1.073  10.356  0.338   1.00 22.27 ? 288  HIS A CE1 1 
ATOM   470  N  NE2 . HIS A 1 66  ? -0.082  11.183  0.625   1.00 19.03 ? 288  HIS A NE2 1 
ATOM   471  N  N   . ASN A 1 67  ? -3.559  9.320   4.535   1.00 20.94 ? 289  ASN A N   1 
ATOM   472  C  CA  . ASN A 1 67  ? -4.969  9.581   4.211   1.00 17.74 ? 289  ASN A CA  1 
ATOM   473  C  C   . ASN A 1 67  ? -5.652  10.433  5.285   1.00 20.97 ? 289  ASN A C   1 
ATOM   474  O  O   . ASN A 1 67  ? -6.520  11.246  4.981   1.00 25.53 ? 289  ASN A O   1 
ATOM   475  C  CB  . ASN A 1 67  ? -5.710  8.242   4.070   1.00 18.90 ? 289  ASN A CB  1 
ATOM   476  C  CG  . ASN A 1 67  ? -7.161  8.414   3.653   1.00 21.04 ? 289  ASN A CG  1 
ATOM   477  O  OD1 . ASN A 1 67  ? -8.054  8.460   4.496   1.00 26.85 ? 289  ASN A OD1 1 
ATOM   478  N  ND2 . ASN A 1 67  ? -7.403  8.512   2.353   1.00 17.37 ? 289  ASN A ND2 1 
ATOM   479  N  N   . ARG A 1 68  ? -5.251  10.240  6.533   1.00 22.12 ? 290  ARG A N   1 
ATOM   480  C  CA  . ARG A 1 68  ? -5.841  10.988  7.648   1.00 26.04 ? 290  ARG A CA  1 
ATOM   481  C  C   . ARG A 1 68  ? -5.104  12.292  7.954   1.00 31.97 ? 290  ARG A C   1 
ATOM   482  O  O   . ARG A 1 68  ? -5.553  13.089  8.791   1.00 31.17 ? 290  ARG A O   1 
ATOM   483  C  CB  . ARG A 1 68  ? -5.841  10.130  8.903   1.00 29.32 ? 290  ARG A CB  1 
ATOM   484  C  CG  . ARG A 1 68  ? -6.604  8.820   8.772   1.00 27.01 ? 290  ARG A CG  1 
ATOM   485  C  CD  . ARG A 1 68  ? -6.490  8.065   10.072  1.00 27.21 ? 290  ARG A CD  1 
ATOM   486  N  NE  . ARG A 1 68  ? -7.285  6.843   10.089  1.00 29.14 ? 290  ARG A NE  1 
ATOM   487  C  CZ  . ARG A 1 68  ? -7.129  5.873   10.988  1.00 27.84 ? 290  ARG A CZ  1 
ATOM   488  N  NH1 . ARG A 1 68  ? -6.213  5.996   11.941  1.00 25.17 ? 290  ARG A NH1 1 
ATOM   489  N  NH2 . ARG A 1 68  ? -7.874  4.771   10.923  1.00 33.55 ? 290  ARG A NH2 1 
ATOM   490  N  N   . GLY A 1 69  ? -3.984  12.512  7.279   1.00 26.01 ? 291  GLY A N   1 
ATOM   491  C  CA  . GLY A 1 69  ? -3.213  13.718  7.526   1.00 33.49 ? 291  GLY A CA  1 
ATOM   492  C  C   . GLY A 1 69  ? -2.445  13.680  8.837   1.00 33.91 ? 291  GLY A C   1 
ATOM   493  O  O   . GLY A 1 69  ? -2.112  14.731  9.396   1.00 35.15 ? 291  GLY A O   1 
ATOM   494  N  N   . VAL A 1 70  ? -2.168  12.479  9.335   1.00 31.02 ? 292  VAL A N   1 
ATOM   495  C  CA  . VAL A 1 70  ? -1.421  12.292  10.588  1.00 27.80 ? 292  VAL A CA  1 
ATOM   496  C  C   . VAL A 1 70  ? 0.077   12.366  10.264  1.00 29.56 ? 292  VAL A C   1 
ATOM   497  O  O   . VAL A 1 70  ? 0.595   11.565  9.483   1.00 27.95 ? 292  VAL A O   1 
ATOM   498  C  CB  . VAL A 1 70  ? -1.770  10.929  11.221  1.00 32.41 ? 292  VAL A CB  1 
ATOM   499  C  CG1 . VAL A 1 70  ? -0.873  10.651  12.419  1.00 31.48 ? 292  VAL A CG1 1 
ATOM   500  C  CG2 . VAL A 1 70  ? -3.244  10.908  11.638  1.00 34.73 ? 292  VAL A CG2 1 
ATOM   501  N  N   . THR A 1 71  ? 0.789   13.313  10.868  1.00 29.07 ? 293  THR A N   1 
ATOM   502  C  CA  . THR A 1 71  ? 2.198   13.505  10.533  1.00 30.81 ? 293  THR A CA  1 
ATOM   503  C  C   . THR A 1 71  ? 3.194   13.421  11.676  1.00 31.37 ? 293  THR A C   1 
ATOM   504  O  O   . THR A 1 71  ? 4.407   13.515  11.467  1.00 30.35 ? 293  THR A O   1 
ATOM   505  C  CB  . THR A 1 71  ? 2.379   14.873  9.853   1.00 33.58 ? 293  THR A CB  1 
ATOM   506  O  OG1 . THR A 1 71  ? 2.041   15.909  10.788  1.00 30.67 ? 293  THR A OG1 1 
ATOM   507  C  CG2 . THR A 1 71  ? 1.456   14.985  8.651   1.00 33.96 ? 293  THR A CG2 1 
ATOM   508  N  N   . SER A 1 72  ? 2.692   13.262  12.888  1.00 31.30 ? 294  SER A N   1 
ATOM   509  C  CA  . SER A 1 72  ? 3.571   13.193  14.035  1.00 30.17 ? 294  SER A CA  1 
ATOM   510  C  C   . SER A 1 72  ? 3.950   11.767  14.352  1.00 32.40 ? 294  SER A C   1 
ATOM   511  O  O   . SER A 1 72  ? 3.222   10.817  14.033  1.00 30.01 ? 294  SER A O   1 
ATOM   512  C  CB  . SER A 1 72  ? 2.894   13.797  15.259  1.00 31.00 ? 294  SER A CB  1 
ATOM   513  O  OG  . SER A 1 72  ? 1.836   12.966  15.682  1.00 33.22 ? 294  SER A OG  1 
ATOM   514  N  N   . ILE A 1 73  ? 5.097   11.631  14.996  1.00 26.86 ? 295  ILE A N   1 
ATOM   515  C  CA  . ILE A 1 73  ? 5.601   10.341  15.413  1.00 29.11 ? 295  ILE A CA  1 
ATOM   516  C  C   . ILE A 1 73  ? 4.618   9.688   16.376  1.00 31.77 ? 295  ILE A C   1 
ATOM   517  O  O   . ILE A 1 73  ? 4.424   8.475   16.357  1.00 33.15 ? 295  ILE A O   1 
ATOM   518  C  CB  . ILE A 1 73  ? 6.943   10.515  16.108  1.00 29.05 ? 295  ILE A CB  1 
ATOM   519  C  CG1 . ILE A 1 73  ? 8.029   10.721  15.059  1.00 32.10 ? 295  ILE A CG1 1 
ATOM   520  C  CG2 . ILE A 1 73  ? 7.219   9.341   17.024  1.00 25.92 ? 295  ILE A CG2 1 
ATOM   521  C  CD1 . ILE A 1 73  ? 8.245   9.523   14.171  1.00 33.33 ? 295  ILE A CD1 1 
ATOM   522  N  N   . GLU A 1 74  ? 3.996   10.500  17.226  1.00 34.96 ? 296  GLU A N   1 
ATOM   523  C  CA  . GLU A 1 74  ? 3.042   9.984   18.194  1.00 35.78 ? 296  GLU A CA  1 
ATOM   524  C  C   . GLU A 1 74  ? 1.809   9.459   17.470  1.00 34.31 ? 296  GLU A C   1 
ATOM   525  O  O   . GLU A 1 74  ? 1.261   8.414   17.825  1.00 34.86 ? 296  GLU A O   1 
ATOM   526  C  CB  . GLU A 1 74  ? 2.631   11.086  19.171  1.00 42.49 ? 296  GLU A CB  1 
ATOM   527  C  CG  . GLU A 1 74  ? 1.578   10.643  20.170  1.00 53.60 ? 296  GLU A CG  1 
ATOM   528  C  CD  . GLU A 1 74  ? 1.098   11.775  21.065  1.00 60.59 ? 296  GLU A CD  1 
ATOM   529  O  OE1 . GLU A 1 74  ? 0.326   11.490  22.009  1.00 65.26 ? 296  GLU A OE1 1 
ATOM   530  O  OE2 . GLU A 1 74  ? 1.485   12.944  20.825  1.00 63.92 ? 296  GLU A OE2 1 
ATOM   531  N  N   . GLY A 1 75  ? 1.374   10.201  16.459  1.00 33.02 ? 297  GLY A N   1 
ATOM   532  C  CA  . GLY A 1 75  ? 0.213   9.808   15.683  1.00 30.00 ? 297  GLY A CA  1 
ATOM   533  C  C   . GLY A 1 75  ? 0.525   8.508   14.961  1.00 30.84 ? 297  GLY A C   1 
ATOM   534  O  O   . GLY A 1 75  ? -0.355  7.646   14.821  1.00 28.44 ? 297  GLY A O   1 
ATOM   535  N  N   . LEU A 1 76  ? 1.779   8.362   14.527  1.00 25.50 ? 298  LEU A N   1 
ATOM   536  C  CA  . LEU A 1 76  ? 2.220   7.163   13.815  1.00 29.16 ? 298  LEU A CA  1 
ATOM   537  C  C   . LEU A 1 76  ? 2.190   5.926   14.707  1.00 32.41 ? 298  LEU A C   1 
ATOM   538  O  O   . LEU A 1 76  ? 1.778   4.862   14.270  1.00 29.19 ? 298  LEU A O   1 
ATOM   539  C  CB  . LEU A 1 76  ? 3.632   7.349   13.250  1.00 27.98 ? 298  LEU A CB  1 
ATOM   540  C  CG  . LEU A 1 76  ? 4.214   6.162   12.471  1.00 29.50 ? 298  LEU A CG  1 
ATOM   541  C  CD1 . LEU A 1 76  ? 3.362   5.871   11.233  1.00 28.66 ? 298  LEU A CD1 1 
ATOM   542  C  CD2 . LEU A 1 76  ? 5.656   6.473   12.076  1.00 25.39 ? 298  LEU A CD2 1 
ATOM   543  N  N   . LYS A 1 77  ? 2.639   6.067   15.952  1.00 31.41 ? 299  LYS A N   1 
ATOM   544  C  CA  . LYS A 1 77  ? 2.632   4.954   16.898  1.00 31.80 ? 299  LYS A CA  1 
ATOM   545  C  C   . LYS A 1 77  ? 1.183   4.569   17.214  1.00 30.54 ? 299  LYS A C   1 
ATOM   546  O  O   . LYS A 1 77  ? 0.852   3.389   17.373  1.00 29.90 ? 299  LYS A O   1 
ATOM   547  C  CB  . LYS A 1 77  ? 3.367   5.366   18.179  1.00 32.80 ? 299  LYS A CB  1 
ATOM   548  C  CG  . LYS A 1 77  ? 4.863   5.574   17.979  1.00 33.33 ? 299  LYS A CG  1 
ATOM   549  C  CD  . LYS A 1 77  ? 5.569   5.881   19.287  1.00 38.30 ? 299  LYS A CD  1 
ATOM   550  C  CE  . LYS A 1 77  ? 7.084   5.866   19.120  1.00 45.13 ? 299  LYS A CE  1 
ATOM   551  N  NZ  . LYS A 1 77  ? 7.811   5.734   20.425  1.00 48.91 ? 299  LYS A NZ  1 
ATOM   552  N  N   . GLN A 1 78  ? 0.316   5.576   17.290  1.00 32.57 ? 300  GLN A N   1 
ATOM   553  C  CA  . GLN A 1 78  ? -1.101  5.359   17.578  1.00 36.02 ? 300  GLN A CA  1 
ATOM   554  C  C   . GLN A 1 78  ? -1.769  4.525   16.469  1.00 35.12 ? 300  GLN A C   1 
ATOM   555  O  O   . GLN A 1 78  ? -2.620  3.660   16.744  1.00 34.87 ? 300  GLN A O   1 
ATOM   556  C  CB  . GLN A 1 78  ? -1.811  6.714   17.740  1.00 38.37 ? 300  GLN A CB  1 
ATOM   557  C  CG  . GLN A 1 78  ? -3.267  6.614   18.193  1.00 46.02 ? 300  GLN A CG  1 
ATOM   558  C  CD  . GLN A 1 78  ? -3.894  7.982   18.458  1.00 52.60 ? 300  GLN A CD  1 
ATOM   559  O  OE1 . GLN A 1 78  ? -3.935  8.844   17.575  1.00 56.64 ? 300  GLN A OE1 1 
ATOM   560  N  NE2 . GLN A 1 78  ? -4.382  8.185   19.678  1.00 53.25 ? 300  GLN A NE2 1 
ATOM   561  N  N   . ILE A 1 79  ? -1.389  4.788   15.220  1.00 31.29 ? 301  ILE A N   1 
ATOM   562  C  CA  . ILE A 1 79  ? -1.929  4.038   14.088  1.00 28.69 ? 301  ILE A CA  1 
ATOM   563  C  C   . ILE A 1 79  ? -1.368  2.609   14.088  1.00 28.52 ? 301  ILE A C   1 
ATOM   564  O  O   . ILE A 1 79  ? -2.078  1.648   13.745  1.00 32.27 ? 301  ILE A O   1 
ATOM   565  C  CB  . ILE A 1 79  ? -1.607  4.787   12.766  1.00 31.11 ? 301  ILE A CB  1 
ATOM   566  C  CG1 . ILE A 1 79  ? -2.598  5.934   12.610  1.00 29.20 ? 301  ILE A CG1 1 
ATOM   567  C  CG2 . ILE A 1 79  ? -1.683  3.848   11.549  1.00 23.29 ? 301  ILE A CG2 1 
ATOM   568  C  CD1 . ILE A 1 79  ? -2.148  6.989   11.665  1.00 25.22 ? 301  ILE A CD1 1 
ATOM   569  N  N   . THR A 1 80  ? -0.107  2.466   14.485  1.00 27.27 ? 302  THR A N   1 
ATOM   570  C  CA  . THR A 1 80  ? 0.533   1.161   14.557  1.00 31.19 ? 302  THR A CA  1 
ATOM   571  C  C   . THR A 1 80  ? -0.275  0.290   15.526  1.00 34.62 ? 302  THR A C   1 
ATOM   572  O  O   . THR A 1 80  ? -0.747  -0.791  15.177  1.00 29.44 ? 302  THR A O   1 
ATOM   573  C  CB  . THR A 1 80  ? 1.981   1.285   15.066  1.00 26.46 ? 302  THR A CB  1 
ATOM   574  O  OG1 . THR A 1 80  ? 2.745   2.071   14.143  1.00 26.49 ? 302  THR A OG1 1 
ATOM   575  C  CG2 . THR A 1 80  ? 2.634   -0.079  15.190  1.00 27.48 ? 302  THR A CG2 1 
ATOM   576  N  N   . LYS A 1 81  ? -0.455  0.790   16.741  1.00 33.46 ? 303  LYS A N   1 
ATOM   577  C  CA  . LYS A 1 81  ? -1.207  0.060   17.740  1.00 33.97 ? 303  LYS A CA  1 
ATOM   578  C  C   . LYS A 1 81  ? -2.609  -0.200  17.228  1.00 34.30 ? 303  LYS A C   1 
ATOM   579  O  O   . LYS A 1 81  ? -3.150  -1.286  17.454  1.00 35.13 ? 303  LYS A O   1 
ATOM   580  C  CB  . LYS A 1 81  ? -1.255  0.857   19.049  1.00 35.43 ? 303  LYS A CB  1 
ATOM   581  C  CG  . LYS A 1 81  ? 0.050   0.838   19.847  1.00 35.53 ? 303  LYS A CG  1 
ATOM   582  C  CD  . LYS A 1 81  ? 0.150   -0.402  20.716  1.00 42.17 ? 303  LYS A CD  1 
ATOM   583  C  CE  . LYS A 1 81  ? 1.215   -0.251  21.796  1.00 46.29 ? 303  LYS A CE  1 
ATOM   584  N  NZ  . LYS A 1 81  ? 2.584   -0.019  21.262  1.00 43.50 ? 303  LYS A NZ  1 
ATOM   585  N  N   . GLU A 1 82  ? -3.195  0.778   16.531  1.00 31.18 ? 304  GLU A N   1 
ATOM   586  C  CA  . GLU A 1 82  ? -4.543  0.607   15.999  1.00 32.17 ? 304  GLU A CA  1 
ATOM   587  C  C   . GLU A 1 82  ? -4.572  -0.627  15.093  1.00 35.42 ? 304  GLU A C   1 
ATOM   588  O  O   . GLU A 1 82  ? -5.350  -1.557  15.314  1.00 32.31 ? 304  GLU A O   1 
ATOM   589  C  CB  . GLU A 1 82  ? -4.982  1.847   15.203  1.00 30.51 ? 304  GLU A CB  1 
ATOM   590  C  CG  . GLU A 1 82  ? -6.357  1.723   14.564  1.00 35.55 ? 304  GLU A CG  1 
ATOM   591  C  CD  . GLU A 1 82  ? -6.718  2.905   13.664  1.00 34.59 ? 304  GLU A CD  1 
ATOM   592  O  OE1 . GLU A 1 82  ? -5.902  3.848   13.556  1.00 40.51 ? 304  GLU A OE1 1 
ATOM   593  O  OE2 . GLU A 1 82  ? -7.818  2.884   13.066  1.00 34.98 ? 304  GLU A OE2 1 
ATOM   594  N  N   . VAL A 1 83  ? -3.710  -0.619  14.076  1.00 31.78 ? 305  VAL A N   1 
ATOM   595  C  CA  . VAL A 1 83  ? -3.613  -1.724  13.126  1.00 30.36 ? 305  VAL A CA  1 
ATOM   596  C  C   . VAL A 1 83  ? -3.440  -3.066  13.841  1.00 28.31 ? 305  VAL A C   1 
ATOM   597  O  O   . VAL A 1 83  ? -4.151  -4.022  13.534  1.00 32.26 ? 305  VAL A O   1 
ATOM   598  C  CB  . VAL A 1 83  ? -2.451  -1.493  12.145  1.00 29.83 ? 305  VAL A CB  1 
ATOM   599  C  CG1 . VAL A 1 83  ? -2.243  -2.727  11.253  1.00 30.33 ? 305  VAL A CG1 1 
ATOM   600  C  CG2 . VAL A 1 83  ? -2.752  -0.292  11.289  1.00 26.75 ? 305  VAL A CG2 1 
ATOM   601  N  N   . ALA A 1 84  ? -2.525  -3.122  14.807  1.00 32.23 ? 306  ALA A N   1 
ATOM   602  C  CA  . ALA A 1 84  ? -2.272  -4.342  15.582  1.00 32.20 ? 306  ALA A CA  1 
ATOM   603  C  C   . ALA A 1 84  ? -3.491  -4.804  16.358  1.00 36.61 ? 306  ALA A C   1 
ATOM   604  O  O   . ALA A 1 84  ? -3.694  -6.011  16.551  1.00 41.28 ? 306  ALA A O   1 
ATOM   605  C  CB  . ALA A 1 84  ? -1.126  -4.126  16.542  1.00 26.97 ? 306  ALA A CB  1 
ATOM   606  N  N   . SER A 1 85  ? -4.286  -3.851  16.831  1.00 34.22 ? 307  SER A N   1 
ATOM   607  C  CA  . SER A 1 85  ? -5.498  -4.182  17.575  1.00 36.33 ? 307  SER A CA  1 
ATOM   608  C  C   . SER A 1 85  ? -6.618  -4.539  16.593  1.00 37.36 ? 307  SER A C   1 
ATOM   609  O  O   . SER A 1 85  ? -7.681  -5.008  16.995  1.00 40.56 ? 307  SER A O   1 
ATOM   610  C  CB  . SER A 1 85  ? -5.929  -2.988  18.444  1.00 31.17 ? 307  SER A CB  1 
ATOM   611  O  OG  . SER A 1 85  ? -6.572  -2.009  17.650  1.00 29.15 ? 307  SER A OG  1 
ATOM   612  N  N   . LYS A 1 86  ? -6.380  -4.337  15.294  1.00 42.53 ? 308  LYS A N   1 
ATOM   613  C  CA  . LYS A 1 86  ? -7.406  -4.644  14.296  1.00 37.56 ? 308  LYS A CA  1 
ATOM   614  C  C   . LYS A 1 86  ? -7.236  -5.915  13.449  1.00 32.39 ? 308  LYS A C   1 
ATOM   615  O  O   . LYS A 1 86  ? -7.816  -6.030  12.377  1.00 36.62 ? 308  LYS A O   1 
ATOM   616  C  CB  . LYS A 1 86  ? -7.628  -3.445  13.383  1.00 37.35 ? 308  LYS A CB  1 
ATOM   617  C  CG  . LYS A 1 86  ? -8.490  -2.380  14.048  1.00 43.98 ? 308  LYS A CG  1 
ATOM   618  C  CD  . LYS A 1 86  ? -8.737  -1.165  13.173  1.00 44.14 ? 308  LYS A CD  1 
ATOM   619  C  CE  . LYS A 1 86  ? -9.568  -0.137  13.949  1.00 46.64 ? 308  LYS A CE  1 
ATOM   620  N  NZ  . LYS A 1 86  ? -9.721  1.193   13.292  1.00 43.47 ? 308  LYS A NZ  1 
ATOM   621  N  N   . GLY A 1 87  ? -6.451  -6.859  13.937  1.00 34.15 ? 309  GLY A N   1 
ATOM   622  C  CA  . GLY A 1 87  ? -6.281  -8.116  13.231  1.00 32.11 ? 309  GLY A CA  1 
ATOM   623  C  C   . GLY A 1 87  ? -5.202  -8.168  12.165  1.00 36.27 ? 309  GLY A C   1 
ATOM   624  O  O   . GLY A 1 87  ? -5.237  -9.038  11.293  1.00 32.70 ? 309  GLY A O   1 
ATOM   625  N  N   . HIS A 1 88  ? -4.251  -7.243  12.230  1.00 33.61 ? 310  HIS A N   1 
ATOM   626  C  CA  . HIS A 1 88  ? -3.151  -7.203  11.271  1.00 31.87 ? 310  HIS A CA  1 
ATOM   627  C  C   . HIS A 1 88  ? -1.869  -6.776  11.954  1.00 31.20 ? 310  HIS A C   1 
ATOM   628  O  O   . HIS A 1 88  ? -1.906  -5.950  12.859  1.00 36.91 ? 310  HIS A O   1 
ATOM   629  C  CB  . HIS A 1 88  ? -3.429  -6.184  10.167  1.00 29.98 ? 310  HIS A CB  1 
ATOM   630  C  CG  . HIS A 1 88  ? -4.703  -6.414  9.438   1.00 27.41 ? 310  HIS A CG  1 
ATOM   631  N  ND1 . HIS A 1 88  ? -4.887  -7.480  8.591   1.00 30.29 ? 310  HIS A ND1 1 
ATOM   632  C  CD2 . HIS A 1 88  ? -5.871  -5.734  9.452   1.00 29.17 ? 310  HIS A CD2 1 
ATOM   633  C  CE1 . HIS A 1 88  ? -6.116  -7.450  8.112   1.00 30.93 ? 310  HIS A CE1 1 
ATOM   634  N  NE2 . HIS A 1 88  ? -6.735  -6.400  8.619   1.00 33.70 ? 310  HIS A NE2 1 
ATOM   635  N  N   . LEU A 1 89  ? -0.740  -7.336  11.541  1.00 27.38 ? 311  LEU A N   1 
ATOM   636  C  CA  . LEU A 1 89  ? 0.536   -6.884  12.093  1.00 26.00 ? 311  LEU A CA  1 
ATOM   637  C  C   . LEU A 1 89  ? 0.989   -5.643  11.291  1.00 29.66 ? 311  LEU A C   1 
ATOM   638  O  O   . LEU A 1 89  ? 1.212   -5.732  10.083  1.00 28.29 ? 311  LEU A O   1 
ATOM   639  C  CB  . LEU A 1 89  ? 1.604   -7.945  11.958  1.00 29.45 ? 311  LEU A CB  1 
ATOM   640  C  CG  . LEU A 1 89  ? 1.664   -9.120  12.936  1.00 34.57 ? 311  LEU A CG  1 
ATOM   641  C  CD1 . LEU A 1 89  ? 3.083   -9.643  12.880  1.00 29.51 ? 311  LEU A CD1 1 
ATOM   642  C  CD2 . LEU A 1 89  ? 1.333   -8.703  14.358  1.00 37.96 ? 311  LEU A CD2 1 
ATOM   643  N  N   . PRO A 1 90  ? 1.119   -4.473  11.945  1.00 27.02 ? 312  PRO A N   1 
ATOM   644  C  CA  . PRO A 1 90  ? 1.548   -3.253  11.242  1.00 28.62 ? 312  PRO A CA  1 
ATOM   645  C  C   . PRO A 1 90  ? 3.002   -3.272  10.759  1.00 26.77 ? 312  PRO A C   1 
ATOM   646  O  O   . PRO A 1 90  ? 3.882   -3.740  11.457  1.00 27.24 ? 312  PRO A O   1 
ATOM   647  C  CB  . PRO A 1 90  ? 1.322   -2.157  12.280  1.00 28.69 ? 312  PRO A CB  1 
ATOM   648  C  CG  . PRO A 1 90  ? 1.579   -2.884  13.578  1.00 30.57 ? 312  PRO A CG  1 
ATOM   649  C  CD  . PRO A 1 90  ? 0.819   -4.182  13.360  1.00 30.77 ? 312  PRO A CD  1 
ATOM   650  N  N   . SER A 1 91  ? 3.246   -2.770  9.548   1.00 22.81 ? 313  SER A N   1 
ATOM   651  C  CA  . SER A 1 91  ? 4.610   -2.715  9.027   1.00 20.68 ? 313  SER A CA  1 
ATOM   652  C  C   . SER A 1 91  ? 4.803   -1.514  8.101   1.00 24.91 ? 313  SER A C   1 
ATOM   653  O  O   . SER A 1 91  ? 3.833   -0.943  7.597   1.00 22.29 ? 313  SER A O   1 
ATOM   654  C  CB  . SER A 1 91  ? 4.939   -3.956  8.180   1.00 24.11 ? 313  SER A CB  1 
ATOM   655  O  OG  . SER A 1 91  ? 4.450   -3.785  6.841   1.00 24.14 ? 313  SER A OG  1 
ATOM   656  N  N   . VAL A 1 92  ? 6.075   -1.152  7.920   1.00 23.07 ? 314  VAL A N   1 
ATOM   657  C  CA  . VAL A 1 92  ? 6.530   -0.143  6.965   1.00 22.22 ? 314  VAL A CA  1 
ATOM   658  C  C   . VAL A 1 92  ? 7.822   -0.808  6.461   1.00 22.78 ? 314  VAL A C   1 
ATOM   659  O  O   . VAL A 1 92  ? 8.277   -1.782  7.055   1.00 23.36 ? 314  VAL A O   1 
ATOM   660  C  CB  . VAL A 1 92  ? 6.805   1.264   7.591   1.00 22.17 ? 314  VAL A CB  1 
ATOM   661  C  CG1 . VAL A 1 92  ? 5.459   1.899   8.002   1.00 21.82 ? 314  VAL A CG1 1 
ATOM   662  C  CG2 . VAL A 1 92  ? 7.761   1.164   8.764   1.00 27.98 ? 314  VAL A CG2 1 
ATOM   663  N  N   . HIS A 1 93  ? 8.441   -0.299  5.402   1.00 21.68 ? 315  HIS A N   1 
ATOM   664  C  CA  . HIS A 1 93  ? 9.612   -0.992  4.884   1.00 22.50 ? 315  HIS A CA  1 
ATOM   665  C  C   . HIS A 1 93  ? 10.663  -0.137  4.229   1.00 19.45 ? 315  HIS A C   1 
ATOM   666  O  O   . HIS A 1 93  ? 10.475  1.058   3.998   1.00 20.35 ? 315  HIS A O   1 
ATOM   667  C  CB  . HIS A 1 93  ? 9.162   -2.037  3.838   1.00 16.10 ? 315  HIS A CB  1 
ATOM   668  C  CG  . HIS A 1 93  ? 8.926   -1.450  2.476   1.00 19.41 ? 315  HIS A CG  1 
ATOM   669  N  ND1 . HIS A 1 93  ? 9.906   -1.394  1.505   1.00 21.31 ? 315  HIS A ND1 1 
ATOM   670  C  CD2 . HIS A 1 93  ? 7.830   -0.858  1.935   1.00 18.19 ? 315  HIS A CD2 1 
ATOM   671  C  CE1 . HIS A 1 93  ? 9.431   -0.799  0.424   1.00 16.58 ? 315  HIS A CE1 1 
ATOM   672  N  NE2 . HIS A 1 93  ? 8.170   -0.463  0.655   1.00 14.83 ? 315  HIS A NE2 1 
ATOM   673  N  N   . GLY A 1 94  ? 11.784  -0.794  3.922   1.00 26.45 ? 316  GLY A N   1 
ATOM   674  C  CA  . GLY A 1 94  ? 12.883  -0.154  3.220   1.00 21.00 ? 316  GLY A CA  1 
ATOM   675  C  C   . GLY A 1 94  ? 13.375  -1.211  2.251   1.00 23.07 ? 316  GLY A C   1 
ATOM   676  O  O   . GLY A 1 94  ? 12.630  -2.131  1.963   1.00 20.88 ? 316  GLY A O   1 
ATOM   677  N  N   . ASP A 1 95  ? 14.584  -1.084  1.715   1.00 21.32 ? 317  ASP A N   1 
ATOM   678  C  CA  . ASP A 1 95  ? 15.125  -2.132  0.847   1.00 22.39 ? 317  ASP A CA  1 
ATOM   679  C  C   . ASP A 1 95  ? 16.638  -2.144  0.990   1.00 26.65 ? 317  ASP A C   1 
ATOM   680  O  O   . ASP A 1 95  ? 17.183  -1.395  1.815   1.00 25.90 ? 317  ASP A O   1 
ATOM   681  C  CB  . ASP A 1 95  ? 14.698  -1.962  -0.638  1.00 23.34 ? 317  ASP A CB  1 
ATOM   682  C  CG  . ASP A 1 95  ? 15.220  -0.705  -1.284  1.00 20.67 ? 317  ASP A CG  1 
ATOM   683  O  OD1 . ASP A 1 95  ? 16.172  -0.087  -0.759  1.00 26.38 ? 317  ASP A OD1 1 
ATOM   684  O  OD2 . ASP A 1 95  ? 14.685  -0.318  -2.364  1.00 20.02 ? 317  ASP A OD2 1 
ATOM   685  N  N   . HIS A 1 96  ? 17.323  -2.998  0.228   1.00 24.55 ? 318  HIS A N   1 
ATOM   686  C  CA  . HIS A 1 96  ? 18.780  -3.066  0.320   1.00 26.80 ? 318  HIS A CA  1 
ATOM   687  C  C   . HIS A 1 96  ? 19.494  -2.264  -0.772  1.00 27.36 ? 318  HIS A C   1 
ATOM   688  O  O   . HIS A 1 96  ? 20.660  -2.518  -1.091  1.00 30.02 ? 318  HIS A O   1 
ATOM   689  C  CB  . HIS A 1 96  ? 19.242  -4.539  0.364   1.00 26.94 ? 318  HIS A CB  1 
ATOM   690  C  CG  . HIS A 1 96  ? 18.774  -5.264  1.589   1.00 30.14 ? 318  HIS A CG  1 
ATOM   691  N  ND1 . HIS A 1 96  ? 19.054  -4.818  2.866   1.00 31.19 ? 318  HIS A ND1 1 
ATOM   692  C  CD2 . HIS A 1 96  ? 17.975  -6.348  1.742   1.00 34.39 ? 318  HIS A CD2 1 
ATOM   693  C  CE1 . HIS A 1 96  ? 18.445  -5.591  3.749   1.00 30.86 ? 318  HIS A CE1 1 
ATOM   694  N  NE2 . HIS A 1 96  ? 17.783  -6.528  3.095   1.00 30.29 ? 318  HIS A NE2 1 
ATOM   695  N  N   . SER A 1 97  ? 18.794  -1.268  -1.327  1.00 26.86 ? 319  SER A N   1 
ATOM   696  C  CA  . SER A 1 97  ? 19.375  -0.375  -2.334  1.00 30.24 ? 319  SER A CA  1 
ATOM   697  C  C   . SER A 1 97  ? 19.428  1.065   -1.792  1.00 23.38 ? 319  SER A C   1 
ATOM   698  O  O   . SER A 1 97  ? 20.359  1.820   -2.095  1.00 31.60 ? 319  SER A O   1 
ATOM   699  C  CB  . SER A 1 97  ? 18.548  -0.360  -3.630  1.00 29.54 ? 319  SER A CB  1 
ATOM   700  O  OG  . SER A 1 97  ? 18.158  -1.670  -4.003  1.00 36.34 ? 319  SER A OG  1 
ATOM   701  N  N   . SER A 1 98  ? 18.412  1.439   -1.008  1.00 24.29 ? 320  SER A N   1 
ATOM   702  C  CA  . SER A 1 98  ? 18.303  2.783   -0.426  1.00 27.98 ? 320  SER A CA  1 
ATOM   703  C  C   . SER A 1 98  ? 17.965  2.727   1.058   1.00 26.67 ? 320  SER A C   1 
ATOM   704  O  O   . SER A 1 98  ? 17.563  3.728   1.638   1.00 29.08 ? 320  SER A O   1 
ATOM   705  C  CB  . SER A 1 98  ? 17.185  3.578   -1.126  1.00 28.46 ? 320  SER A CB  1 
ATOM   706  O  OG  . SER A 1 98  ? 17.468  3.833   -2.493  1.00 28.17 ? 320  SER A OG  1 
ATOM   707  N  N   . ASP A 1 99  ? 18.100  1.558   1.663   1.00 25.25 ? 321  ASP A N   1 
ATOM   708  C  CA  . ASP A 1 99  ? 17.771  1.404   3.064   1.00 27.94 ? 321  ASP A CA  1 
ATOM   709  C  C   . ASP A 1 99  ? 16.355  1.909   3.367   1.00 28.38 ? 321  ASP A C   1 
ATOM   710  O  O   . ASP A 1 99  ? 15.406  1.498   2.692   1.00 29.23 ? 321  ASP A O   1 
ATOM   711  C  CB  . ASP A 1 99  ? 18.822  2.096   3.920   1.00 31.49 ? 321  ASP A CB  1 
ATOM   712  C  CG  . ASP A 1 99  ? 20.171  1.431   3.782   1.00 39.73 ? 321  ASP A CG  1 
ATOM   713  O  OD1 . ASP A 1 99  ? 20.213  0.189   3.909   1.00 37.93 ? 321  ASP A OD1 1 
ATOM   714  O  OD2 . ASP A 1 99  ? 21.171  2.133   3.532   1.00 46.04 ? 321  ASP A OD2 1 
ATOM   715  N  N   . MET A 1 100 ? 16.178  2.797   4.343   1.00 27.09 ? 322  MET A N   1 
ATOM   716  C  CA  . MET A 1 100 ? 14.810  3.206   4.642   1.00 26.91 ? 322  MET A CA  1 
ATOM   717  C  C   . MET A 1 100 ? 14.127  4.121   3.655   1.00 23.99 ? 322  MET A C   1 
ATOM   718  O  O   . MET A 1 100 ? 12.938  4.402   3.808   1.00 25.27 ? 322  MET A O   1 
ATOM   719  C  CB  . MET A 1 100 ? 14.685  3.745   6.073   1.00 27.93 ? 322  MET A CB  1 
ATOM   720  C  CG  . MET A 1 100 ? 14.940  2.667   7.140   1.00 29.15 ? 322  MET A CG  1 
ATOM   721  S  SD  . MET A 1 100 ? 14.261  0.978   6.735   1.00 29.68 ? 322  MET A SD  1 
ATOM   722  C  CE  . MET A 1 100 ? 12.549  1.343   6.721   1.00 22.14 ? 322  MET A CE  1 
ATOM   723  N  N   . LEU A 1 101 ? 14.846  4.577   2.632   1.00 21.30 ? 323  LEU A N   1 
ATOM   724  C  CA  . LEU A 1 101 ? 14.215  5.390   1.598   1.00 24.15 ? 323  LEU A CA  1 
ATOM   725  C  C   . LEU A 1 101 ? 13.837  4.453   0.451   1.00 25.33 ? 323  LEU A C   1 
ATOM   726  O  O   . LEU A 1 101 ? 13.486  4.887   -0.644  1.00 24.13 ? 323  LEU A O   1 
ATOM   727  C  CB  . LEU A 1 101 ? 15.164  6.486   1.103   1.00 23.48 ? 323  LEU A CB  1 
ATOM   728  C  CG  . LEU A 1 101 ? 15.167  7.708   2.037   1.00 20.32 ? 323  LEU A CG  1 
ATOM   729  C  CD1 . LEU A 1 101 ? 16.343  8.627   1.687   1.00 25.60 ? 323  LEU A CD1 1 
ATOM   730  C  CD2 . LEU A 1 101 ? 13.853  8.483   1.905   1.00 25.49 ? 323  LEU A CD2 1 
ATOM   731  N  N   . GLY A 1 102 ? 13.923  3.158   0.730   1.00 24.99 ? 324  GLY A N   1 
ATOM   732  C  CA  . GLY A 1 102 ? 13.596  2.136   -0.251  1.00 23.36 ? 324  GLY A CA  1 
ATOM   733  C  C   . GLY A 1 102 ? 12.108  1.948   -0.475  1.00 24.29 ? 324  GLY A C   1 
ATOM   734  O  O   . GLY A 1 102 ? 11.710  1.080   -1.247  1.00 26.31 ? 324  GLY A O   1 
ATOM   735  N  N   . CYS A 1 103 ? 11.282  2.714   0.229   1.00 22.37 ? 325  CYS A N   1 
ATOM   736  C  CA  . CYS A 1 103 ? 9.832   2.642   -0.008  1.00 21.49 ? 325  CYS A CA  1 
ATOM   737  C  C   . CYS A 1 103 ? 9.480   3.890   -0.855  1.00 22.21 ? 325  CYS A C   1 
ATOM   738  O  O   . CYS A 1 103 ? 9.576   5.034   -0.374  1.00 22.85 ? 325  CYS A O   1 
ATOM   739  C  CB  . CYS A 1 103 ? 9.035   2.674   1.291   1.00 17.30 ? 325  CYS A CB  1 
ATOM   740  S  SG  . CYS A 1 103 ? 7.231   2.790   0.979   1.00 19.62 ? 325  CYS A SG  1 
ATOM   741  N  N   . GLY A 1 104 ? 9.091   3.652   -2.106  1.00 20.99 ? 326  GLY A N   1 
ATOM   742  C  CA  . GLY A 1 104 ? 8.746   4.713   -3.037  1.00 19.99 ? 326  GLY A CA  1 
ATOM   743  C  C   . GLY A 1 104 ? 7.668   5.644   -2.497  1.00 23.65 ? 326  GLY A C   1 
ATOM   744  O  O   . GLY A 1 104 ? 7.787   6.866   -2.606  1.00 22.29 ? 326  GLY A O   1 
ATOM   745  N  N   . PHE A 1 105 ? 6.617   5.072   -1.912  1.00 20.23 ? 327  PHE A N   1 
ATOM   746  C  CA  . PHE A 1 105 ? 5.563   5.886   -1.346  1.00 18.86 ? 327  PHE A CA  1 
ATOM   747  C  C   . PHE A 1 105 ? 6.083   6.824   -0.258  1.00 20.22 ? 327  PHE A C   1 
ATOM   748  O  O   . PHE A 1 105 ? 5.813   8.026   -0.308  1.00 19.01 ? 327  PHE A O   1 
ATOM   749  C  CB  . PHE A 1 105 ? 4.455   5.016   -0.763  1.00 18.07 ? 327  PHE A CB  1 
ATOM   750  C  CG  . PHE A 1 105 ? 3.378   5.799   -0.089  1.00 18.54 ? 327  PHE A CG  1 
ATOM   751  C  CD1 . PHE A 1 105 ? 2.386   6.431   -0.834  1.00 14.47 ? 327  PHE A CD1 1 
ATOM   752  C  CD2 . PHE A 1 105 ? 3.389   5.975   1.286   1.00 18.83 ? 327  PHE A CD2 1 
ATOM   753  C  CE1 . PHE A 1 105 ? 1.427   7.233   -0.213  1.00 19.34 ? 327  PHE A CE1 1 
ATOM   754  C  CE2 . PHE A 1 105 ? 2.425   6.787   1.904   1.00 20.98 ? 327  PHE A CE2 1 
ATOM   755  C  CZ  . PHE A 1 105 ? 1.457   7.404   1.157   1.00 21.56 ? 327  PHE A CZ  1 
ATOM   756  N  N   . PHE A 1 106 ? 6.811   6.306   0.736   1.00 19.83 ? 328  PHE A N   1 
ATOM   757  C  CA  . PHE A 1 106 ? 7.282   7.209   1.779   1.00 22.18 ? 328  PHE A CA  1 
ATOM   758  C  C   . PHE A 1 106 ? 8.243   8.266   1.234   1.00 20.49 ? 328  PHE A C   1 
ATOM   759  O  O   . PHE A 1 106 ? 8.204   9.421   1.661   1.00 21.45 ? 328  PHE A O   1 
ATOM   760  C  CB  . PHE A 1 106 ? 7.965   6.485   2.952   1.00 23.91 ? 328  PHE A CB  1 
ATOM   761  C  CG  . PHE A 1 106 ? 8.305   7.418   4.073   1.00 23.08 ? 328  PHE A CG  1 
ATOM   762  C  CD1 . PHE A 1 106 ? 7.303   7.907   4.907   1.00 22.12 ? 328  PHE A CD1 1 
ATOM   763  C  CD2 . PHE A 1 106 ? 9.586   7.931   4.195   1.00 24.59 ? 328  PHE A CD2 1 
ATOM   764  C  CE1 . PHE A 1 106 ? 7.570   8.901   5.839   1.00 25.87 ? 328  PHE A CE1 1 
ATOM   765  C  CE2 . PHE A 1 106 ? 9.861   8.936   5.130   1.00 25.22 ? 328  PHE A CE2 1 
ATOM   766  C  CZ  . PHE A 1 106 ? 8.857   9.417   5.944   1.00 23.67 ? 328  PHE A CZ  1 
ATOM   767  N  N   . LYS A 1 107 ? 9.109   7.880   0.305   1.00 22.97 ? 329  LYS A N   1 
ATOM   768  C  CA  . LYS A 1 107 ? 10.052  8.828   -0.287  1.00 20.45 ? 329  LYS A CA  1 
ATOM   769  C  C   . LYS A 1 107 ? 9.288   9.962   -0.971  1.00 20.05 ? 329  LYS A C   1 
ATOM   770  O  O   . LYS A 1 107 ? 9.613   11.129  -0.785  1.00 22.52 ? 329  LYS A O   1 
ATOM   771  C  CB  . LYS A 1 107 ? 10.961  8.109   -1.291  1.00 24.36 ? 329  LYS A CB  1 
ATOM   772  C  CG  . LYS A 1 107 ? 11.950  9.023   -2.030  1.00 29.39 ? 329  LYS A CG  1 
ATOM   773  C  CD  . LYS A 1 107 ? 12.979  8.160   -2.757  1.00 31.62 ? 329  LYS A CD  1 
ATOM   774  C  CE  . LYS A 1 107 ? 13.669  8.900   -3.883  1.00 40.10 ? 329  LYS A CE  1 
ATOM   775  N  NZ  . LYS A 1 107 ? 14.461  7.917   -4.682  1.00 41.83 ? 329  LYS A NZ  1 
ATOM   776  N  N   . LEU A 1 108 ? 8.250   9.629   -1.736  1.00 20.64 ? 330  LEU A N   1 
ATOM   777  C  CA  . LEU A 1 108 ? 7.453   10.658  -2.391  1.00 18.47 ? 330  LEU A CA  1 
ATOM   778  C  C   . LEU A 1 108 ? 6.839   11.538  -1.342  1.00 18.26 ? 330  LEU A C   1 
ATOM   779  O  O   . LEU A 1 108 ? 6.784   12.739  -1.505  1.00 19.65 ? 330  LEU A O   1 
ATOM   780  C  CB  . LEU A 1 108 ? 6.309   10.049  -3.205  1.00 17.73 ? 330  LEU A CB  1 
ATOM   781  C  CG  . LEU A 1 108 ? 6.669   9.239   -4.432  1.00 19.82 ? 330  LEU A CG  1 
ATOM   782  C  CD1 . LEU A 1 108 ? 5.436   8.444   -4.878  1.00 21.98 ? 330  LEU A CD1 1 
ATOM   783  C  CD2 . LEU A 1 108 ? 7.109   10.193  -5.537  1.00 20.84 ? 330  LEU A CD2 1 
ATOM   784  N  N   . TRP A 1 109 ? 6.370   10.939  -0.253  1.00 19.41 ? 331  TRP A N   1 
ATOM   785  C  CA  . TRP A 1 109 ? 5.737   11.738  0.782   1.00 19.70 ? 331  TRP A CA  1 
ATOM   786  C  C   . TRP A 1 109 ? 6.734   12.633  1.527   1.00 21.83 ? 331  TRP A C   1 
ATOM   787  O  O   . TRP A 1 109 ? 6.501   13.833  1.695   1.00 23.18 ? 331  TRP A O   1 
ATOM   788  C  CB  . TRP A 1 109 ? 5.005   10.820  1.752   1.00 17.51 ? 331  TRP A CB  1 
ATOM   789  C  CG  . TRP A 1 109 ? 4.116   11.519  2.738   1.00 16.24 ? 331  TRP A CG  1 
ATOM   790  C  CD1 . TRP A 1 109 ? 3.547   12.750  2.605   1.00 21.02 ? 331  TRP A CD1 1 
ATOM   791  C  CD2 . TRP A 1 109 ? 3.643   10.988  3.983   1.00 20.05 ? 331  TRP A CD2 1 
ATOM   792  N  NE1 . TRP A 1 109 ? 2.738   13.021  3.697   1.00 21.98 ? 331  TRP A NE1 1 
ATOM   793  C  CE2 . TRP A 1 109 ? 2.782   11.956  4.556   1.00 19.11 ? 331  TRP A CE2 1 
ATOM   794  C  CE3 . TRP A 1 109 ? 3.862   9.789   4.667   1.00 19.55 ? 331  TRP A CE3 1 
ATOM   795  C  CZ2 . TRP A 1 109 ? 2.140   11.759  5.789   1.00 21.95 ? 331  TRP A CZ2 1 
ATOM   796  C  CZ3 . TRP A 1 109 ? 3.222   9.592   5.898   1.00 23.60 ? 331  TRP A CZ3 1 
ATOM   797  C  CH2 . TRP A 1 109 ? 2.375   10.570  6.440   1.00 21.10 ? 331  TRP A CH2 1 
ATOM   798  N  N   . VAL A 1 110 ? 7.867   12.083  1.947   1.00 22.90 ? 332  VAL A N   1 
ATOM   799  C  CA  . VAL A 1 110 ? 8.818   12.919  2.685   1.00 21.29 ? 332  VAL A CA  1 
ATOM   800  C  C   . VAL A 1 110 ? 9.450   13.992  1.804   1.00 22.36 ? 332  VAL A C   1 
ATOM   801  O  O   . VAL A 1 110 ? 9.862   15.041  2.313   1.00 25.89 ? 332  VAL A O   1 
ATOM   802  C  CB  . VAL A 1 110 ? 9.918   12.062  3.364   1.00 24.38 ? 332  VAL A CB  1 
ATOM   803  C  CG1 . VAL A 1 110 ? 10.974  11.624  2.352   1.00 24.22 ? 332  VAL A CG1 1 
ATOM   804  C  CG2 . VAL A 1 110 ? 10.511  12.838  4.538   1.00 23.93 ? 332  VAL A CG2 1 
ATOM   805  N  N   . THR A 1 111 ? 9.506   13.758  0.493   1.00 20.22 ? 333  THR A N   1 
ATOM   806  C  CA  . THR A 1 111 ? 10.081  14.759  -0.419  1.00 21.08 ? 333  THR A CA  1 
ATOM   807  C  C   . THR A 1 111 ? 9.039   15.787  -0.905  1.00 25.57 ? 333  THR A C   1 
ATOM   808  O  O   . THR A 1 111 ? 9.346   16.636  -1.725  1.00 21.32 ? 333  THR A O   1 
ATOM   809  C  CB  . THR A 1 111 ? 10.744  14.112  -1.664  1.00 25.17 ? 333  THR A CB  1 
ATOM   810  O  OG1 . THR A 1 111 ? 9.797   13.282  -2.345  1.00 24.52 ? 333  THR A OG1 1 
ATOM   811  C  CG2 . THR A 1 111 ? 11.946  13.276  -1.272  1.00 23.47 ? 333  THR A CG2 1 
ATOM   812  N  N   . GLY A 1 112 ? 7.799   15.675  -0.424  1.00 24.93 ? 334  GLY A N   1 
ATOM   813  C  CA  . GLY A 1 112 ? 6.762   16.621  -0.786  1.00 25.19 ? 334  GLY A CA  1 
ATOM   814  C  C   . GLY A 1 112 ? 6.052   16.489  -2.121  1.00 29.64 ? 334  GLY A C   1 
ATOM   815  O  O   . GLY A 1 112 ? 5.434   17.471  -2.576  1.00 28.85 ? 334  GLY A O   1 
ATOM   816  N  N   . ARG A 1 113 ? 6.095   15.308  -2.740  1.00 22.56 ? 335  ARG A N   1 
ATOM   817  C  CA  . ARG A 1 113 ? 5.443   15.119  -4.035  1.00 20.50 ? 335  ARG A CA  1 
ATOM   818  C  C   . ARG A 1 113 ? 3.911   15.094  -3.926  1.00 21.72 ? 335  ARG A C   1 
ATOM   819  O  O   . ARG A 1 113 ? 3.229   15.097  -4.942  1.00 24.89 ? 335  ARG A O   1 
ATOM   820  C  CB  . ARG A 1 113 ? 5.947   13.838  -4.726  1.00 25.71 ? 335  ARG A CB  1 
ATOM   821  C  CG  . ARG A 1 113 ? 7.442   13.790  -5.047  1.00 24.29 ? 335  ARG A CG  1 
ATOM   822  C  CD  . ARG A 1 113 ? 7.870   14.780  -6.136  1.00 23.75 ? 335  ARG A CD  1 
ATOM   823  N  NE  . ARG A 1 113 ? 7.068   14.643  -7.363  1.00 30.86 ? 335  ARG A NE  1 
ATOM   824  C  CZ  . ARG A 1 113 ? 7.241   13.709  -8.303  1.00 28.95 ? 335  ARG A CZ  1 
ATOM   825  N  NH1 . ARG A 1 113 ? 8.198   12.803  -8.195  1.00 37.35 ? 335  ARG A NH1 1 
ATOM   826  N  NH2 . ARG A 1 113 ? 6.428   13.670  -9.352  1.00 38.32 ? 335  ARG A NH2 1 
ATOM   827  N  N   . PHE A 1 114 ? 3.375   15.063  -2.699  1.00 24.24 ? 336  PHE A N   1 
ATOM   828  C  CA  . PHE A 1 114 ? 1.916   15.089  -2.492  1.00 23.41 ? 336  PHE A CA  1 
ATOM   829  C  C   . PHE A 1 114 ? 1.467   16.509  -2.026  1.00 25.08 ? 336  PHE A C   1 
ATOM   830  O  O   . PHE A 1 114 ? 0.305   16.750  -1.626  1.00 20.67 ? 336  PHE A O   1 
ATOM   831  C  CB  . PHE A 1 114 ? 1.523   14.042  -1.440  1.00 24.83 ? 336  PHE A CB  1 
ATOM   832  C  CG  . PHE A 1 114 ? 1.612   12.610  -1.925  1.00 26.89 ? 336  PHE A CG  1 
ATOM   833  C  CD1 . PHE A 1 114 ? 0.655   12.089  -2.785  1.00 23.90 ? 336  PHE A CD1 1 
ATOM   834  C  CD2 . PHE A 1 114 ? 2.644   11.782  -1.498  1.00 23.01 ? 336  PHE A CD2 1 
ATOM   835  C  CE1 . PHE A 1 114 ? 0.721   10.756  -3.220  1.00 20.71 ? 336  PHE A CE1 1 
ATOM   836  C  CE2 . PHE A 1 114 ? 2.723   10.438  -1.933  1.00 21.86 ? 336  PHE A CE2 1 
ATOM   837  C  CZ  . PHE A 1 114 ? 1.768   9.935   -2.783  1.00 22.42 ? 336  PHE A CZ  1 
ATOM   838  N  N   . ASP A 1 115 ? 2.398   17.451  -2.048  1.00 24.33 ? 337  ASP A N   1 
ATOM   839  C  CA  . ASP A 1 115 ? 2.089   18.811  -1.624  1.00 24.70 ? 337  ASP A CA  1 
ATOM   840  C  C   . ASP A 1 115 ? 0.885   19.399  -2.337  1.00 24.97 ? 337  ASP A C   1 
ATOM   841  O  O   . ASP A 1 115 ? -0.033  19.946  -1.708  1.00 30.02 ? 337  ASP A O   1 
ATOM   842  C  CB  . ASP A 1 115 ? 3.293   19.737  -1.889  1.00 25.94 ? 337  ASP A CB  1 
ATOM   843  C  CG  . ASP A 1 115 ? 4.276   19.775  -0.741  1.00 31.64 ? 337  ASP A CG  1 
ATOM   844  O  OD1 . ASP A 1 115 ? 4.123   18.996  0.229   1.00 33.73 ? 337  ASP A OD1 1 
ATOM   845  O  OD2 . ASP A 1 115 ? 5.220   20.597  -0.808  1.00 32.10 ? 337  ASP A OD2 1 
ATOM   846  N  N   . ASP A 1 116 ? 0.906   19.271  -3.653  1.00 21.80 ? 338  ASP A N   1 
ATOM   847  C  CA  . ASP A 1 116 ? -0.122  19.830  -4.506  1.00 30.57 ? 338  ASP A CA  1 
ATOM   848  C  C   . ASP A 1 116 ? -1.457  19.108  -4.439  1.00 28.67 ? 338  ASP A C   1 
ATOM   849  O  O   . ASP A 1 116 ? -2.450  19.566  -5.022  1.00 30.96 ? 338  ASP A O   1 
ATOM   850  C  CB  . ASP A 1 116 ? 0.400   19.884  -5.941  1.00 32.41 ? 338  ASP A CB  1 
ATOM   851  C  CG  . ASP A 1 116 ? 1.604   20.827  -6.095  1.00 42.16 ? 338  ASP A CG  1 
ATOM   852  O  OD1 . ASP A 1 116 ? 1.524   21.988  -5.622  1.00 40.69 ? 338  ASP A OD1 1 
ATOM   853  O  OD2 . ASP A 1 116 ? 2.624   20.405  -6.695  1.00 46.76 ? 338  ASP A OD2 1 
ATOM   854  N  N   . MET A 1 117 ? -1.494  17.984  -3.727  1.00 28.18 ? 339  MET A N   1 
ATOM   855  C  CA  . MET A 1 117 ? -2.739  17.238  -3.587  1.00 27.30 ? 339  MET A CA  1 
ATOM   856  C  C   . MET A 1 117 ? -3.310  17.526  -2.209  1.00 29.42 ? 339  MET A C   1 
ATOM   857  O  O   . MET A 1 117 ? -4.254  16.875  -1.766  1.00 30.59 ? 339  MET A O   1 
ATOM   858  C  CB  . MET A 1 117 ? -2.491  15.734  -3.784  1.00 24.47 ? 339  MET A CB  1 
ATOM   859  C  CG  . MET A 1 117 ? -2.029  15.413  -5.204  1.00 28.63 ? 339  MET A CG  1 
ATOM   860  S  SD  . MET A 1 117 ? -1.590  13.666  -5.428  1.00 35.91 ? 339  MET A SD  1 
ATOM   861  C  CE  . MET A 1 117 ? -3.128  12.972  -5.045  1.00 28.47 ? 339  MET A CE  1 
ATOM   862  N  N   . GLY A 1 118 ? -2.708  18.502  -1.540  1.00 27.01 ? 340  GLY A N   1 
ATOM   863  C  CA  . GLY A 1 118 ? -3.174  18.928  -0.228  1.00 30.77 ? 340  GLY A CA  1 
ATOM   864  C  C   . GLY A 1 118 ? -2.705  18.165  1.000   1.00 31.82 ? 340  GLY A C   1 
ATOM   865  O  O   . GLY A 1 118 ? -3.232  18.375  2.097   1.00 35.23 ? 340  GLY A O   1 
ATOM   866  N  N   . TYR A 1 119 ? -1.719  17.287  0.845   1.00 23.87 ? 341  TYR A N   1 
ATOM   867  C  CA  . TYR A 1 119 ? -1.251  16.522  1.990   1.00 23.63 ? 341  TYR A CA  1 
ATOM   868  C  C   . TYR A 1 119 ? -0.189  17.241  2.788   1.00 27.27 ? 341  TYR A C   1 
ATOM   869  O  O   . TYR A 1 119 ? 0.683   17.884  2.221   1.00 25.02 ? 341  TYR A O   1 
ATOM   870  C  CB  . TYR A 1 119 ? -0.672  15.179  1.526   1.00 23.41 ? 341  TYR A CB  1 
ATOM   871  C  CG  . TYR A 1 119 ? -1.714  14.213  0.990   1.00 18.65 ? 341  TYR A CG  1 
ATOM   872  C  CD1 . TYR A 1 119 ? -2.371  13.322  1.856   1.00 27.90 ? 341  TYR A CD1 1 
ATOM   873  C  CD2 . TYR A 1 119 ? -2.065  14.206  -0.363  1.00 22.63 ? 341  TYR A CD2 1 
ATOM   874  C  CE1 . TYR A 1 119 ? -3.349  12.450  1.384   1.00 24.42 ? 341  TYR A CE1 1 
ATOM   875  C  CE2 . TYR A 1 119 ? -3.062  13.324  -0.854  1.00 20.95 ? 341  TYR A CE2 1 
ATOM   876  C  CZ  . TYR A 1 119 ? -3.690  12.459  0.029   1.00 25.58 ? 341  TYR A CZ  1 
ATOM   877  O  OH  . TYR A 1 119 ? -4.691  11.614  -0.425  1.00 23.61 ? 341  TYR A OH  1 
ATOM   878  N  N   . PRO A 1 120 ? -0.258  17.151  4.125   1.00 24.32 ? 342  PRO A N   1 
ATOM   879  C  CA  . PRO A 1 120 ? 0.774   17.817  4.920   1.00 27.06 ? 342  PRO A CA  1 
ATOM   880  C  C   . PRO A 1 120 ? 1.927   16.822  4.885   1.00 31.45 ? 342  PRO A C   1 
ATOM   881  O  O   . PRO A 1 120 ? 1.722   15.653  4.514   1.00 27.86 ? 342  PRO A O   1 
ATOM   882  C  CB  . PRO A 1 120 ? 0.136   17.911  6.298   1.00 28.70 ? 342  PRO A CB  1 
ATOM   883  C  CG  . PRO A 1 120 ? -0.614  16.617  6.383   1.00 26.99 ? 342  PRO A CG  1 
ATOM   884  C  CD  . PRO A 1 120 ? -1.241  16.476  4.989   1.00 24.25 ? 342  PRO A CD  1 
ATOM   885  N  N   . ARG A 1 121 ? 3.122   17.267  5.253   1.00 25.36 ? 343  ARG A N   1 
ATOM   886  C  CA  . ARG A 1 121 ? 4.300   16.396  5.240   1.00 30.47 ? 343  ARG A CA  1 
ATOM   887  C  C   . ARG A 1 121 ? 4.574   15.713  6.558   1.00 30.21 ? 343  ARG A C   1 
ATOM   888  O  O   . ARG A 1 121 ? 4.221   16.228  7.613   1.00 31.06 ? 343  ARG A O   1 
ATOM   889  C  CB  . ARG A 1 121 ? 5.528   17.200  4.872   1.00 32.52 ? 343  ARG A CB  1 
ATOM   890  C  CG  . ARG A 1 121 ? 5.394   17.879  3.545   1.00 36.97 ? 343  ARG A CG  1 
ATOM   891  C  CD  . ARG A 1 121 ? 6.737   18.150  2.993   1.00 31.81 ? 343  ARG A CD  1 
ATOM   892  N  NE  . ARG A 1 121 ? 6.685   18.924  1.762   1.00 29.51 ? 343  ARG A NE  1 
ATOM   893  C  CZ  . ARG A 1 121 ? 7.779   19.389  1.168   1.00 33.99 ? 343  ARG A CZ  1 
ATOM   894  N  NH1 . ARG A 1 121 ? 8.967   19.133  1.710   1.00 35.53 ? 343  ARG A NH1 1 
ATOM   895  N  NH2 . ARG A 1 121 ? 7.695   20.122  0.063   1.00 27.34 ? 343  ARG A NH2 1 
ATOM   896  N  N   . PRO A 1 122 ? 5.203   14.529  6.515   1.00 26.09 ? 344  PRO A N   1 
ATOM   897  C  CA  . PRO A 1 122 ? 5.496   13.838  7.774   1.00 25.98 ? 344  PRO A CA  1 
ATOM   898  C  C   . PRO A 1 122 ? 6.492   14.695  8.552   1.00 29.16 ? 344  PRO A C   1 
ATOM   899  O  O   . PRO A 1 122 ? 7.366   15.348  7.956   1.00 29.28 ? 344  PRO A O   1 
ATOM   900  C  CB  . PRO A 1 122 ? 6.104   12.507  7.308   1.00 26.43 ? 344  PRO A CB  1 
ATOM   901  C  CG  . PRO A 1 122 ? 6.778   12.874  6.017   1.00 26.20 ? 344  PRO A CG  1 
ATOM   902  C  CD  . PRO A 1 122 ? 5.761   13.795  5.359   1.00 28.24 ? 344  PRO A CD  1 
ATOM   903  N  N   . GLN A 1 123 ? 6.345   14.721  9.870   1.00 29.87 ? 345  GLN A N   1 
ATOM   904  C  CA  . GLN A 1 123 ? 7.247   15.504  10.710  1.00 33.34 ? 345  GLN A CA  1 
ATOM   905  C  C   . GLN A 1 123 ? 8.416   14.615  11.114  1.00 37.58 ? 345  GLN A C   1 
ATOM   906  O  O   . GLN A 1 123 ? 9.026   14.814  12.166  1.00 39.19 ? 345  GLN A O   1 
ATOM   907  C  CB  . GLN A 1 123 ? 6.526   15.993  11.974  1.00 33.33 ? 345  GLN A CB  1 
ATOM   908  C  CG  . GLN A 1 123 ? 5.360   16.942  11.739  1.00 37.21 ? 345  GLN A CG  1 
ATOM   909  C  CD  . GLN A 1 123 ? 4.606   17.219  13.034  1.00 44.73 ? 345  GLN A CD  1 
ATOM   910  O  OE1 . GLN A 1 123 ? 5.172   17.771  13.977  1.00 49.41 ? 345  GLN A OE1 1 
ATOM   911  N  NE2 . GLN A 1 123 ? 3.333   16.817  13.095  1.00 39.30 ? 345  GLN A NE2 1 
ATOM   912  N  N   . PHE A 1 124 ? 8.725   13.629  10.279  1.00 35.67 ? 346  PHE A N   1 
ATOM   913  C  CA  . PHE A 1 124 ? 9.818   12.712  10.567  1.00 31.84 ? 346  PHE A CA  1 
ATOM   914  C  C   . PHE A 1 124 ? 10.493  12.205  9.295   1.00 31.92 ? 346  PHE A C   1 
ATOM   915  O  O   . PHE A 1 124 ? 9.939   12.323  8.198   1.00 26.19 ? 346  PHE A O   1 
ATOM   916  C  CB  . PHE A 1 124 ? 9.295   11.530  11.395  1.00 28.92 ? 346  PHE A CB  1 
ATOM   917  C  CG  . PHE A 1 124 ? 8.089   10.847  10.808  1.00 27.64 ? 346  PHE A CG  1 
ATOM   918  C  CD1 . PHE A 1 124 ? 8.227   9.814   9.876   1.00 27.74 ? 346  PHE A CD1 1 
ATOM   919  C  CD2 . PHE A 1 124 ? 6.815   11.225  11.195  1.00 27.52 ? 346  PHE A CD2 1 
ATOM   920  C  CE1 . PHE A 1 124 ? 7.106   9.172   9.348   1.00 23.68 ? 346  PHE A CE1 1 
ATOM   921  C  CE2 . PHE A 1 124 ? 5.677   10.590  10.670  1.00 30.58 ? 346  PHE A CE2 1 
ATOM   922  C  CZ  . PHE A 1 124 ? 5.831   9.556   9.740   1.00 29.72 ? 346  PHE A CZ  1 
ATOM   923  N  N   . ASP A 1 125 ? 11.705  11.674  9.422   1.00 24.97 ? 347  ASP A N   1 
ATOM   924  C  CA  . ASP A 1 125 ? 12.351  11.142  8.236   1.00 28.12 ? 347  ASP A CA  1 
ATOM   925  C  C   . ASP A 1 125 ? 12.083  9.647   8.241   1.00 26.07 ? 347  ASP A C   1 
ATOM   926  O  O   . ASP A 1 125 ? 11.449  9.132   9.176   1.00 25.32 ? 347  ASP A O   1 
ATOM   927  C  CB  . ASP A 1 125 ? 13.858  11.433  8.199   1.00 29.28 ? 347  ASP A CB  1 
ATOM   928  C  CG  . ASP A 1 125 ? 14.608  10.876  9.398   1.00 28.20 ? 347  ASP A CG  1 
ATOM   929  O  OD1 . ASP A 1 125 ? 14.228  9.813   9.926   1.00 29.29 ? 347  ASP A OD1 1 
ATOM   930  O  OD2 . ASP A 1 125 ? 15.617  11.502  9.786   1.00 31.90 ? 347  ASP A OD2 1 
ATOM   931  N  N   . ALA A 1 126 ? 12.581  8.952   7.225   1.00 23.24 ? 348  ALA A N   1 
ATOM   932  C  CA  . ALA A 1 126 ? 12.322  7.519   7.088   1.00 21.92 ? 348  ALA A CA  1 
ATOM   933  C  C   . ALA A 1 126 ? 12.866  6.638   8.217   1.00 25.62 ? 348  ALA A C   1 
ATOM   934  O  O   . ALA A 1 126 ? 12.196  5.692   8.652   1.00 28.56 ? 348  ALA A O   1 
ATOM   935  C  CB  . ALA A 1 126 ? 12.827  7.036   5.724   1.00 24.23 ? 348  ALA A CB  1 
ATOM   936  N  N   . ASP A 1 127 ? 14.068  6.932   8.697   1.00 27.90 ? 349  ASP A N   1 
ATOM   937  C  CA  . ASP A 1 127 ? 14.622  6.142   9.800   1.00 30.65 ? 349  ASP A CA  1 
ATOM   938  C  C   . ASP A 1 127 ? 13.817  6.375   11.084  1.00 31.06 ? 349  ASP A C   1 
ATOM   939  O  O   . ASP A 1 127 ? 13.503  5.419   11.809  1.00 31.13 ? 349  ASP A O   1 
ATOM   940  C  CB  . ASP A 1 127 ? 16.083  6.493   10.021  1.00 34.40 ? 349  ASP A CB  1 
ATOM   941  C  CG  . ASP A 1 127 ? 16.954  6.130   8.825   1.00 44.90 ? 349  ASP A CG  1 
ATOM   942  O  OD1 . ASP A 1 127 ? 16.792  5.010   8.299   1.00 42.63 ? 349  ASP A OD1 1 
ATOM   943  O  OD2 . ASP A 1 127 ? 17.803  6.953   8.414   1.00 49.61 ? 349  ASP A OD2 1 
ATOM   944  N  N   . GLN A 1 128 ? 13.458  7.636   11.354  1.00 30.30 ? 350  GLN A N   1 
ATOM   945  C  CA  . GLN A 1 128 ? 12.672  7.947   12.543  1.00 29.99 ? 350  GLN A CA  1 
ATOM   946  C  C   . GLN A 1 128 ? 11.305  7.286   12.486  1.00 29.73 ? 350  GLN A C   1 
ATOM   947  O  O   . GLN A 1 128 ? 10.805  6.794   13.503  1.00 33.64 ? 350  GLN A O   1 
ATOM   948  C  CB  . GLN A 1 128 ? 12.487  9.458   12.703  1.00 36.41 ? 350  GLN A CB  1 
ATOM   949  C  CG  . GLN A 1 128 ? 13.771  10.219  12.986  1.00 37.01 ? 350  GLN A CG  1 
ATOM   950  C  CD  . GLN A 1 128 ? 13.550  11.712  12.994  1.00 37.55 ? 350  GLN A CD  1 
ATOM   951  O  OE1 . GLN A 1 128 ? 12.910  12.254  12.099  1.00 32.93 ? 350  GLN A OE1 1 
ATOM   952  N  NE2 . GLN A 1 128 ? 14.078  12.391  14.015  1.00 41.71 ? 350  GLN A NE2 1 
ATOM   953  N  N   . GLY A 1 129 ? 10.689  7.276   11.305  1.00 27.83 ? 351  GLY A N   1 
ATOM   954  C  CA  . GLY A 1 129 ? 9.391   6.640   11.179  1.00 26.12 ? 351  GLY A CA  1 
ATOM   955  C  C   . GLY A 1 129 ? 9.468   5.149   11.476  1.00 28.81 ? 351  GLY A C   1 
ATOM   956  O  O   . GLY A 1 129 ? 8.664   4.597   12.241  1.00 31.46 ? 351  GLY A O   1 
ATOM   957  N  N   . ALA A 1 130 ? 10.431  4.480   10.858  1.00 25.26 ? 352  ALA A N   1 
ATOM   958  C  CA  . ALA A 1 130 ? 10.599  3.051   11.073  1.00 25.44 ? 352  ALA A CA  1 
ATOM   959  C  C   . ALA A 1 130 ? 10.879  2.723   12.560  1.00 29.36 ? 352  ALA A C   1 
ATOM   960  O  O   . ALA A 1 130 ? 10.362  1.738   13.101  1.00 28.93 ? 352  ALA A O   1 
ATOM   961  C  CB  . ALA A 1 130 ? 11.746  2.526   10.170  1.00 21.26 ? 352  ALA A CB  1 
ATOM   962  N  N   . ASN A 1 131 ? 11.679  3.547   13.232  1.00 30.64 ? 353  ASN A N   1 
ATOM   963  C  CA  . ASN A 1 131 ? 11.961  3.281   14.644  1.00 33.08 ? 353  ASN A CA  1 
ATOM   964  C  C   . ASN A 1 131 ? 10.695  3.352   15.470  1.00 31.33 ? 353  ASN A C   1 
ATOM   965  O  O   . ASN A 1 131 ? 10.461  2.499   16.331  1.00 35.45 ? 353  ASN A O   1 
ATOM   966  C  CB  . ASN A 1 131 ? 13.021  4.247   15.183  1.00 36.19 ? 353  ASN A CB  1 
ATOM   967  C  CG  . ASN A 1 131 ? 14.417  3.914   14.668  1.00 40.14 ? 353  ASN A CG  1 
ATOM   968  O  OD1 . ASN A 1 131 ? 14.782  2.744   14.589  1.00 42.58 ? 353  ASN A OD1 1 
ATOM   969  N  ND2 . ASN A 1 131 ? 15.205  4.937   14.331  1.00 39.39 ? 353  ASN A ND2 1 
ATOM   970  N  N   . ALA A 1 132 ? 9.862   4.344   15.184  1.00 31.38 ? 354  ALA A N   1 
ATOM   971  C  CA  . ALA A 1 132 ? 8.607   4.538   15.903  1.00 32.56 ? 354  ALA A CA  1 
ATOM   972  C  C   . ALA A 1 132 ? 7.641   3.377   15.698  1.00 31.00 ? 354  ALA A C   1 
ATOM   973  O  O   . ALA A 1 132 ? 6.989   2.933   16.648  1.00 31.89 ? 354  ALA A O   1 
ATOM   974  C  CB  . ALA A 1 132 ? 7.942   5.851   15.471  1.00 30.76 ? 354  ALA A CB  1 
ATOM   975  N  N   . VAL A 1 133 ? 7.540   2.890   14.463  1.00 26.43 ? 355  VAL A N   1 
ATOM   976  C  CA  . VAL A 1 133 ? 6.644   1.772   14.159  1.00 25.56 ? 355  VAL A CA  1 
ATOM   977  C  C   . VAL A 1 133 ? 7.152   0.531   14.884  1.00 27.50 ? 355  VAL A C   1 
ATOM   978  O  O   . VAL A 1 133 ? 6.366   -0.201  15.493  1.00 33.77 ? 355  VAL A O   1 
ATOM   979  C  CB  . VAL A 1 133 ? 6.583   1.477   12.626  1.00 25.38 ? 355  VAL A CB  1 
ATOM   980  C  CG1 . VAL A 1 133 ? 5.885   0.153   12.369  1.00 23.42 ? 355  VAL A CG1 1 
ATOM   981  C  CG2 . VAL A 1 133 ? 5.838   2.582   11.915  1.00 23.82 ? 355  VAL A CG2 1 
ATOM   982  N  N   . LYS A 1 134 ? 8.461   0.299   14.817  1.00 24.65 ? 356  LYS A N   1 
ATOM   983  C  CA  . LYS A 1 134 ? 9.051   -0.851  15.474  1.00 34.59 ? 356  LYS A CA  1 
ATOM   984  C  C   . LYS A 1 134 ? 8.869   -0.739  16.985  1.00 37.57 ? 356  LYS A C   1 
ATOM   985  O  O   . LYS A 1 134 ? 8.610   -1.742  17.664  1.00 36.88 ? 356  LYS A O   1 
ATOM   986  C  CB  . LYS A 1 134 ? 10.535  -0.947  15.130  1.00 34.06 ? 356  LYS A CB  1 
ATOM   987  C  CG  . LYS A 1 134 ? 11.244  -2.145  15.731  1.00 39.95 ? 356  LYS A CG  1 
ATOM   988  C  CD  . LYS A 1 134 ? 12.689  -2.196  15.243  1.00 46.71 ? 356  LYS A CD  1 
ATOM   989  C  CE  . LYS A 1 134 ? 13.480  -3.280  15.965  1.00 53.61 ? 356  LYS A CE  1 
ATOM   990  N  NZ  . LYS A 1 134 ? 12.880  -4.625  15.780  1.00 58.62 ? 356  LYS A NZ  1 
ATOM   991  N  N   . ASP A 1 135 ? 9.003   0.482   17.504  1.00 36.57 ? 357  ASP A N   1 
ATOM   992  C  CA  . ASP A 1 135 ? 8.842   0.727   18.939  1.00 37.01 ? 357  ASP A CA  1 
ATOM   993  C  C   . ASP A 1 135 ? 7.413   0.479   19.402  1.00 35.44 ? 357  ASP A C   1 
ATOM   994  O  O   . ASP A 1 135 ? 7.191   0.096   20.554  1.00 36.91 ? 357  ASP A O   1 
ATOM   995  C  CB  . ASP A 1 135 ? 9.228   2.169   19.296  1.00 39.75 ? 357  ASP A CB  1 
ATOM   996  C  CG  . ASP A 1 135 ? 10.724  2.364   19.408  1.00 42.30 ? 357  ASP A CG  1 
ATOM   997  O  OD1 . ASP A 1 135 ? 11.454  1.349   19.455  1.00 44.36 ? 357  ASP A OD1 1 
ATOM   998  O  OD2 . ASP A 1 135 ? 11.165  3.533   19.460  1.00 44.75 ? 357  ASP A OD2 1 
ATOM   999  N  N   . ALA A 1 136 ? 6.453   0.729   18.517  1.00 29.32 ? 358  ALA A N   1 
ATOM   1000 C  CA  . ALA A 1 136 ? 5.037   0.537   18.821  1.00 31.12 ? 358  ALA A CA  1 
ATOM   1001 C  C   . ALA A 1 136 ? 4.668   -0.920  18.607  1.00 27.57 ? 358  ALA A C   1 
ATOM   1002 O  O   . ALA A 1 136 ? 3.497   -1.300  18.714  1.00 34.95 ? 358  ALA A O   1 
ATOM   1003 C  CB  . ALA A 1 136 ? 4.158   1.431   17.931  1.00 29.30 ? 358  ALA A CB  1 
ATOM   1004 N  N   . GLY A 1 137 ? 5.668   -1.731  18.284  1.00 31.99 ? 359  GLY A N   1 
ATOM   1005 C  CA  . GLY A 1 137 ? 5.426   -3.154  18.087  1.00 35.43 ? 359  GLY A CA  1 
ATOM   1006 C  C   . GLY A 1 137 ? 5.284   -3.625  16.655  1.00 37.86 ? 359  GLY A C   1 
ATOM   1007 O  O   . GLY A 1 137 ? 5.005   -4.802  16.412  1.00 33.48 ? 359  GLY A O   1 
ATOM   1008 N  N   . GLY A 1 138 ? 5.465   -2.706  15.710  1.00 37.35 ? 360  GLY A N   1 
ATOM   1009 C  CA  . GLY A 1 138 ? 5.357   -3.054  14.305  1.00 34.11 ? 360  GLY A CA  1 
ATOM   1010 C  C   . GLY A 1 138 ? 6.575   -3.776  13.745  1.00 34.11 ? 360  GLY A C   1 
ATOM   1011 O  O   . GLY A 1 138 ? 7.647   -3.865  14.367  1.00 31.00 ? 360  GLY A O   1 
ATOM   1012 N  N   . ILE A 1 139 ? 6.403   -4.278  12.528  1.00 32.25 ? 361  ILE A N   1 
ATOM   1013 C  CA  . ILE A 1 139 ? 7.436   -5.015  11.835  1.00 27.64 ? 361  ILE A CA  1 
ATOM   1014 C  C   . ILE A 1 139 ? 8.063   -4.174  10.729  1.00 29.78 ? 361  ILE A C   1 
ATOM   1015 O  O   . ILE A 1 139 ? 7.340   -3.538  9.959   1.00 24.69 ? 361  ILE A O   1 
ATOM   1016 C  CB  . ILE A 1 139 ? 6.824   -6.269  11.187  1.00 29.30 ? 361  ILE A CB  1 
ATOM   1017 C  CG1 . ILE A 1 139 ? 6.241   -7.168  12.272  1.00 31.18 ? 361  ILE A CG1 1 
ATOM   1018 C  CG2 . ILE A 1 139 ? 7.861   -6.990  10.355  1.00 26.17 ? 361  ILE A CG2 1 
ATOM   1019 C  CD1 . ILE A 1 139 ? 7.244   -7.511  13.340  1.00 37.66 ? 361  ILE A CD1 1 
ATOM   1020 N  N   . ILE A 1 140 ? 9.393   -4.157  10.661  1.00 23.02 ? 362  ILE A N   1 
ATOM   1021 C  CA  . ILE A 1 140 ? 10.079  -3.437  9.600   1.00 27.10 ? 362  ILE A CA  1 
ATOM   1022 C  C   . ILE A 1 140 ? 10.518  -4.434  8.511   1.00 30.62 ? 362  ILE A C   1 
ATOM   1023 O  O   . ILE A 1 140 ? 11.387  -5.279  8.726   1.00 30.24 ? 362  ILE A O   1 
ATOM   1024 C  CB  . ILE A 1 140 ? 11.317  -2.719  10.112  1.00 29.41 ? 362  ILE A CB  1 
ATOM   1025 C  CG1 . ILE A 1 140 ? 10.911  -1.756  11.245  1.00 27.82 ? 362  ILE A CG1 1 
ATOM   1026 C  CG2 . ILE A 1 140 ? 12.018  -2.006  8.960   1.00 33.57 ? 362  ILE A CG2 1 
ATOM   1027 C  CD1 . ILE A 1 140 ? 9.664   -0.934  10.950  1.00 31.00 ? 362  ILE A CD1 1 
ATOM   1028 N  N   . GLU A 1 141 ? 9.903   -4.329  7.343   1.00 22.82 ? 363  GLU A N   1 
ATOM   1029 C  CA  . GLU A 1 141 ? 10.218  -5.222  6.230   1.00 25.28 ? 363  GLU A CA  1 
ATOM   1030 C  C   . GLU A 1 141 ? 11.319  -4.625  5.375   1.00 27.55 ? 363  GLU A C   1 
ATOM   1031 O  O   . GLU A 1 141 ? 11.477  -3.406  5.324   1.00 24.19 ? 363  GLU A O   1 
ATOM   1032 C  CB  . GLU A 1 141 ? 8.950   -5.445  5.385   1.00 28.00 ? 363  GLU A CB  1 
ATOM   1033 C  CG  . GLU A 1 141 ? 9.134   -6.209  4.059   1.00 24.83 ? 363  GLU A CG  1 
ATOM   1034 C  CD  . GLU A 1 141 ? 7.815   -6.353  3.316   1.00 24.88 ? 363  GLU A CD  1 
ATOM   1035 O  OE1 . GLU A 1 141 ? 7.010   -5.405  3.376   1.00 22.98 ? 363  GLU A OE1 1 
ATOM   1036 O  OE2 . GLU A 1 141 ? 7.569   -7.398  2.675   1.00 27.63 ? 363  GLU A OE2 1 
ATOM   1037 N  N   . MET A 1 142 ? 12.099  -5.483  4.726   1.00 23.49 ? 364  MET A N   1 
ATOM   1038 C  CA  . MET A 1 142 ? 13.143  -5.005  3.836   1.00 21.63 ? 364  MET A CA  1 
ATOM   1039 C  C   . MET A 1 142 ? 13.083  -5.780  2.528   1.00 23.16 ? 364  MET A C   1 
ATOM   1040 O  O   . MET A 1 142 ? 13.232  -6.999  2.520   1.00 23.34 ? 364  MET A O   1 
ATOM   1041 C  CB  . MET A 1 142 ? 14.532  -5.172  4.454   1.00 27.70 ? 364  MET A CB  1 
ATOM   1042 C  CG  . MET A 1 142 ? 14.793  -4.304  5.665   1.00 28.62 ? 364  MET A CG  1 
ATOM   1043 S  SD  . MET A 1 142 ? 14.735  -2.512  5.342   1.00 27.25 ? 364  MET A SD  1 
ATOM   1044 C  CE  . MET A 1 142 ? 16.448  -2.091  4.898   1.00 25.40 ? 364  MET A CE  1 
ATOM   1045 N  N   . HIS A 1 143 ? 12.866  -5.054  1.431   1.00 22.28 ? 365  HIS A N   1 
ATOM   1046 C  CA  . HIS A 1 143 ? 12.784  -5.637  0.094   1.00 23.91 ? 365  HIS A CA  1 
ATOM   1047 C  C   . HIS A 1 143 ? 14.165  -5.778  -0.558  1.00 25.78 ? 365  HIS A C   1 
ATOM   1048 O  O   . HIS A 1 143 ? 15.131  -5.135  -0.142  1.00 29.51 ? 365  HIS A O   1 
ATOM   1049 C  CB  . HIS A 1 143 ? 11.914  -4.756  -0.816  1.00 22.98 ? 365  HIS A CB  1 
ATOM   1050 C  CG  . HIS A 1 143 ? 10.456  -4.781  -0.481  1.00 24.38 ? 365  HIS A CG  1 
ATOM   1051 N  ND1 . HIS A 1 143 ? 9.947   -4.254  0.688   1.00 23.34 ? 365  HIS A ND1 1 
ATOM   1052 C  CD2 . HIS A 1 143 ? 9.397   -5.292  -1.155  1.00 25.41 ? 365  HIS A CD2 1 
ATOM   1053 C  CE1 . HIS A 1 143 ? 8.639   -4.437  0.721   1.00 22.10 ? 365  HIS A CE1 1 
ATOM   1054 N  NE2 . HIS A 1 143 ? 8.278   -5.064  -0.386  1.00 28.28 ? 365  HIS A NE2 1 
ATOM   1055 N  N   . HIS A 1 144 ? 14.249  -6.631  -1.580  1.00 24.80 ? 366  HIS A N   1 
ATOM   1056 C  CA  . HIS A 1 144 ? 15.490  -6.824  -2.321  1.00 22.53 ? 366  HIS A CA  1 
ATOM   1057 C  C   . HIS A 1 144 ? 15.226  -6.747  -3.833  1.00 23.09 ? 366  HIS A C   1 
ATOM   1058 O  O   . HIS A 1 144 ? 14.084  -6.897  -4.299  1.00 24.82 ? 366  HIS A O   1 
ATOM   1059 C  CB  . HIS A 1 144 ? 16.161  -8.167  -1.922  1.00 24.91 ? 366  HIS A CB  1 
ATOM   1060 C  CG  . HIS A 1 144 ? 15.295  -9.371  -2.122  1.00 24.39 ? 366  HIS A CG  1 
ATOM   1061 N  ND1 . HIS A 1 144 ? 15.056  -9.919  -3.364  1.00 26.92 ? 366  HIS A ND1 1 
ATOM   1062 C  CD2 . HIS A 1 144 ? 14.588  -10.115 -1.242  1.00 28.36 ? 366  HIS A CD2 1 
ATOM   1063 C  CE1 . HIS A 1 144 ? 14.233  -10.945 -3.241  1.00 26.63 ? 366  HIS A CE1 1 
ATOM   1064 N  NE2 . HIS A 1 144 ? 13.934  -11.086 -1.963  1.00 32.12 ? 366  HIS A NE2 1 
ATOM   1065 N  N   . GLY A 1 145 ? 16.268  -6.479  -4.597  1.00 22.70 ? 367  GLY A N   1 
ATOM   1066 C  CA  . GLY A 1 145 ? 16.109  -6.413  -6.043  1.00 27.92 ? 367  GLY A CA  1 
ATOM   1067 C  C   . GLY A 1 145 ? 15.517  -5.136  -6.599  1.00 27.43 ? 367  GLY A C   1 
ATOM   1068 O  O   . GLY A 1 145 ? 15.358  -4.146  -5.869  1.00 24.42 ? 367  GLY A O   1 
ATOM   1069 N  N   . SER A 1 146 ? 15.168  -5.170  -7.891  1.00 26.31 ? 368  SER A N   1 
ATOM   1070 C  CA  . SER A 1 146 ? 14.616  -4.008  -8.598  1.00 25.90 ? 368  SER A CA  1 
ATOM   1071 C  C   . SER A 1 146 ? 13.131  -4.101  -8.919  1.00 24.29 ? 368  SER A C   1 
ATOM   1072 O  O   . SER A 1 146 ? 12.563  -5.196  -9.002  1.00 22.78 ? 368  SER A O   1 
ATOM   1073 C  CB  . SER A 1 146 ? 15.360  -3.796  -9.922  1.00 31.30 ? 368  SER A CB  1 
ATOM   1074 O  OG  . SER A 1 146 ? 16.752  -3.985  -9.744  1.00 40.30 ? 368  SER A OG  1 
ATOM   1075 N  N   . HIS A 1 147 ? 12.540  -2.932  -9.138  1.00 24.66 ? 369  HIS A N   1 
ATOM   1076 C  CA  . HIS A 1 147 ? 11.122  -2.780  -9.469  1.00 26.14 ? 369  HIS A CA  1 
ATOM   1077 C  C   . HIS A 1 147 ? 10.898  -3.119  -10.943 1.00 27.96 ? 369  HIS A C   1 
ATOM   1078 O  O   . HIS A 1 147 ? 11.546  -2.527  -11.814 1.00 26.66 ? 369  HIS A O   1 
ATOM   1079 C  CB  . HIS A 1 147 ? 10.688  -1.330  -9.250  1.00 24.88 ? 369  HIS A CB  1 
ATOM   1080 C  CG  . HIS A 1 147 ? 10.528  -0.938  -7.815  1.00 27.77 ? 369  HIS A CG  1 
ATOM   1081 N  ND1 . HIS A 1 147 ? 9.445   -1.334  -7.054  1.00 22.50 ? 369  HIS A ND1 1 
ATOM   1082 C  CD2 . HIS A 1 147 ? 11.261  -0.113  -7.029  1.00 25.24 ? 369  HIS A CD2 1 
ATOM   1083 C  CE1 . HIS A 1 147 ? 9.517   -0.761  -5.863  1.00 26.65 ? 369  HIS A CE1 1 
ATOM   1084 N  NE2 . HIS A 1 147 ? 10.606  -0.015  -5.824  1.00 28.08 ? 369  HIS A NE2 1 
ATOM   1085 N  N   . THR A 1 148 ? 9.983   -4.052  -11.210 1.00 22.43 ? 370  THR A N   1 
ATOM   1086 C  CA  . THR A 1 148 ? 9.628   -4.450  -12.578 1.00 24.00 ? 370  THR A CA  1 
ATOM   1087 C  C   . THR A 1 148 ? 8.104   -4.661  -12.695 1.00 20.18 ? 370  THR A C   1 
ATOM   1088 O  O   . THR A 1 148 ? 7.650   -5.385  -13.561 1.00 21.07 ? 370  THR A O   1 
ATOM   1089 C  CB  . THR A 1 148 ? 10.325  -5.782  -13.027 1.00 18.45 ? 370  THR A CB  1 
ATOM   1090 O  OG1 . THR A 1 148 ? 10.091  -6.822  -12.065 1.00 22.03 ? 370  THR A OG1 1 
ATOM   1091 C  CG2 . THR A 1 148 ? 11.853  -5.581  -13.161 1.00 19.86 ? 370  THR A CG2 1 
ATOM   1092 N  N   . GLU A 1 149 ? 7.335   -4.007  -11.827 1.00 19.05 ? 371  GLU A N   1 
ATOM   1093 C  CA  . GLU A 1 149 ? 5.876   -4.150  -11.809 1.00 19.96 ? 371  GLU A CA  1 
ATOM   1094 C  C   . GLU A 1 149 ? 5.289   -3.896  -13.186 1.00 17.20 ? 371  GLU A C   1 
ATOM   1095 O  O   . GLU A 1 149 ? 5.596   -2.874  -13.814 1.00 19.11 ? 371  GLU A O   1 
ATOM   1096 C  CB  . GLU A 1 149 ? 5.266   -3.193  -10.787 1.00 18.39 ? 371  GLU A CB  1 
ATOM   1097 C  CG  . GLU A 1 149 ? 5.667   -3.465  -9.316  1.00 16.47 ? 371  GLU A CG  1 
ATOM   1098 C  CD  . GLU A 1 149 ? 6.935   -2.717  -8.859  1.00 18.99 ? 371  GLU A CD  1 
ATOM   1099 O  OE1 . GLU A 1 149 ? 7.604   -2.070  -9.694  1.00 20.75 ? 371  GLU A OE1 1 
ATOM   1100 O  OE2 . GLU A 1 149 ? 7.251   -2.779  -7.648  1.00 19.06 ? 371  GLU A OE2 1 
ATOM   1101 N  N   . LYS A 1 150 ? 4.420   -4.804  -13.634 1.00 20.22 ? 372  LYS A N   1 
ATOM   1102 C  CA  . LYS A 1 150 ? 3.856   -4.707  -14.972 1.00 23.13 ? 372  LYS A CA  1 
ATOM   1103 C  C   . LYS A 1 150 ? 2.419   -4.253  -15.020 1.00 20.72 ? 372  LYS A C   1 
ATOM   1104 O  O   . LYS A 1 150 ? 1.934   -3.832  -16.060 1.00 26.41 ? 372  LYS A O   1 
ATOM   1105 C  CB  . LYS A 1 150 ? 3.945   -6.059  -15.683 1.00 25.41 ? 372  LYS A CB  1 
ATOM   1106 C  CG  . LYS A 1 150 ? 5.319   -6.694  -15.695 1.00 34.25 ? 372  LYS A CG  1 
ATOM   1107 C  CD  . LYS A 1 150 ? 5.259   -8.019  -16.444 1.00 44.49 ? 372  LYS A CD  1 
ATOM   1108 C  CE  . LYS A 1 150 ? 6.518   -8.851  -16.220 1.00 46.35 ? 372  LYS A CE  1 
ATOM   1109 N  NZ  . LYS A 1 150 ? 6.325   -10.231 -16.725 1.00 43.06 ? 372  LYS A NZ  1 
ATOM   1110 N  N   . VAL A 1 151 ? 1.759   -4.315  -13.878 1.00 19.20 ? 373  VAL A N   1 
ATOM   1111 C  CA  . VAL A 1 151 ? 0.349   -3.972  -13.804 1.00 22.55 ? 373  VAL A CA  1 
ATOM   1112 C  C   . VAL A 1 151 ? 0.032   -3.670  -12.354 1.00 18.76 ? 373  VAL A C   1 
ATOM   1113 O  O   . VAL A 1 151 ? 0.834   -3.975  -11.473 1.00 21.14 ? 373  VAL A O   1 
ATOM   1114 C  CB  . VAL A 1 151 ? -0.509  -5.189  -14.258 1.00 23.66 ? 373  VAL A CB  1 
ATOM   1115 C  CG1 . VAL A 1 151 ? -0.178  -6.403  -13.398 1.00 28.25 ? 373  VAL A CG1 1 
ATOM   1116 C  CG2 . VAL A 1 151 ? -2.008  -4.866  -14.156 1.00 31.94 ? 373  VAL A CG2 1 
ATOM   1117 N  N   . VAL A 1 152 ? -1.131  -3.065  -12.127 1.00 20.85 ? 374  VAL A N   1 
ATOM   1118 C  CA  . VAL A 1 152 ? -1.602  -2.732  -10.797 1.00 16.95 ? 374  VAL A CA  1 
ATOM   1119 C  C   . VAL A 1 152 ? -2.903  -3.485  -10.584 1.00 22.79 ? 374  VAL A C   1 
ATOM   1120 O  O   . VAL A 1 152 ? -3.788  -3.446  -11.431 1.00 28.10 ? 374  VAL A O   1 
ATOM   1121 C  CB  . VAL A 1 152 ? -1.933  -1.234  -10.634 1.00 15.53 ? 374  VAL A CB  1 
ATOM   1122 C  CG1 . VAL A 1 152 ? -2.409  -0.963  -9.195  1.00 19.23 ? 374  VAL A CG1 1 
ATOM   1123 C  CG2 . VAL A 1 152 ? -0.677  -0.381  -10.922 1.00 17.63 ? 374  VAL A CG2 1 
ATOM   1124 N  N   . TYR A 1 153 ? -3.004  -4.192  -9.467  1.00 23.38 ? 375  TYR A N   1 
ATOM   1125 C  CA  . TYR A 1 153 ? -4.253  -4.879  -9.155  1.00 23.24 ? 375  TYR A CA  1 
ATOM   1126 C  C   . TYR A 1 153 ? -4.875  -4.137  -8.013  1.00 19.27 ? 375  TYR A C   1 
ATOM   1127 O  O   . TYR A 1 153 ? -4.211  -3.900  -7.012  1.00 24.33 ? 375  TYR A O   1 
ATOM   1128 C  CB  . TYR A 1 153 ? -4.015  -6.301  -8.676  1.00 22.66 ? 375  TYR A CB  1 
ATOM   1129 C  CG  . TYR A 1 153 ? -3.802  -7.269  -9.786  1.00 26.70 ? 375  TYR A CG  1 
ATOM   1130 C  CD1 . TYR A 1 153 ? -4.881  -7.735  -10.544 1.00 22.31 ? 375  TYR A CD1 1 
ATOM   1131 C  CD2 . TYR A 1 153 ? -2.515  -7.683  -10.133 1.00 24.53 ? 375  TYR A CD2 1 
ATOM   1132 C  CE1 . TYR A 1 153 ? -4.682  -8.587  -11.624 1.00 24.74 ? 375  TYR A CE1 1 
ATOM   1133 C  CE2 . TYR A 1 153 ? -2.309  -8.534  -11.222 1.00 26.98 ? 375  TYR A CE2 1 
ATOM   1134 C  CZ  . TYR A 1 153 ? -3.392  -8.976  -11.958 1.00 26.24 ? 375  TYR A CZ  1 
ATOM   1135 O  OH  . TYR A 1 153 ? -3.196  -9.794  -13.057 1.00 27.38 ? 375  TYR A OH  1 
ATOM   1136 N  N   . ILE A 1 154 ? -6.140  -3.757  -8.172  1.00 22.47 ? 376  ILE A N   1 
ATOM   1137 C  CA  . ILE A 1 154 ? -6.873  -3.116  -7.094  1.00 21.35 ? 376  ILE A CA  1 
ATOM   1138 C  C   . ILE A 1 154 ? -7.859  -4.202  -6.658  1.00 22.83 ? 376  ILE A C   1 
ATOM   1139 O  O   . ILE A 1 154 ? -8.836  -4.455  -7.344  1.00 19.78 ? 376  ILE A O   1 
ATOM   1140 C  CB  . ILE A 1 154 ? -7.650  -1.900  -7.575  1.00 22.69 ? 376  ILE A CB  1 
ATOM   1141 C  CG1 . ILE A 1 154 ? -6.663  -0.865  -8.143  1.00 27.62 ? 376  ILE A CG1 1 
ATOM   1142 C  CG2 . ILE A 1 154 ? -8.414  -1.278  -6.392  1.00 26.97 ? 376  ILE A CG2 1 
ATOM   1143 C  CD1 . ILE A 1 154 ? -7.282  0.450   -8.527  1.00 30.98 ? 376  ILE A CD1 1 
ATOM   1144 N  N   . ASN A 1 155 ? -7.582  -4.841  -5.533  1.00 22.27 ? 377  ASN A N   1 
ATOM   1145 C  CA  . ASN A 1 155 ? -8.427  -5.914  -5.038  1.00 28.10 ? 377  ASN A CA  1 
ATOM   1146 C  C   . ASN A 1 155 ? -9.529  -5.413  -4.130  1.00 26.17 ? 377  ASN A C   1 
ATOM   1147 O  O   . ASN A 1 155 ? -9.274  -4.766  -3.106  1.00 24.80 ? 377  ASN A O   1 
ATOM   1148 C  CB  . ASN A 1 155 ? -7.604  -6.928  -4.285  1.00 22.43 ? 377  ASN A CB  1 
ATOM   1149 C  CG  . ASN A 1 155 ? -8.462  -8.003  -3.664  1.00 29.91 ? 377  ASN A CG  1 
ATOM   1150 O  OD1 . ASN A 1 155 ? -9.408  -8.489  -4.291  1.00 31.22 ? 377  ASN A OD1 1 
ATOM   1151 N  ND2 . ASN A 1 155 ? -8.148  -8.379  -2.435  1.00 21.87 ? 377  ASN A ND2 1 
ATOM   1152 N  N   . LEU A 1 156 ? -10.756 -5.740  -4.504  1.00 25.81 ? 378  LEU A N   1 
ATOM   1153 C  CA  . LEU A 1 156 ? -11.921 -5.311  -3.745  1.00 25.90 ? 378  LEU A CA  1 
ATOM   1154 C  C   . LEU A 1 156 ? -12.546 -6.442  -2.947  1.00 31.94 ? 378  LEU A C   1 
ATOM   1155 O  O   . LEU A 1 156 ? -13.549 -6.232  -2.260  1.00 31.39 ? 378  LEU A O   1 
ATOM   1156 C  CB  . LEU A 1 156 ? -12.948 -4.705  -4.696  1.00 28.03 ? 378  LEU A CB  1 
ATOM   1157 C  CG  . LEU A 1 156 ? -12.456 -3.567  -5.568  1.00 21.37 ? 378  LEU A CG  1 
ATOM   1158 C  CD1 . LEU A 1 156 ? -13.615 -3.055  -6.415  1.00 26.32 ? 378  LEU A CD1 1 
ATOM   1159 C  CD2 . LEU A 1 156 ? -11.885 -2.451  -4.705  1.00 27.34 ? 378  LEU A CD2 1 
ATOM   1160 N  N   . LEU A 1 157 ? -11.944 -7.631  -3.016  1.00 28.07 ? 379  LEU A N   1 
ATOM   1161 C  CA  . LEU A 1 157 ? -12.453 -8.782  -2.280  1.00 29.90 ? 379  LEU A CA  1 
ATOM   1162 C  C   . LEU A 1 157 ? -12.112 -8.705  -0.814  1.00 29.42 ? 379  LEU A C   1 
ATOM   1163 O  O   . LEU A 1 157 ? -10.964 -8.903  -0.394  1.00 29.01 ? 379  LEU A O   1 
ATOM   1164 C  CB  . LEU A 1 157 ? -11.927 -10.096 -2.850  1.00 32.98 ? 379  LEU A CB  1 
ATOM   1165 C  CG  . LEU A 1 157 ? -12.783 -10.726 -3.948  1.00 33.33 ? 379  LEU A CG  1 
ATOM   1166 C  CD1 . LEU A 1 157 ? -12.346 -10.214 -5.297  1.00 28.31 ? 379  LEU A CD1 1 
ATOM   1167 C  CD2 . LEU A 1 157 ? -12.644 -12.252 -3.874  1.00 34.25 ? 379  LEU A CD2 1 
ATOM   1168 N  N   . ALA A 1 158 ? -13.138 -8.396  -0.030  1.00 30.02 ? 380  ALA A N   1 
ATOM   1169 C  CA  . ALA A 1 158 ? -12.992 -8.270  1.406   1.00 29.02 ? 380  ALA A CA  1 
ATOM   1170 C  C   . ALA A 1 158 ? -12.281 -9.481  1.970   1.00 30.26 ? 380  ALA A C   1 
ATOM   1171 O  O   . ALA A 1 158 ? -12.593 -10.626 1.614   1.00 34.15 ? 380  ALA A O   1 
ATOM   1172 C  CB  . ALA A 1 158 ? -14.372 -8.111  2.054   1.00 28.63 ? 380  ALA A CB  1 
ATOM   1173 N  N   . ASN A 1 159 ? -11.314 -9.222  2.841   1.00 32.42 ? 381  ASN A N   1 
ATOM   1174 C  CA  . ASN A 1 159 ? -10.541 -10.252 3.514   1.00 29.72 ? 381  ASN A CA  1 
ATOM   1175 C  C   . ASN A 1 159 ? -9.727  -11.229 2.656   1.00 34.69 ? 381  ASN A C   1 
ATOM   1176 O  O   . ASN A 1 159 ? -9.494  -12.377 3.049   1.00 31.02 ? 381  ASN A O   1 
ATOM   1177 C  CB  . ASN A 1 159 ? -11.461 -11.005 4.477   1.00 34.59 ? 381  ASN A CB  1 
ATOM   1178 C  CG  . ASN A 1 159 ? -12.196 -10.064 5.412   1.00 37.63 ? 381  ASN A CG  1 
ATOM   1179 O  OD1 . ASN A 1 159 ? -11.581 -9.216  6.061   1.00 35.81 ? 381  ASN A OD1 1 
ATOM   1180 N  ND2 . ASN A 1 159 ? -13.524 -10.201 5.480   1.00 38.51 ? 381  ASN A ND2 1 
ATOM   1181 N  N   . LYS A 1 160 ? -9.284  -10.755 1.493   1.00 29.22 ? 382  LYS A N   1 
ATOM   1182 C  CA  . LYS A 1 160 ? -8.450  -11.534 0.579   1.00 28.34 ? 382  LYS A CA  1 
ATOM   1183 C  C   . LYS A 1 160 ? -7.344  -10.583 0.145   1.00 27.88 ? 382  LYS A C   1 
ATOM   1184 O  O   . LYS A 1 160 ? -7.470  -9.366  0.304   1.00 27.49 ? 382  LYS A O   1 
ATOM   1185 C  CB  . LYS A 1 160 ? -9.217  -11.934 -0.671  1.00 26.36 ? 382  LYS A CB  1 
ATOM   1186 C  CG  . LYS A 1 160 ? -10.459 -12.759 -0.424  1.00 30.86 ? 382  LYS A CG  1 
ATOM   1187 C  CD  . LYS A 1 160 ? -10.141 -14.214 -0.304  1.00 34.38 ? 382  LYS A CD  1 
ATOM   1188 C  CE  . LYS A 1 160 ? -11.410 -15.037 -0.514  1.00 42.95 ? 382  LYS A CE  1 
ATOM   1189 N  NZ  . LYS A 1 160 ? -11.158 -16.491 -0.290  1.00 42.30 ? 382  LYS A NZ  1 
ATOM   1190 N  N   . THR A 1 161 ? -6.272  -11.133 -0.406  1.00 27.52 ? 383  THR A N   1 
ATOM   1191 C  CA  . THR A 1 161 ? -5.179  -10.302 -0.901  1.00 22.12 ? 383  THR A CA  1 
ATOM   1192 C  C   . THR A 1 161 ? -4.421  -11.060 -1.964  1.00 25.21 ? 383  THR A C   1 
ATOM   1193 O  O   . THR A 1 161 ? -4.654  -12.256 -2.164  1.00 23.38 ? 383  THR A O   1 
ATOM   1194 C  CB  . THR A 1 161 ? -4.211  -9.874  0.225   1.00 24.98 ? 383  THR A CB  1 
ATOM   1195 O  OG1 . THR A 1 161 ? -3.271  -8.920  -0.294  1.00 25.78 ? 383  THR A OG1 1 
ATOM   1196 C  CG2 . THR A 1 161 ? -3.451  -11.045 0.793   1.00 25.17 ? 383  THR A CG2 1 
ATOM   1197 N  N   . LEU A 1 162 ? -3.541  -10.357 -2.672  1.00 19.47 ? 384  LEU A N   1 
ATOM   1198 C  CA  . LEU A 1 162 ? -2.706  -10.968 -3.696  1.00 18.95 ? 384  LEU A CA  1 
ATOM   1199 C  C   . LEU A 1 162 ? -1.299  -10.778 -3.165  1.00 24.82 ? 384  LEU A C   1 
ATOM   1200 O  O   . LEU A 1 162 ? -0.996  -9.749  -2.546  1.00 28.34 ? 384  LEU A O   1 
ATOM   1201 C  CB  . LEU A 1 162 ? -2.879  -10.260 -5.025  1.00 22.25 ? 384  LEU A CB  1 
ATOM   1202 C  CG  . LEU A 1 162 ? -4.301  -10.345 -5.565  1.00 23.53 ? 384  LEU A CG  1 
ATOM   1203 C  CD1 . LEU A 1 162 ? -4.497  -9.301  -6.654  1.00 21.79 ? 384  LEU A CD1 1 
ATOM   1204 C  CD2 . LEU A 1 162 ? -4.527  -11.777 -6.105  1.00 25.37 ? 384  LEU A CD2 1 
ATOM   1205 N  N   . GLU A 1 163 ? -0.447  -11.766 -3.386  1.00 24.37 ? 385  GLU A N   1 
ATOM   1206 C  CA  . GLU A 1 163 ? 0.924   -11.711 -2.882  1.00 20.96 ? 385  GLU A CA  1 
ATOM   1207 C  C   . GLU A 1 163 ? 1.930   -11.331 -3.939  1.00 19.64 ? 385  GLU A C   1 
ATOM   1208 O  O   . GLU A 1 163 ? 1.687   -11.471 -5.143  1.00 21.37 ? 385  GLU A O   1 
ATOM   1209 C  CB  . GLU A 1 163 ? 1.309   -13.062 -2.286  1.00 24.94 ? 385  GLU A CB  1 
ATOM   1210 C  CG  . GLU A 1 163 ? 0.278   -13.596 -1.284  1.00 26.85 ? 385  GLU A CG  1 
ATOM   1211 C  CD  . GLU A 1 163 ? 0.348   -12.924 0.090   1.00 30.27 ? 385  GLU A CD  1 
ATOM   1212 O  OE1 . GLU A 1 163 ? 0.447   -11.681 0.168   1.00 28.11 ? 385  GLU A OE1 1 
ATOM   1213 O  OE2 . GLU A 1 163 ? 0.294   -13.648 1.107   1.00 29.31 ? 385  GLU A OE2 1 
ATOM   1214 N  N   . PRO A 1 164 ? 3.098   -10.850 -3.501  1.00 21.13 ? 386  PRO A N   1 
ATOM   1215 C  CA  . PRO A 1 164 ? 4.144   -10.454 -4.443  1.00 19.82 ? 386  PRO A CA  1 
ATOM   1216 C  C   . PRO A 1 164 ? 4.668   -11.628 -5.252  1.00 28.06 ? 386  PRO A C   1 
ATOM   1217 O  O   . PRO A 1 164 ? 4.710   -12.773 -4.766  1.00 25.46 ? 386  PRO A O   1 
ATOM   1218 C  CB  . PRO A 1 164 ? 5.246   -9.892  -3.532  1.00 23.89 ? 386  PRO A CB  1 
ATOM   1219 C  CG  . PRO A 1 164 ? 4.507   -9.425  -2.310  1.00 19.25 ? 386  PRO A CG  1 
ATOM   1220 C  CD  . PRO A 1 164 ? 3.473   -10.516 -2.113  1.00 21.00 ? 386  PRO A CD  1 
ATOM   1221 N  N   . ASN A 1 165 ? 5.036   -11.350 -6.498  1.00 22.33 ? 387  ASN A N   1 
ATOM   1222 C  CA  . ASN A 1 165 ? 5.655   -12.366 -7.354  1.00 25.68 ? 387  ASN A CA  1 
ATOM   1223 C  C   . ASN A 1 165 ? 6.895   -11.659 -7.905  1.00 22.34 ? 387  ASN A C   1 
ATOM   1224 O  O   . ASN A 1 165 ? 6.819   -10.959 -8.904  1.00 20.28 ? 387  ASN A O   1 
ATOM   1225 C  CB  . ASN A 1 165 ? 4.757   -12.773 -8.528  1.00 21.74 ? 387  ASN A CB  1 
ATOM   1226 C  CG  . ASN A 1 165 ? 5.388   -13.862 -9.378  1.00 28.86 ? 387  ASN A CG  1 
ATOM   1227 O  OD1 . ASN A 1 165 ? 6.613   -13.988 -9.427  1.00 27.86 ? 387  ASN A OD1 1 
ATOM   1228 N  ND2 . ASN A 1 165 ? 4.555   -14.653 -10.057 1.00 25.85 ? 387  ASN A ND2 1 
ATOM   1229 N  N   . GLU A 1 166 ? 8.044   -11.839 -7.270  1.00 27.76 ? 388  GLU A N   1 
ATOM   1230 C  CA  . GLU A 1 166 ? 9.248   -11.145 -7.736  1.00 28.09 ? 388  GLU A CA  1 
ATOM   1231 C  C   . GLU A 1 166 ? 9.729   -11.419 -9.164  1.00 27.42 ? 388  GLU A C   1 
ATOM   1232 O  O   . GLU A 1 166 ? 10.515  -10.646 -9.700  1.00 25.24 ? 388  GLU A O   1 
ATOM   1233 C  CB  . GLU A 1 166 ? 10.409  -11.382 -6.766  1.00 33.66 ? 388  GLU A CB  1 
ATOM   1234 C  CG  . GLU A 1 166 ? 10.817  -12.827 -6.637  1.00 33.54 ? 388  GLU A CG  1 
ATOM   1235 C  CD  . GLU A 1 166 ? 11.970  -13.001 -5.666  1.00 36.04 ? 388  GLU A CD  1 
ATOM   1236 O  OE1 . GLU A 1 166 ? 13.134  -12.911 -6.106  1.00 35.02 ? 388  GLU A OE1 1 
ATOM   1237 O  OE2 . GLU A 1 166 ? 11.703  -13.217 -4.464  1.00 33.10 ? 388  GLU A OE2 1 
ATOM   1238 N  N   . ASN A 1 167 ? 9.238   -12.488 -9.783  1.00 27.52 ? 389  ASN A N   1 
ATOM   1239 C  CA  . ASN A 1 167 ? 9.615   -12.861 -11.154 1.00 25.57 ? 389  ASN A CA  1 
ATOM   1240 C  C   . ASN A 1 167 ? 8.630   -12.374 -12.207 1.00 27.31 ? 389  ASN A C   1 
ATOM   1241 O  O   . ASN A 1 167 ? 8.864   -12.522 -13.404 1.00 25.07 ? 389  ASN A O   1 
ATOM   1242 C  CB  . ASN A 1 167 ? 9.700   -14.383 -11.268 1.00 29.02 ? 389  ASN A CB  1 
ATOM   1243 C  CG  . ASN A 1 167 ? 10.665  -14.978 -10.273 1.00 31.53 ? 389  ASN A CG  1 
ATOM   1244 O  OD1 . ASN A 1 167 ? 10.332  -15.918 -9.539  1.00 35.12 ? 389  ASN A OD1 1 
ATOM   1245 N  ND2 . ASN A 1 167 ? 11.876  -14.434 -10.242 1.00 28.01 ? 389  ASN A ND2 1 
ATOM   1246 N  N   . ASP A 1 168 ? 7.504   -11.844 -11.757 1.00 21.43 ? 390  ASP A N   1 
ATOM   1247 C  CA  . ASP A 1 168 ? 6.468   -11.345 -12.660 1.00 21.25 ? 390  ASP A CA  1 
ATOM   1248 C  C   . ASP A 1 168 ? 5.737   -10.389 -11.755 1.00 19.26 ? 390  ASP A C   1 
ATOM   1249 O  O   . ASP A 1 168 ? 4.614   -10.654 -11.292 1.00 21.86 ? 390  ASP A O   1 
ATOM   1250 C  CB  . ASP A 1 168 ? 5.537   -12.471 -13.077 1.00 22.90 ? 390  ASP A CB  1 
ATOM   1251 C  CG  . ASP A 1 168 ? 4.579   -12.051 -14.157 1.00 28.52 ? 390  ASP A CG  1 
ATOM   1252 O  OD1 . ASP A 1 168 ? 4.439   -10.833 -14.409 1.00 24.04 ? 390  ASP A OD1 1 
ATOM   1253 O  OD2 . ASP A 1 168 ? 3.956   -12.949 -14.739 1.00 33.16 ? 390  ASP A OD2 1 
ATOM   1254 N  N   . GLN A 1 169 ? 6.397   -9.264  -11.514 1.00 20.59 ? 391  GLN A N   1 
ATOM   1255 C  CA  . GLN A 1 169 ? 5.890   -8.262  -10.591 1.00 17.79 ? 391  GLN A CA  1 
ATOM   1256 C  C   . GLN A 1 169 ? 4.639   -7.493  -10.910 1.00 18.39 ? 391  GLN A C   1 
ATOM   1257 O  O   . GLN A 1 169 ? 4.276   -7.276  -12.083 1.00 19.32 ? 391  GLN A O   1 
ATOM   1258 C  CB  . GLN A 1 169 ? 6.995   -7.271  -10.296 1.00 17.19 ? 391  GLN A CB  1 
ATOM   1259 C  CG  . GLN A 1 169 ? 8.252   -7.927  -9.738  1.00 14.76 ? 391  GLN A CG  1 
ATOM   1260 C  CD  . GLN A 1 169 ? 9.263   -6.895  -9.306  1.00 16.46 ? 391  GLN A CD  1 
ATOM   1261 O  OE1 . GLN A 1 169 ? 8.949   -5.710  -9.238  1.00 18.85 ? 391  GLN A OE1 1 
ATOM   1262 N  NE2 . GLN A 1 169 ? 10.482  -7.329  -8.999  1.00 19.87 ? 391  GLN A NE2 1 
ATOM   1263 N  N   . ARG A 1 170 ? 3.977   -7.080  -9.831  1.00 15.45 ? 392  ARG A N   1 
ATOM   1264 C  CA  . ARG A 1 170 ? 2.779   -6.266  -9.938  1.00 16.01 ? 392  ARG A CA  1 
ATOM   1265 C  C   . ARG A 1 170 ? 2.621   -5.481  -8.657  1.00 17.05 ? 392  ARG A C   1 
ATOM   1266 O  O   . ARG A 1 170 ? 3.171   -5.866  -7.622  1.00 20.83 ? 392  ARG A O   1 
ATOM   1267 C  CB  . ARG A 1 170 ? 1.518   -7.126  -10.174 1.00 19.96 ? 392  ARG A CB  1 
ATOM   1268 C  CG  . ARG A 1 170 ? 1.149   -8.099  -9.039  1.00 25.22 ? 392  ARG A CG  1 
ATOM   1269 C  CD  . ARG A 1 170 ? 2.039   -9.341  -8.953  1.00 26.40 ? 392  ARG A CD  1 
ATOM   1270 N  NE  . ARG A 1 170 ? 1.498   -10.295 -7.980  1.00 25.41 ? 392  ARG A NE  1 
ATOM   1271 C  CZ  . ARG A 1 170 ? 0.483   -11.131 -8.225  1.00 29.53 ? 392  ARG A CZ  1 
ATOM   1272 N  NH1 . ARG A 1 170 ? -0.096  -11.160 -9.420  1.00 21.35 ? 392  ARG A NH1 1 
ATOM   1273 N  NH2 . ARG A 1 170 ? 0.000   -11.895 -7.249  1.00 23.66 ? 392  ARG A NH2 1 
ATOM   1274 N  N   . PHE A 1 171 ? 1.923   -4.352  -8.751  1.00 18.30 ? 393  PHE A N   1 
ATOM   1275 C  CA  . PHE A 1 171 ? 1.624   -3.529  -7.586  1.00 20.34 ? 393  PHE A CA  1 
ATOM   1276 C  C   . PHE A 1 171 ? 0.288   -4.094  -7.143  1.00 20.91 ? 393  PHE A C   1 
ATOM   1277 O  O   . PHE A 1 171 ? -0.545  -4.398  -7.999  1.00 16.81 ? 393  PHE A O   1 
ATOM   1278 C  CB  . PHE A 1 171 ? 1.412   -2.070  -7.988  1.00 19.87 ? 393  PHE A CB  1 
ATOM   1279 C  CG  . PHE A 1 171 ? 2.685   -1.297  -8.156  1.00 18.94 ? 393  PHE A CG  1 
ATOM   1280 C  CD1 . PHE A 1 171 ? 3.550   -1.119  -7.076  1.00 22.37 ? 393  PHE A CD1 1 
ATOM   1281 C  CD2 . PHE A 1 171 ? 3.020   -0.759  -9.394  1.00 20.40 ? 393  PHE A CD2 1 
ATOM   1282 C  CE1 . PHE A 1 171 ? 4.747   -0.406  -7.227  1.00 22.40 ? 393  PHE A CE1 1 
ATOM   1283 C  CE2 . PHE A 1 171 ? 4.201   -0.049  -9.553  1.00 19.91 ? 393  PHE A CE2 1 
ATOM   1284 C  CZ  . PHE A 1 171 ? 5.065   0.129   -8.474  1.00 19.49 ? 393  PHE A CZ  1 
ATOM   1285 N  N   . ILE A 1 172 ? 0.090   -4.246  -5.834  1.00 17.43 ? 394  ILE A N   1 
ATOM   1286 C  CA  . ILE A 1 172 ? -1.188  -4.760  -5.309  1.00 22.05 ? 394  ILE A CA  1 
ATOM   1287 C  C   . ILE A 1 172 ? -1.786  -3.757  -4.331  1.00 18.02 ? 394  ILE A C   1 
ATOM   1288 O  O   . ILE A 1 172 ? -1.108  -3.341  -3.409  1.00 25.20 ? 394  ILE A O   1 
ATOM   1289 C  CB  . ILE A 1 172 ? -1.009  -6.098  -4.525  1.00 25.67 ? 394  ILE A CB  1 
ATOM   1290 C  CG1 . ILE A 1 172 ? -0.416  -7.182  -5.427  1.00 26.21 ? 394  ILE A CG1 1 
ATOM   1291 C  CG2 . ILE A 1 172 ? -2.366  -6.568  -4.008  1.00 21.45 ? 394  ILE A CG2 1 
ATOM   1292 C  CD1 . ILE A 1 172 ? -1.196  -7.379  -6.707  1.00 31.30 ? 394  ILE A CD1 1 
ATOM   1293 N  N   . VAL A 1 173 ? -3.056  -3.378  -4.520  1.00 24.23 ? 395  VAL A N   1 
ATOM   1294 C  CA  . VAL A 1 173 ? -3.717  -2.428  -3.603  1.00 19.15 ? 395  VAL A CA  1 
ATOM   1295 C  C   . VAL A 1 173 ? -5.035  -3.053  -3.113  1.00 20.38 ? 395  VAL A C   1 
ATOM   1296 O  O   . VAL A 1 173 ? -5.946  -3.290  -3.916  1.00 21.33 ? 395  VAL A O   1 
ATOM   1297 C  CB  . VAL A 1 173 ? -4.061  -1.106  -4.313  1.00 23.48 ? 395  VAL A CB  1 
ATOM   1298 C  CG1 . VAL A 1 173 ? -4.712  -0.125  -3.342  1.00 20.82 ? 395  VAL A CG1 1 
ATOM   1299 C  CG2 . VAL A 1 173 ? -2.781  -0.517  -4.946  1.00 16.70 ? 395  VAL A CG2 1 
ATOM   1300 N  N   . ASP A 1 174 ? -5.128  -3.308  -1.811  1.00 21.63 ? 396  ASP A N   1 
ATOM   1301 C  CA  . ASP A 1 174 ? -6.356  -3.877  -1.246  1.00 22.88 ? 396  ASP A CA  1 
ATOM   1302 C  C   . ASP A 1 174 ? -7.338  -2.764  -0.897  1.00 22.05 ? 396  ASP A C   1 
ATOM   1303 O  O   . ASP A 1 174 ? -7.405  -2.308  0.250   1.00 23.02 ? 396  ASP A O   1 
ATOM   1304 C  CB  . ASP A 1 174 ? -6.019  -4.738  -0.020  1.00 21.18 ? 396  ASP A CB  1 
ATOM   1305 C  CG  . ASP A 1 174 ? -5.437  -6.083  -0.411  1.00 19.08 ? 396  ASP A CG  1 
ATOM   1306 O  OD1 . ASP A 1 174 ? -6.019  -6.708  -1.317  1.00 26.26 ? 396  ASP A OD1 1 
ATOM   1307 O  OD2 . ASP A 1 174 ? -4.419  -6.526  0.160   1.00 19.92 ? 396  ASP A OD2 1 
ATOM   1308 N  N   . GLY A 1 175 ? -8.083  -2.335  -1.907  1.00 24.26 ? 397  GLY A N   1 
ATOM   1309 C  CA  . GLY A 1 175 ? -9.066  -1.269  -1.751  1.00 25.90 ? 397  GLY A CA  1 
ATOM   1310 C  C   . GLY A 1 175 ? -10.040 -1.472  -0.609  1.00 32.03 ? 397  GLY A C   1 
ATOM   1311 O  O   . GLY A 1 175 ? -10.425 -0.511  0.069   1.00 26.03 ? 397  GLY A O   1 
ATOM   1312 N  N   . TRP A 1 176 ? -10.434 -2.723  -0.378  1.00 30.29 ? 398  TRP A N   1 
ATOM   1313 C  CA  . TRP A 1 176 ? -11.378 -3.045  0.698   1.00 30.78 ? 398  TRP A CA  1 
ATOM   1314 C  C   . TRP A 1 176 ? -10.788 -2.794  2.094   1.00 32.44 ? 398  TRP A C   1 
ATOM   1315 O  O   . TRP A 1 176 ? -11.521 -2.591  3.070   1.00 32.73 ? 398  TRP A O   1 
ATOM   1316 C  CB  . TRP A 1 176 ? -11.804 -4.524  0.607   1.00 26.48 ? 398  TRP A CB  1 
ATOM   1317 C  CG  . TRP A 1 176 ? -10.670 -5.456  0.835   1.00 26.16 ? 398  TRP A CG  1 
ATOM   1318 C  CD1 . TRP A 1 176 ? -9.815  -5.958  -0.120  1.00 24.14 ? 398  TRP A CD1 1 
ATOM   1319 C  CD2 . TRP A 1 176 ? -10.161 -5.909  2.101   1.00 27.25 ? 398  TRP A CD2 1 
ATOM   1320 N  NE1 . TRP A 1 176 ? -8.816  -6.676  0.480   1.00 18.20 ? 398  TRP A NE1 1 
ATOM   1321 C  CE2 . TRP A 1 176 ? -9.000  -6.666  1.839   1.00 26.93 ? 398  TRP A CE2 1 
ATOM   1322 C  CE3 . TRP A 1 176 ? -10.571 -5.746  3.432   1.00 32.79 ? 398  TRP A CE3 1 
ATOM   1323 C  CZ2 . TRP A 1 176 ? -8.237  -7.262  2.860   1.00 26.54 ? 398  TRP A CZ2 1 
ATOM   1324 C  CZ3 . TRP A 1 176 ? -9.815  -6.334  4.443   1.00 25.76 ? 398  TRP A CZ3 1 
ATOM   1325 C  CH2 . TRP A 1 176 ? -8.659  -7.082  4.151   1.00 31.90 ? 398  TRP A CH2 1 
ATOM   1326 N  N   . ALA A 1 177 ? -9.468  -2.825  2.210   1.00 29.56 ? 399  ALA A N   1 
ATOM   1327 C  CA  . ALA A 1 177 ? -8.855  -2.608  3.515   1.00 30.91 ? 399  ALA A CA  1 
ATOM   1328 C  C   . ALA A 1 177 ? -8.914  -1.131  3.919   1.00 31.24 ? 399  ALA A C   1 
ATOM   1329 O  O   . ALA A 1 177 ? -8.786  -0.800  5.097   1.00 30.54 ? 399  ALA A O   1 
ATOM   1330 C  CB  . ALA A 1 177 ? -7.412  -3.101  3.511   1.00 26.64 ? 399  ALA A CB  1 
ATOM   1331 N  N   . ALA A 1 178 ? -9.097  -0.244  2.945   1.00 30.54 ? 400  ALA A N   1 
ATOM   1332 C  CA  . ALA A 1 178 ? -9.183  1.172   3.259   1.00 32.37 ? 400  ALA A CA  1 
ATOM   1333 C  C   . ALA A 1 178 ? -10.497 1.380   4.004   1.00 33.35 ? 400  ALA A C   1 
ATOM   1334 O  O   . ALA A 1 178 ? -10.552 2.114   4.996   1.00 33.12 ? 400  ALA A O   1 
ATOM   1335 C  CB  . ALA A 1 178 ? -9.163  2.001   1.983   1.00 30.65 ? 400  ALA A CB  1 
ATOM   1336 N  N   . ASP A 1 179 ? -11.551 0.721   3.514   1.00 36.21 ? 401  ASP A N   1 
ATOM   1337 C  CA  . ASP A 1 179 ? -12.870 0.809   4.118   1.00 37.27 ? 401  ASP A CA  1 
ATOM   1338 C  C   . ASP A 1 179 ? -12.814 0.379   5.555   1.00 35.76 ? 401  ASP A C   1 
ATOM   1339 O  O   . ASP A 1 179 ? -13.351 1.043   6.428   1.00 36.69 ? 401  ASP A O   1 
ATOM   1340 C  CB  . ASP A 1 179 ? -13.864 -0.057  3.362   1.00 41.99 ? 401  ASP A CB  1 
ATOM   1341 C  CG  . ASP A 1 179 ? -14.706 0.750   2.418   1.00 48.88 ? 401  ASP A CG  1 
ATOM   1342 O  OD1 . ASP A 1 179 ? -15.355 1.709   2.901   1.00 54.93 ? 401  ASP A OD1 1 
ATOM   1343 O  OD2 . ASP A 1 179 ? -14.718 0.444   1.206   1.00 51.33 ? 401  ASP A OD2 1 
ATOM   1344 N  N   . LYS A 1 180 ? -12.130 -0.731  5.786   1.00 38.47 ? 402  LYS A N   1 
ATOM   1345 C  CA  . LYS A 1 180 ? -11.972 -1.295  7.107   1.00 40.36 ? 402  LYS A CA  1 
ATOM   1346 C  C   . LYS A 1 180 ? -11.380 -0.297  8.097   1.00 41.39 ? 402  LYS A C   1 
ATOM   1347 O  O   . LYS A 1 180 ? -11.718 -0.316  9.278   1.00 43.31 ? 402  LYS A O   1 
ATOM   1348 C  CB  . LYS A 1 180 ? -11.085 -2.547  7.019   1.00 41.55 ? 402  LYS A CB  1 
ATOM   1349 C  CG  . LYS A 1 180 ? -10.648 -3.103  8.372   1.00 44.43 ? 402  LYS A CG  1 
ATOM   1350 C  CD  . LYS A 1 180 ? -9.905  -4.419  8.212   1.00 43.64 ? 402  LYS A CD  1 
ATOM   1351 C  CE  . LYS A 1 180 ? -9.487  -4.982  9.556   1.00 44.73 ? 402  LYS A CE  1 
ATOM   1352 N  NZ  . LYS A 1 180 ? -9.259  -6.453  9.484   1.00 40.88 ? 402  LYS A NZ  1 
ATOM   1353 N  N   . PHE A 1 181 ? -10.501 0.581   7.623   1.00 40.70 ? 403  PHE A N   1 
ATOM   1354 C  CA  . PHE A 1 181 ? -9.859  1.557   8.508   1.00 37.70 ? 403  PHE A CA  1 
ATOM   1355 C  C   . PHE A 1 181 ? -10.526 2.921   8.520   1.00 38.10 ? 403  PHE A C   1 
ATOM   1356 O  O   . PHE A 1 181 ? -9.954  3.893   9.015   1.00 37.78 ? 403  PHE A O   1 
ATOM   1357 C  CB  . PHE A 1 181 ? -8.375  1.703   8.143   1.00 33.08 ? 403  PHE A CB  1 
ATOM   1358 C  CG  . PHE A 1 181 ? -7.511  0.630   8.726   1.00 33.18 ? 403  PHE A CG  1 
ATOM   1359 C  CD1 . PHE A 1 181 ? -7.022  0.747   10.021  1.00 34.67 ? 403  PHE A CD1 1 
ATOM   1360 C  CD2 . PHE A 1 181 ? -7.239  -0.525  8.012   1.00 33.27 ? 403  PHE A CD2 1 
ATOM   1361 C  CE1 . PHE A 1 181 ? -6.274  -0.276  10.607  1.00 34.97 ? 403  PHE A CE1 1 
ATOM   1362 C  CE2 . PHE A 1 181 ? -6.498  -1.554  8.580   1.00 35.97 ? 403  PHE A CE2 1 
ATOM   1363 C  CZ  . PHE A 1 181 ? -6.013  -1.431  9.884   1.00 38.32 ? 403  PHE A CZ  1 
ATOM   1364 N  N   . GLY A 1 182 ? -11.744 2.981   7.985   1.00 37.33 ? 404  GLY A N   1 
ATOM   1365 C  CA  . GLY A 1 182 ? -12.490 4.228   7.959   1.00 35.26 ? 404  GLY A CA  1 
ATOM   1366 C  C   . GLY A 1 182 ? -11.844 5.364   7.181   1.00 36.52 ? 404  GLY A C   1 
ATOM   1367 O  O   . GLY A 1 182 ? -12.073 6.546   7.485   1.00 30.56 ? 404  GLY A O   1 
ATOM   1368 N  N   . LEU A 1 183 ? -11.049 5.023   6.173   1.00 32.05 ? 405  LEU A N   1 
ATOM   1369 C  CA  . LEU A 1 183 ? -10.379 6.036   5.362   1.00 32.18 ? 405  LEU A CA  1 
ATOM   1370 C  C   . LEU A 1 183 ? -11.316 6.611   4.315   1.00 35.03 ? 405  LEU A C   1 
ATOM   1371 O  O   . LEU A 1 183 ? -12.406 6.073   4.060   1.00 34.63 ? 405  LEU A O   1 
ATOM   1372 C  CB  . LEU A 1 183 ? -9.181  5.428   4.617   1.00 27.37 ? 405  LEU A CB  1 
ATOM   1373 C  CG  . LEU A 1 183 ? -8.182  4.582   5.383   1.00 21.89 ? 405  LEU A CG  1 
ATOM   1374 C  CD1 . LEU A 1 183 ? -6.965  4.273   4.468   1.00 28.37 ? 405  LEU A CD1 1 
ATOM   1375 C  CD2 . LEU A 1 183 ? -7.725  5.315   6.635   1.00 25.79 ? 405  LEU A CD2 1 
ATOM   1376 N  N   . ASP A 1 184 ? -10.888 7.720   3.713   1.00 31.94 ? 406  ASP A N   1 
ATOM   1377 C  CA  . ASP A 1 184 ? -11.625 8.336   2.623   1.00 30.80 ? 406  ASP A CA  1 
ATOM   1378 C  C   . ASP A 1 184 ? -11.125 7.434   1.503   1.00 33.20 ? 406  ASP A C   1 
ATOM   1379 O  O   . ASP A 1 184 ? -9.967  7.537   1.099   1.00 29.40 ? 406  ASP A O   1 
ATOM   1380 C  CB  . ASP A 1 184 ? -11.141 9.764   2.378   1.00 31.61 ? 406  ASP A CB  1 
ATOM   1381 C  CG  . ASP A 1 184 ? -11.922 10.463  1.291   1.00 29.02 ? 406  ASP A CG  1 
ATOM   1382 O  OD1 . ASP A 1 184 ? -12.185 9.852   0.241   1.00 29.39 ? 406  ASP A OD1 1 
ATOM   1383 O  OD2 . ASP A 1 184 ? -12.267 11.648  1.475   1.00 37.72 ? 406  ASP A OD2 1 
ATOM   1384 N  N   . VAL A 1 185 ? -11.969 6.525   1.031   1.00 31.80 ? 407  VAL A N   1 
ATOM   1385 C  CA  . VAL A 1 185 ? -11.530 5.588   0.003   1.00 29.17 ? 407  VAL A CA  1 
ATOM   1386 C  C   . VAL A 1 185 ? -11.245 6.191   -1.354  1.00 27.29 ? 407  VAL A C   1 
ATOM   1387 O  O   . VAL A 1 185 ? -10.270 5.820   -2.003  1.00 28.31 ? 407  VAL A O   1 
ATOM   1388 C  CB  . VAL A 1 185 ? -12.539 4.424   -0.161  1.00 32.34 ? 407  VAL A CB  1 
ATOM   1389 C  CG1 . VAL A 1 185 ? -12.014 3.404   -1.167  1.00 28.44 ? 407  VAL A CG1 1 
ATOM   1390 C  CG2 . VAL A 1 185 ? -12.769 3.771   1.166   1.00 28.20 ? 407  VAL A CG2 1 
ATOM   1391 N  N   . PRO A 1 186 ? -12.105 7.099   -1.832  1.00 27.84 ? 408  PRO A N   1 
ATOM   1392 C  CA  . PRO A 1 186 ? -11.807 7.676   -3.146  1.00 27.21 ? 408  PRO A CA  1 
ATOM   1393 C  C   . PRO A 1 186 ? -10.444 8.397   -3.089  1.00 28.29 ? 408  PRO A C   1 
ATOM   1394 O  O   . PRO A 1 186 ? -9.654  8.335   -4.023  1.00 27.92 ? 408  PRO A O   1 
ATOM   1395 C  CB  . PRO A 1 186 ? -12.964 8.635   -3.365  1.00 28.26 ? 408  PRO A CB  1 
ATOM   1396 C  CG  . PRO A 1 186 ? -14.109 7.926   -2.668  1.00 31.44 ? 408  PRO A CG  1 
ATOM   1397 C  CD  . PRO A 1 186 ? -13.462 7.476   -1.379  1.00 28.41 ? 408  PRO A CD  1 
ATOM   1398 N  N   . LYS A 1 187 ? -10.201 9.059   -1.967  1.00 24.85 ? 409  LYS A N   1 
ATOM   1399 C  CA  . LYS A 1 187 ? -8.960  9.790   -1.713  1.00 29.85 ? 409  LYS A CA  1 
ATOM   1400 C  C   . LYS A 1 187 ? -7.799  8.805   -1.654  1.00 27.96 ? 409  LYS A C   1 
ATOM   1401 O  O   . LYS A 1 187 ? -6.759  9.024   -2.269  1.00 28.06 ? 409  LYS A O   1 
ATOM   1402 C  CB  . LYS A 1 187 ? -9.087  10.549  -0.395  1.00 26.77 ? 409  LYS A CB  1 
ATOM   1403 C  CG  . LYS A 1 187 ? -7.897  11.409  -0.026  1.00 33.80 ? 409  LYS A CG  1 
ATOM   1404 C  CD  . LYS A 1 187 ? -8.224  12.212  1.240   1.00 41.33 ? 409  LYS A CD  1 
ATOM   1405 C  CE  . LYS A 1 187 ? -6.983  12.755  1.928   1.00 44.59 ? 409  LYS A CE  1 
ATOM   1406 N  NZ  . LYS A 1 187 ? -7.360  13.575  3.123   1.00 45.19 ? 409  LYS A NZ  1 
ATOM   1407 N  N   . PHE A 1 188 ? -7.986  7.716   -0.911  1.00 25.44 ? 410  PHE A N   1 
ATOM   1408 C  CA  . PHE A 1 188 ? -6.986  6.654   -0.790  1.00 23.39 ? 410  PHE A CA  1 
ATOM   1409 C  C   . PHE A 1 188 ? -6.641  6.047   -2.155  1.00 22.95 ? 410  PHE A C   1 
ATOM   1410 O  O   . PHE A 1 188 ? -5.484  5.734   -2.447  1.00 21.39 ? 410  PHE A O   1 
ATOM   1411 C  CB  . PHE A 1 188 ? -7.543  5.565   0.130   1.00 20.76 ? 410  PHE A CB  1 
ATOM   1412 C  CG  . PHE A 1 188 ? -6.732  4.291   0.165   1.00 22.56 ? 410  PHE A CG  1 
ATOM   1413 C  CD1 . PHE A 1 188 ? -5.699  4.137   1.074   1.00 23.15 ? 410  PHE A CD1 1 
ATOM   1414 C  CD2 . PHE A 1 188 ? -7.029  3.232   -0.687  1.00 29.45 ? 410  PHE A CD2 1 
ATOM   1415 C  CE1 . PHE A 1 188 ? -4.966  2.957   1.144   1.00 24.23 ? 410  PHE A CE1 1 
ATOM   1416 C  CE2 . PHE A 1 188 ? -6.294  2.026   -0.623  1.00 26.67 ? 410  PHE A CE2 1 
ATOM   1417 C  CZ  . PHE A 1 188 ? -5.268  1.895   0.289   1.00 32.00 ? 410  PHE A CZ  1 
ATOM   1418 N  N   . LEU A 1 189 ? -7.633  5.848   -3.009  1.00 25.00 ? 411  LEU A N   1 
ATOM   1419 C  CA  . LEU A 1 189 ? -7.319  5.272   -4.318  1.00 25.10 ? 411  LEU A CA  1 
ATOM   1420 C  C   . LEU A 1 189 ? -6.638  6.299   -5.218  1.00 26.52 ? 411  LEU A C   1 
ATOM   1421 O  O   . LEU A 1 189 ? -5.758  5.943   -6.019  1.00 28.12 ? 411  LEU A O   1 
ATOM   1422 C  CB  . LEU A 1 189 ? -8.587  4.732   -4.984  1.00 27.42 ? 411  LEU A CB  1 
ATOM   1423 C  CG  . LEU A 1 189 ? -9.176  3.539   -4.224  1.00 26.83 ? 411  LEU A CG  1 
ATOM   1424 C  CD1 . LEU A 1 189 ? -10.580 3.241   -4.755  1.00 29.56 ? 411  LEU A CD1 1 
ATOM   1425 C  CD2 . LEU A 1 189 ? -8.268  2.326   -4.374  1.00 28.91 ? 411  LEU A CD2 1 
ATOM   1426 N  N   . ILE A 1 190 ? -7.019  7.568   -5.098  1.00 25.48 ? 412  ILE A N   1 
ATOM   1427 C  CA  . ILE A 1 190 ? -6.377  8.588   -5.916  1.00 24.67 ? 412  ILE A CA  1 
ATOM   1428 C  C   . ILE A 1 190 ? -4.903  8.640   -5.509  1.00 25.01 ? 412  ILE A C   1 
ATOM   1429 O  O   . ILE A 1 190 ? -4.027  8.759   -6.369  1.00 27.55 ? 412  ILE A O   1 
ATOM   1430 C  CB  . ILE A 1 190 ? -7.011  9.992   -5.740  1.00 23.18 ? 412  ILE A CB  1 
ATOM   1431 C  CG1 . ILE A 1 190 ? -8.378  10.040  -6.435  1.00 31.03 ? 412  ILE A CG1 1 
ATOM   1432 C  CG2 . ILE A 1 190 ? -6.095  11.078  -6.358  1.00 29.07 ? 412  ILE A CG2 1 
ATOM   1433 C  CD1 . ILE A 1 190 ? -9.021  11.427  -6.484  1.00 34.72 ? 412  ILE A CD1 1 
ATOM   1434 N  N   . ALA A 1 191 ? -4.624  8.547   -4.210  1.00 24.31 ? 413  ALA A N   1 
ATOM   1435 C  CA  . ALA A 1 191 ? -3.228  8.583   -3.754  1.00 22.46 ? 413  ALA A CA  1 
ATOM   1436 C  C   . ALA A 1 191 ? -2.450  7.366   -4.222  1.00 22.12 ? 413  ALA A C   1 
ATOM   1437 O  O   . ALA A 1 191 ? -1.263  7.462   -4.517  1.00 23.89 ? 413  ALA A O   1 
ATOM   1438 C  CB  . ALA A 1 191 ? -3.142  8.682   -2.226  1.00 20.74 ? 413  ALA A CB  1 
ATOM   1439 N  N   . ALA A 1 192 ? -3.102  6.206   -4.281  1.00 22.41 ? 414  ALA A N   1 
ATOM   1440 C  CA  . ALA A 1 192 ? -2.404  5.015   -4.726  1.00 20.01 ? 414  ALA A CA  1 
ATOM   1441 C  C   . ALA A 1 192 ? -2.082  5.174   -6.214  1.00 19.63 ? 414  ALA A C   1 
ATOM   1442 O  O   . ALA A 1 192 ? -0.994  4.792   -6.663  1.00 19.16 ? 414  ALA A O   1 
ATOM   1443 C  CB  . ALA A 1 192 ? -3.256  3.753   -4.455  1.00 21.56 ? 414  ALA A CB  1 
ATOM   1444 N  N   . ALA A 1 193 ? -3.012  5.750   -6.982  1.00 20.41 ? 415  ALA A N   1 
ATOM   1445 C  CA  . ALA A 1 193 ? -2.773  5.966   -8.413  1.00 21.26 ? 415  ALA A CA  1 
ATOM   1446 C  C   . ALA A 1 193 ? -1.627  6.967   -8.600  1.00 21.94 ? 415  ALA A C   1 
ATOM   1447 O  O   . ALA A 1 193 ? -0.736  6.767   -9.431  1.00 22.07 ? 415  ALA A O   1 
ATOM   1448 C  CB  . ALA A 1 193 ? -4.052  6.500   -9.113  1.00 21.39 ? 415  ALA A CB  1 
ATOM   1449 N  N   . ALA A 1 194 ? -1.652  8.058   -7.837  1.00 21.99 ? 416  ALA A N   1 
ATOM   1450 C  CA  . ALA A 1 194 ? -0.587  9.065   -7.956  1.00 22.52 ? 416  ALA A CA  1 
ATOM   1451 C  C   . ALA A 1 194 ? 0.777   8.489   -7.570  1.00 22.61 ? 416  ALA A C   1 
ATOM   1452 O  O   . ALA A 1 194 ? 1.825   8.878   -8.112  1.00 19.38 ? 416  ALA A O   1 
ATOM   1453 C  CB  . ALA A 1 194 ? -0.918  10.279  -7.090  1.00 23.79 ? 416  ALA A CB  1 
ATOM   1454 N  N   . THR A 1 195 ? 0.776   7.563   -6.623  1.00 25.09 ? 417  THR A N   1 
ATOM   1455 C  CA  . THR A 1 195 ? 2.013   6.928   -6.219  1.00 19.79 ? 417  THR A CA  1 
ATOM   1456 C  C   . THR A 1 195 ? 2.587   6.159   -7.390  1.00 23.36 ? 417  THR A C   1 
ATOM   1457 O  O   . THR A 1 195 ? 3.762   6.329   -7.741  1.00 22.16 ? 417  THR A O   1 
ATOM   1458 C  CB  . THR A 1 195 ? 1.787   5.972   -5.028  1.00 18.91 ? 417  THR A CB  1 
ATOM   1459 O  OG1 . THR A 1 195 ? 1.366   6.747   -3.904  1.00 19.12 ? 417  THR A OG1 1 
ATOM   1460 C  CG2 . THR A 1 195 ? 3.064   5.205   -4.680  1.00 20.01 ? 417  THR A CG2 1 
ATOM   1461 N  N   . VAL A 1 196 ? 1.775   5.319   -8.023  1.00 20.54 ? 418  VAL A N   1 
ATOM   1462 C  CA  . VAL A 1 196 ? 2.281   4.553   -9.157  1.00 19.73 ? 418  VAL A CA  1 
ATOM   1463 C  C   . VAL A 1 196 ? 2.741   5.472   -10.288 1.00 22.35 ? 418  VAL A C   1 
ATOM   1464 O  O   . VAL A 1 196 ? 3.780   5.229   -10.933 1.00 24.29 ? 418  VAL A O   1 
ATOM   1465 C  CB  . VAL A 1 196 ? 1.211   3.568   -9.690  1.00 19.24 ? 418  VAL A CB  1 
ATOM   1466 C  CG1 . VAL A 1 196 ? 1.663   2.943   -11.030 1.00 18.01 ? 418  VAL A CG1 1 
ATOM   1467 C  CG2 . VAL A 1 196 ? 0.989   2.471   -8.653  1.00 21.38 ? 418  VAL A CG2 1 
ATOM   1468 N  N   . GLU A 1 197 ? 1.972   6.522   -10.519 1.00 25.34 ? 419  GLU A N   1 
ATOM   1469 C  CA  . GLU A 1 197 ? 2.284   7.476   -11.564 1.00 24.85 ? 419  GLU A CA  1 
ATOM   1470 C  C   . GLU A 1 197 ? 3.633   8.129   -11.267 1.00 28.40 ? 419  GLU A C   1 
ATOM   1471 O  O   . GLU A 1 197 ? 4.532   8.116   -12.105 1.00 27.75 ? 419  GLU A O   1 
ATOM   1472 C  CB  . GLU A 1 197 ? 1.205   8.549   -11.615 1.00 26.34 ? 419  GLU A CB  1 
ATOM   1473 C  CG  . GLU A 1 197 ? -0.061  8.158   -12.315 1.00 25.07 ? 419  GLU A CG  1 
ATOM   1474 C  CD  . GLU A 1 197 ? -1.214  9.043   -11.891 1.00 29.65 ? 419  GLU A CD  1 
ATOM   1475 O  OE1 . GLU A 1 197 ? -0.967  10.149  -11.346 1.00 27.17 ? 419  GLU A OE1 1 
ATOM   1476 O  OE2 . GLU A 1 197 ? -2.373  8.637   -12.098 1.00 27.61 ? 419  GLU A OE2 1 
ATOM   1477 N  N   . MET A 1 198 ? 3.780   8.670   -10.065 1.00 27.22 ? 420  MET A N   1 
ATOM   1478 C  CA  . MET A 1 198 ? 5.020   9.352   -9.710  1.00 26.35 ? 420  MET A CA  1 
ATOM   1479 C  C   . MET A 1 198 ? 6.235   8.454   -9.605  1.00 28.79 ? 420  MET A C   1 
ATOM   1480 O  O   . MET A 1 198 ? 7.359   8.949   -9.658  1.00 32.08 ? 420  MET A O   1 
ATOM   1481 C  CB  . MET A 1 198 ? 4.829   10.184  -8.426  1.00 22.14 ? 420  MET A CB  1 
ATOM   1482 C  CG  . MET A 1 198 ? 3.831   11.312  -8.655  1.00 26.29 ? 420  MET A CG  1 
ATOM   1483 S  SD  . MET A 1 198 ? 3.723   12.521  -7.333  1.00 26.83 ? 420  MET A SD  1 
ATOM   1484 C  CE  . MET A 1 198 ? 3.048   11.504  -6.002  1.00 24.08 ? 420  MET A CE  1 
ATOM   1485 N  N   . LEU A 1 199 ? 6.036   7.145   -9.449  1.00 24.87 ? 421  LEU A N   1 
ATOM   1486 C  CA  . LEU A 1 199 ? 7.175   6.231   -9.405  1.00 24.70 ? 421  LEU A CA  1 
ATOM   1487 C  C   . LEU A 1 199 ? 7.502   5.738   -10.809 1.00 26.47 ? 421  LEU A C   1 
ATOM   1488 O  O   . LEU A 1 199 ? 8.403   4.927   -10.978 1.00 30.85 ? 421  LEU A O   1 
ATOM   1489 C  CB  . LEU A 1 199 ? 6.907   5.017   -8.505  1.00 25.86 ? 421  LEU A CB  1 
ATOM   1490 C  CG  . LEU A 1 199 ? 6.786   5.332   -7.012  1.00 25.11 ? 421  LEU A CG  1 
ATOM   1491 C  CD1 . LEU A 1 199 ? 6.577   4.050   -6.236  1.00 30.99 ? 421  LEU A CD1 1 
ATOM   1492 C  CD2 . LEU A 1 199 ? 8.038   6.051   -6.536  1.00 28.73 ? 421  LEU A CD2 1 
ATOM   1493 N  N   . GLY A 1 200 ? 6.757   6.221   -11.801 1.00 26.59 ? 422  GLY A N   1 
ATOM   1494 C  CA  . GLY A 1 200 ? 7.009   5.812   -13.175 1.00 27.19 ? 422  GLY A CA  1 
ATOM   1495 C  C   . GLY A 1 200 ? 6.552   4.395   -13.424 1.00 32.09 ? 422  GLY A C   1 
ATOM   1496 O  O   . GLY A 1 200 ? 7.117   3.695   -14.271 1.00 32.11 ? 422  GLY A O   1 
ATOM   1497 N  N   . GLY A 1 201 ? 5.536   3.965   -12.671 1.00 30.64 ? 423  GLY A N   1 
ATOM   1498 C  CA  . GLY A 1 201 ? 5.021   2.603   -12.815 1.00 27.70 ? 423  GLY A CA  1 
ATOM   1499 C  C   . GLY A 1 201 ? 3.972   2.618   -13.895 1.00 22.14 ? 423  GLY A C   1 
ATOM   1500 O  O   . GLY A 1 201 ? 3.614   3.700   -14.361 1.00 23.35 ? 423  GLY A O   1 
ATOM   1501 N  N   . PRO A 1 202 ? 3.419   1.461   -14.274 1.00 23.37 ? 424  PRO A N   1 
ATOM   1502 C  CA  . PRO A 1 202 ? 2.399   1.321   -15.320 1.00 26.33 ? 424  PRO A CA  1 
ATOM   1503 C  C   . PRO A 1 202 ? 1.019   1.817   -14.931 1.00 26.53 ? 424  PRO A C   1 
ATOM   1504 O  O   . PRO A 1 202 ? 0.473   1.388   -13.926 1.00 21.97 ? 424  PRO A O   1 
ATOM   1505 C  CB  . PRO A 1 202 ? 2.407   -0.180  -15.602 1.00 24.60 ? 424  PRO A CB  1 
ATOM   1506 C  CG  . PRO A 1 202 ? 2.658   -0.769  -14.242 1.00 31.29 ? 424  PRO A CG  1 
ATOM   1507 C  CD  . PRO A 1 202 ? 3.641   0.188   -13.562 1.00 22.80 ? 424  PRO A CD  1 
ATOM   1508 N  N   . LYS A 1 203 ? 0.446   2.709   -15.732 1.00 25.60 ? 425  LYS A N   1 
ATOM   1509 C  CA  . LYS A 1 203 ? -0.886  3.210   -15.421 1.00 27.10 ? 425  LYS A CA  1 
ATOM   1510 C  C   . LYS A 1 203 ? -1.908  2.254   -16.049 1.00 25.30 ? 425  LYS A C   1 
ATOM   1511 O  O   . LYS A 1 203 ? -2.693  2.630   -16.904 1.00 27.17 ? 425  LYS A O   1 
ATOM   1512 C  CB  . LYS A 1 203 ? -1.041  4.634   -15.940 1.00 25.80 ? 425  LYS A CB  1 
ATOM   1513 C  CG  . LYS A 1 203 ? -0.163  5.656   -15.171 1.00 24.91 ? 425  LYS A CG  1 
ATOM   1514 C  CD  . LYS A 1 203 ? -0.165  7.033   -15.850 1.00 28.62 ? 425  LYS A CD  1 
ATOM   1515 C  CE  . LYS A 1 203 ? -1.572  7.616   -15.958 1.00 27.19 ? 425  LYS A CE  1 
ATOM   1516 N  NZ  . LYS A 1 203 ? -1.583  8.995   -16.532 1.00 35.04 ? 425  LYS A NZ  1 
ATOM   1517 N  N   . ASN A 1 204 ? -1.873  1.013   -15.580 1.00 27.46 ? 426  ASN A N   1 
ATOM   1518 C  CA  . ASN A 1 204 ? -2.738  -0.055  -16.080 1.00 25.62 ? 426  ASN A CA  1 
ATOM   1519 C  C   . ASN A 1 204 ? -3.253  -0.815  -14.859 1.00 20.72 ? 426  ASN A C   1 
ATOM   1520 O  O   . ASN A 1 204 ? -2.497  -1.460  -14.138 1.00 26.97 ? 426  ASN A O   1 
ATOM   1521 C  CB  . ASN A 1 204 ? -1.919  -0.985  -16.976 1.00 31.33 ? 426  ASN A CB  1 
ATOM   1522 C  CG  . ASN A 1 204 ? -2.784  -1.945  -17.761 1.00 38.58 ? 426  ASN A CG  1 
ATOM   1523 O  OD1 . ASN A 1 204 ? -3.782  -2.439  -17.256 1.00 39.62 ? 426  ASN A OD1 1 
ATOM   1524 N  ND2 . ASN A 1 204 ? -2.397  -2.217  -19.003 1.00 37.42 ? 426  ASN A ND2 1 
ATOM   1525 N  N   . ALA A 1 205 ? -4.552  -0.727  -14.622 1.00 23.52 ? 427  ALA A N   1 
ATOM   1526 C  CA  . ALA A 1 205 ? -5.132  -1.369  -13.458 1.00 21.56 ? 427  ALA A CA  1 
ATOM   1527 C  C   . ALA A 1 205 ? -6.134  -2.478  -13.779 1.00 24.71 ? 427  ALA A C   1 
ATOM   1528 O  O   . ALA A 1 205 ? -6.871  -2.399  -14.757 1.00 23.00 ? 427  ALA A O   1 
ATOM   1529 C  CB  . ALA A 1 205 ? -5.820  -0.315  -12.614 1.00 21.64 ? 427  ALA A CB  1 
ATOM   1530 N  N   . LYS A 1 206 ? -6.142  -3.510  -12.947 1.00 22.02 ? 428  LYS A N   1 
ATOM   1531 C  CA  . LYS A 1 206 ? -7.110  -4.584  -13.103 1.00 25.26 ? 428  LYS A CA  1 
ATOM   1532 C  C   . LYS A 1 206 ? -7.837  -4.582  -11.774 1.00 21.42 ? 428  LYS A C   1 
ATOM   1533 O  O   . LYS A 1 206 ? -7.224  -4.738  -10.723 1.00 22.22 ? 428  LYS A O   1 
ATOM   1534 C  CB  . LYS A 1 206 ? -6.409  -5.906  -13.385 1.00 24.32 ? 428  LYS A CB  1 
ATOM   1535 C  CG  . LYS A 1 206 ? -5.942  -5.970  -14.849 1.00 33.99 ? 428  LYS A CG  1 
ATOM   1536 C  CD  . LYS A 1 206 ? -5.261  -7.278  -15.164 1.00 42.74 ? 428  LYS A CD  1 
ATOM   1537 C  CE  . LYS A 1 206 ? -5.071  -7.459  -16.673 1.00 48.55 ? 428  LYS A CE  1 
ATOM   1538 N  NZ  . LYS A 1 206 ? -4.588  -8.838  -17.022 1.00 46.98 ? 428  LYS A NZ  1 
ATOM   1539 N  N   . ILE A 1 207 ? -9.145  -4.363  -11.831 1.00 21.96 ? 429  ILE A N   1 
ATOM   1540 C  CA  . ILE A 1 207 ? -9.961  -4.265  -10.625 1.00 20.75 ? 429  ILE A CA  1 
ATOM   1541 C  C   . ILE A 1 207 ? -10.645 -5.593  -10.341 1.00 19.40 ? 429  ILE A C   1 
ATOM   1542 O  O   . ILE A 1 207 ? -11.510 -6.007  -11.101 1.00 25.30 ? 429  ILE A O   1 
ATOM   1543 C  CB  . ILE A 1 207 ? -11.006 -3.141  -10.806 1.00 23.72 ? 429  ILE A CB  1 
ATOM   1544 C  CG1 . ILE A 1 207 ? -10.273 -1.810  -11.006 1.00 24.96 ? 429  ILE A CG1 1 
ATOM   1545 C  CG2 . ILE A 1 207 ? -11.905 -3.063  -9.601  1.00 20.65 ? 429  ILE A CG2 1 
ATOM   1546 C  CD1 . ILE A 1 207 ? -11.078 -0.750  -11.733 1.00 19.46 ? 429  ILE A CD1 1 
ATOM   1547 N  N   . VAL A 1 208 ? -10.254 -6.245  -9.248  1.00 23.80 ? 430  VAL A N   1 
ATOM   1548 C  CA  . VAL A 1 208 ? -10.790 -7.560  -8.929  1.00 22.42 ? 430  VAL A CA  1 
ATOM   1549 C  C   . VAL A 1 208 ? -12.068 -7.481  -8.121  1.00 25.78 ? 430  VAL A C   1 
ATOM   1550 O  O   . VAL A 1 208 ? -12.081 -6.970  -7.003  1.00 20.40 ? 430  VAL A O   1 
ATOM   1551 C  CB  . VAL A 1 208 ? -9.755  -8.386  -8.189  1.00 22.24 ? 430  VAL A CB  1 
ATOM   1552 C  CG1 . VAL A 1 208 ? -10.185 -9.835  -8.156  1.00 22.26 ? 430  VAL A CG1 1 
ATOM   1553 C  CG2 . VAL A 1 208 ? -8.396  -8.225  -8.867  1.00 29.09 ? 430  VAL A CG2 1 
ATOM   1554 N  N   . VAL A 1 209 ? -13.143 -8.037  -8.681  1.00 29.93 ? 431  VAL A N   1 
ATOM   1555 C  CA  . VAL A 1 209 ? -14.443 -7.946  -8.031  1.00 33.00 ? 431  VAL A CA  1 
ATOM   1556 C  C   . VAL A 1 209 ? -15.045 -9.288  -7.604  1.00 35.45 ? 431  VAL A C   1 
ATOM   1557 O  O   . VAL A 1 209 ? -14.791 -10.330 -8.215  1.00 29.57 ? 431  VAL A O   1 
ATOM   1558 C  CB  . VAL A 1 209 ? -15.428 -7.183  -8.961  1.00 30.83 ? 431  VAL A CB  1 
ATOM   1559 C  CG1 . VAL A 1 209 ? -15.961 -8.099  -10.072 1.00 30.62 ? 431  VAL A CG1 1 
ATOM   1560 C  CG2 . VAL A 1 209 ? -16.545 -6.595  -8.158  1.00 43.21 ? 431  VAL A CG2 1 
ATOM   1561 N  N   . PRO A 1 210 ? -15.831 -9.273  -6.520  1.00 40.05 ? 432  PRO A N   1 
ATOM   1562 C  CA  . PRO A 1 210 ? -16.473 -10.481 -5.997  1.00 40.36 ? 432  PRO A CA  1 
ATOM   1563 C  C   . PRO A 1 210 ? -17.576 -11.055 -6.888  1.00 41.00 ? 432  PRO A C   1 
ATOM   1564 O  O   . PRO A 1 210 ? -17.979 -10.386 -7.869  1.00 36.68 ? 432  PRO A O   1 
ATOM   1565 C  CB  . PRO A 1 210 ? -17.000 -10.021 -4.634  1.00 40.31 ? 432  PRO A CB  1 
ATOM   1566 C  CG  . PRO A 1 210 ? -17.253 -8.547  -4.845  1.00 41.57 ? 432  PRO A CG  1 
ATOM   1567 C  CD  . PRO A 1 210 ? -16.012 -8.143  -5.587  1.00 39.64 ? 432  PRO A CD  1 
ATOM   1568 O  OXT . PRO A 1 210 ? -18.032 -12.179 -6.578  1.00 41.57 ? 432  PRO A OXT 1 
HETATM 1569 ZN ZN  . ZN  B 2 .   ? 6.839   0.910   -0.364  1.00 21.29 ? 1001 ZN  A ZN  1 
HETATM 1570 O  O   . HOH C 3 .   ? 5.469   2.289   -3.088  1.00 19.89 ? 1002 HOH A O   1 
HETATM 1571 O  O   . HOH C 3 .   ? 7.907   0.745   -2.364  1.00 17.64 ? 1003 HOH A O   1 
HETATM 1572 O  O   . HOH C 3 .   ? 4.870   -8.575  -7.391  1.00 18.17 ? 1004 HOH A O   1 
HETATM 1573 O  O   . HOH C 3 .   ? 4.294   15.019  0.066   1.00 18.24 ? 1005 HOH A O   1 
HETATM 1574 O  O   . HOH C 3 .   ? 2.511   -6.038  -2.196  1.00 22.21 ? 1006 HOH A O   1 
HETATM 1575 O  O   . HOH C 3 .   ? -2.854  7.325   1.526   1.00 18.62 ? 1007 HOH A O   1 
HETATM 1576 O  O   . HOH C 3 .   ? -0.873  -13.897 -5.092  1.00 22.02 ? 1008 HOH A O   1 
HETATM 1577 O  O   . HOH C 3 .   ? -3.007  5.434   -0.671  1.00 19.91 ? 1009 HOH A O   1 
HETATM 1578 O  O   . HOH C 3 .   ? -4.990  8.877   0.832   1.00 20.79 ? 1010 HOH A O   1 
HETATM 1579 O  O   . HOH C 3 .   ? 4.997   -10.407 1.249   1.00 20.27 ? 1011 HOH A O   1 
HETATM 1580 O  O   . HOH C 3 .   ? -5.301  11.515  -2.699  1.00 20.87 ? 1012 HOH A O   1 
HETATM 1581 O  O   . HOH C 3 .   ? 13.806  10.387  5.064   1.00 27.10 ? 1013 HOH A O   1 
HETATM 1582 O  O   . HOH C 3 .   ? 1.555   -9.785  4.412   1.00 25.13 ? 1014 HOH A O   1 
HETATM 1583 O  O   . HOH C 3 .   ? 2.930   16.917  1.429   1.00 25.56 ? 1015 HOH A O   1 
HETATM 1584 O  O   . HOH C 3 .   ? 7.806   -9.306  -0.803  1.00 25.58 ? 1016 HOH A O   1 
HETATM 1585 O  O   . HOH C 3 .   ? 6.674   1.586   4.049   1.00 25.98 ? 1017 HOH A O   1 
HETATM 1586 O  O   . HOH C 3 .   ? 2.386   -10.723 1.778   1.00 28.14 ? 1018 HOH A O   1 
HETATM 1587 O  O   . HOH C 3 .   ? 0.844   -10.313 -12.176 1.00 30.54 ? 1019 HOH A O   1 
HETATM 1588 O  O   . HOH C 3 .   ? 15.340  2.008   -3.734  1.00 31.08 ? 1020 HOH A O   1 
HETATM 1589 O  O   . HOH C 3 .   ? -13.034 -9.421  -17.296 1.00 27.19 ? 1021 HOH A O   1 
HETATM 1590 O  O   . HOH C 3 .   ? 11.242  1.849   -3.994  1.00 25.34 ? 1022 HOH A O   1 
HETATM 1591 O  O   . HOH C 3 .   ? 5.885   -3.087  4.376   1.00 29.94 ? 1023 HOH A O   1 
HETATM 1592 O  O   . HOH C 3 .   ? 16.749  -8.202  5.043   1.00 28.97 ? 1024 HOH A O   1 
HETATM 1593 O  O   . HOH C 3 .   ? 9.669   -12.443 -0.946  1.00 34.58 ? 1025 HOH A O   1 
HETATM 1594 O  O   . HOH C 3 .   ? -5.077  15.681  2.893   1.00 36.63 ? 1026 HOH A O   1 
HETATM 1595 O  O   . HOH C 3 .   ? 10.191  -8.573  7.598   1.00 31.63 ? 1027 HOH A O   1 
HETATM 1596 O  O   . HOH C 3 .   ? 2.770   -9.000  -13.645 1.00 30.41 ? 1028 HOH A O   1 
HETATM 1597 O  O   . HOH C 3 .   ? -7.754  -11.532 -14.586 1.00 33.84 ? 1029 HOH A O   1 
HETATM 1598 O  O   . HOH C 3 .   ? -11.108 -14.420 3.475   1.00 34.77 ? 1030 HOH A O   1 
HETATM 1599 O  O   . HOH C 3 .   ? -3.046  -9.277  8.313   1.00 27.24 ? 1031 HOH A O   1 
HETATM 1600 O  O   . HOH C 3 .   ? 17.870  4.801   5.716   1.00 32.71 ? 1032 HOH A O   1 
HETATM 1601 O  O   . HOH C 3 .   ? 12.453  -8.498  -5.806  1.00 29.07 ? 1033 HOH A O   1 
HETATM 1602 O  O   . HOH C 3 .   ? 11.191  -5.813  12.575  1.00 31.39 ? 1034 HOH A O   1 
HETATM 1603 O  O   . HOH C 3 .   ? -12.277 -11.349 -15.695 1.00 25.85 ? 1035 HOH A O   1 
HETATM 1604 O  O   . HOH C 3 .   ? 6.428   -6.422  -1.722  1.00 35.47 ? 1036 HOH A O   1 
HETATM 1605 O  O   . HOH C 3 .   ? -15.468 -6.712  -17.425 1.00 33.43 ? 1037 HOH A O   1 
HETATM 1606 O  O   . HOH C 3 .   ? -13.901 -15.309 -15.228 1.00 28.96 ? 1038 HOH A O   1 
HETATM 1607 O  O   . HOH C 3 .   ? 12.410  -8.146  -11.468 1.00 39.07 ? 1039 HOH A O   1 
HETATM 1608 O  O   . HOH C 3 .   ? 15.393  -8.601  1.632   1.00 29.11 ? 1040 HOH A O   1 
HETATM 1609 O  O   . HOH C 3 .   ? -18.819 9.406   -8.773  1.00 33.41 ? 1041 HOH A O   1 
HETATM 1610 O  O   . HOH C 3 .   ? -15.728 -8.101  -1.156  1.00 40.41 ? 1042 HOH A O   1 
HETATM 1611 O  O   . HOH C 3 .   ? 16.318  14.255  9.083   1.00 41.26 ? 1043 HOH A O   1 
HETATM 1612 O  O   . HOH C 3 .   ? 11.067  14.668  7.328   1.00 35.59 ? 1044 HOH A O   1 
HETATM 1613 O  O   . HOH C 3 .   ? 8.550   -8.688  -13.169 1.00 31.75 ? 1045 HOH A O   1 
HETATM 1614 O  O   . HOH C 3 .   ? -2.141  -2.866  19.882  1.00 32.79 ? 1046 HOH A O   1 
HETATM 1615 O  O   . HOH C 3 .   ? 20.502  -2.778  3.403   1.00 34.45 ? 1047 HOH A O   1 
HETATM 1616 O  O   . HOH C 3 .   ? 10.620  12.592  -5.001  1.00 40.85 ? 1048 HOH A O   1 
HETATM 1617 O  O   . HOH C 3 .   ? 13.871  -15.198 -8.756  1.00 34.15 ? 1049 HOH A O   1 
HETATM 1618 O  O   . HOH C 3 .   ? -16.479 2.442   -15.576 1.00 35.73 ? 1050 HOH A O   1 
HETATM 1619 O  O   . HOH C 3 .   ? -12.658 13.568  -0.436  1.00 34.01 ? 1051 HOH A O   1 
HETATM 1620 O  O   . HOH C 3 .   ? 8.993   16.275  4.829   1.00 39.11 ? 1052 HOH A O   1 
HETATM 1621 O  O   . HOH C 3 .   ? 4.786   -13.836 -2.312  1.00 29.51 ? 1053 HOH A O   1 
HETATM 1622 O  O   . HOH C 3 .   ? 1.020   7.532   20.497  1.00 36.92 ? 1054 HOH A O   1 
HETATM 1623 O  O   . HOH C 3 .   ? -7.920  -9.986  10.656  1.00 34.26 ? 1055 HOH A O   1 
HETATM 1624 O  O   . HOH C 3 .   ? -13.727 -3.576  -17.596 1.00 36.98 ? 1056 HOH A O   1 
HETATM 1625 O  O   . HOH C 3 .   ? -3.085  8.863   15.000  1.00 35.02 ? 1057 HOH A O   1 
HETATM 1626 O  O   . HOH C 3 .   ? 9.965   4.338   7.288   1.00 27.91 ? 1058 HOH A O   1 
HETATM 1627 O  O   . HOH C 3 .   ? -15.603 7.833   -10.455 1.00 31.10 ? 1059 HOH A O   1 
HETATM 1628 O  O   . HOH C 3 .   ? 1.631   -14.434 -9.228  1.00 33.07 ? 1060 HOH A O   1 
HETATM 1629 O  O   . HOH C 3 .   ? 6.267   -2.888  21.522  1.00 42.03 ? 1061 HOH A O   1 
HETATM 1630 O  O   . HOH C 3 .   ? -1.784  2.472   -19.293 1.00 41.76 ? 1062 HOH A O   1 
HETATM 1631 O  O   . HOH C 3 .   ? 11.300  7.875   16.168  1.00 31.87 ? 1063 HOH A O   1 
HETATM 1632 O  O   . HOH C 3 .   ? -4.437  14.028  4.351   1.00 38.67 ? 1064 HOH A O   1 
HETATM 1633 O  O   . HOH C 3 .   ? 7.820   -10.188 8.345   1.00 26.63 ? 1065 HOH A O   1 
HETATM 1634 O  O   . HOH C 3 .   ? -0.360  14.467  13.245  1.00 34.93 ? 1066 HOH A O   1 
HETATM 1635 O  O   . HOH C 3 .   ? -14.892 -11.776 -0.716  1.00 48.49 ? 1067 HOH A O   1 
HETATM 1636 O  O   . HOH C 3 .   ? 3.051   -16.042 7.223   1.00 36.41 ? 1068 HOH A O   1 
HETATM 1637 O  O   . HOH C 3 .   ? -0.063  10.490  -15.147 1.00 38.91 ? 1069 HOH A O   1 
HETATM 1638 O  O   . HOH C 3 .   ? -2.367  11.697  -14.640 1.00 42.73 ? 1070 HOH A O   1 
HETATM 1639 O  O   . HOH C 3 .   ? -14.848 6.789   1.687   1.00 35.55 ? 1071 HOH A O   1 
HETATM 1640 O  O   . HOH C 3 .   ? -7.795  12.474  -9.700  1.00 32.22 ? 1072 HOH A O   1 
HETATM 1641 O  O   . HOH C 3 .   ? 13.115  -9.145  -8.233  1.00 33.00 ? 1073 HOH A O   1 
HETATM 1642 O  O   . HOH C 3 .   ? 14.168  -0.583  -9.411  1.00 30.08 ? 1074 HOH A O   1 
HETATM 1643 O  O   . HOH C 3 .   ? -11.039 8.179   -6.455  1.00 35.87 ? 1075 HOH A O   1 
HETATM 1644 O  O   . HOH C 3 .   ? 4.591   15.950  -7.140  1.00 34.94 ? 1076 HOH A O   1 
HETATM 1645 O  O   . HOH C 3 .   ? -7.360  14.069  -14.163 1.00 47.17 ? 1077 HOH A O   1 
HETATM 1646 O  O   . HOH C 3 .   ? -1.597  -11.771 -12.831 1.00 45.26 ? 1078 HOH A O   1 
HETATM 1647 O  O   . HOH C 3 .   ? 7.796   -13.087 -4.760  1.00 29.26 ? 1079 HOH A O   1 
HETATM 1648 O  O   . HOH C 3 .   ? -5.142  8.115   13.368  1.00 32.63 ? 1080 HOH A O   1 
HETATM 1649 O  O   . HOH C 3 .   ? 14.198  -7.389  15.047  1.00 52.96 ? 1081 HOH A O   1 
HETATM 1650 O  O   . HOH C 3 .   ? -5.103  -19.181 -3.969  1.00 36.73 ? 1082 HOH A O   1 
HETATM 1651 O  O   . HOH C 3 .   ? -7.326  -16.529 -15.685 1.00 45.31 ? 1083 HOH A O   1 
HETATM 1652 O  O   . HOH C 3 .   ? 3.253   18.583  8.581   1.00 41.11 ? 1084 HOH A O   1 
HETATM 1653 O  O   . HOH C 3 .   ? 0.977   10.736  24.478  1.00 48.35 ? 1085 HOH A O   1 
HETATM 1654 O  O   . HOH C 3 .   ? 1.586   18.511  10.313  1.00 47.67 ? 1086 HOH A O   1 
HETATM 1655 O  O   . HOH C 3 .   ? 4.467   -15.595 -14.672 1.00 46.52 ? 1087 HOH A O   1 
HETATM 1656 O  O   . HOH C 3 .   ? -1.730  -18.777 -3.895  1.00 42.70 ? 1088 HOH A O   1 
HETATM 1657 O  O   . HOH C 3 .   ? 6.572   13.998  15.217  1.00 44.30 ? 1089 HOH A O   1 
HETATM 1658 O  O   . HOH C 3 .   ? 10.786  6.003   18.603  1.00 45.61 ? 1090 HOH A O   1 
HETATM 1659 O  O   . HOH C 3 .   ? -13.670 -13.192 -17.255 1.00 25.97 ? 1091 HOH A O   1 
HETATM 1660 O  O   . HOH C 3 .   ? -16.375 8.769   0.004   1.00 33.94 ? 1092 HOH A O   1 
HETATM 1661 O  O   . HOH C 3 .   ? -9.631  -11.610 -16.734 1.00 31.83 ? 1093 HOH A O   1 
HETATM 1662 O  O   . HOH C 3 .   ? 0.167   20.678  0.816   1.00 40.98 ? 1094 HOH A O   1 
HETATM 1663 O  O   . HOH C 3 .   ? -12.581 10.260  -6.868  1.00 35.47 ? 1095 HOH A O   1 
HETATM 1664 O  O   . HOH C 3 .   ? -11.027 12.551  -2.912  1.00 33.02 ? 1096 HOH A O   1 
HETATM 1665 O  O   . HOH C 3 .   ? 6.377   -16.557 -11.916 1.00 40.68 ? 1097 HOH A O   1 
HETATM 1666 O  O   . HOH C 3 .   ? 7.157   1.100   -4.670  1.00 39.78 ? 1098 HOH A O   1 
HETATM 1667 O  O   . HOH C 3 .   ? -11.931 -17.425 -14.885 1.00 38.47 ? 1099 HOH A O   1 
HETATM 1668 O  O   . HOH C 3 .   ? -9.138  -9.327  7.199   1.00 43.40 ? 1100 HOH A O   1 
HETATM 1669 O  O   . HOH C 3 .   ? -3.201  -17.381 3.901   1.00 47.89 ? 1101 HOH A O   1 
HETATM 1670 O  O   . HOH C 3 .   ? -6.334  -2.649  -17.572 1.00 32.42 ? 1102 HOH A O   1 
HETATM 1671 O  O   . HOH C 3 .   ? -6.485  13.727  -3.434  1.00 32.99 ? 1103 HOH A O   1 
HETATM 1672 O  O   . HOH C 3 .   ? 15.113  -11.889 1.519   1.00 40.38 ? 1104 HOH A O   1 
HETATM 1673 O  O   . HOH C 3 .   ? -2.990  11.333  15.691  1.00 42.06 ? 1105 HOH A O   1 
HETATM 1674 O  O   . HOH C 3 .   ? -18.397 4.401   -15.114 1.00 42.88 ? 1106 HOH A O   1 
HETATM 1675 O  O   . HOH C 3 .   ? -10.061 7.327   9.017   1.00 35.92 ? 1107 HOH A O   1 
HETATM 1676 O  O   . HOH C 3 .   ? 1.634   -2.758  17.839  1.00 39.69 ? 1108 HOH A O   1 
HETATM 1677 O  O   . HOH C 3 .   ? -4.536  3.348   18.877  1.00 37.39 ? 1109 HOH A O   1 
HETATM 1678 O  O   . HOH C 3 .   ? -21.597 2.677   -9.701  1.00 37.04 ? 1110 HOH A O   1 
HETATM 1679 O  O   . HOH C 3 .   ? 0.920   -8.989  -15.850 1.00 38.07 ? 1111 HOH A O   1 
HETATM 1680 O  O   . HOH C 3 .   ? -5.121  5.540   15.548  1.00 47.11 ? 1112 HOH A O   1 
HETATM 1681 O  O   . HOH C 3 .   ? 16.352  8.531   7.110   1.00 36.05 ? 1113 HOH A O   1 
HETATM 1682 O  O   . HOH C 3 .   ? -10.014 11.133  -12.113 1.00 41.04 ? 1114 HOH A O   1 
HETATM 1683 O  O   . HOH C 3 .   ? -0.417  5.505   -19.535 1.00 41.32 ? 1115 HOH A O   1 
HETATM 1684 O  O   . HOH C 3 .   ? -9.386  1.558   -19.931 1.00 37.36 ? 1116 HOH A O   1 
HETATM 1685 O  O   . HOH C 3 .   ? 2.414   -12.421 -11.385 1.00 39.31 ? 1117 HOH A O   1 
HETATM 1686 O  O   . HOH C 3 .   ? -1.727  14.190  -9.565  1.00 44.89 ? 1118 HOH A O   1 
HETATM 1687 O  O   . HOH C 3 .   ? -16.226 -12.083 -10.070 1.00 34.53 ? 1119 HOH A O   1 
HETATM 1688 O  O   . HOH C 3 .   ? 0.869   -16.321 1.069   1.00 39.77 ? 1120 HOH A O   1 
HETATM 1689 O  O   . HOH C 3 .   ? 4.892   13.099  18.002  1.00 31.95 ? 1121 HOH A O   1 
HETATM 1690 O  O   . HOH C 3 .   ? -6.907  10.625  13.215  1.00 44.79 ? 1122 HOH A O   1 
HETATM 1691 O  O   . HOH C 3 .   ? 12.744  -13.450 -1.733  1.00 50.63 ? 1123 HOH A O   1 
HETATM 1692 O  O   . HOH C 3 .   ? 13.809  -4.844  12.431  1.00 44.47 ? 1124 HOH A O   1 
HETATM 1693 O  O   . HOH C 3 .   ? -20.536 3.343   -3.499  1.00 52.71 ? 1125 HOH A O   1 
HETATM 1694 O  O   . HOH C 3 .   ? 15.231  5.367   -3.100  1.00 42.80 ? 1126 HOH A O   1 
HETATM 1695 O  O   . HOH C 3 .   ? -9.170  9.552   6.910   1.00 45.93 ? 1127 HOH A O   1 
HETATM 1696 O  O   . HOH C 3 .   ? 10.292  3.681   4.644   1.00 19.84 ? 1128 HOH A O   1 
# 
